data_6HWG
# 
_entry.id   6HWG 
# 
_audit_conform.dict_name       mmcif_pdbx.dic 
_audit_conform.dict_version    5.392 
_audit_conform.dict_location   http://mmcif.pdb.org/dictionaries/ascii/mmcif_pdbx.dic 
# 
loop_
_database_2.database_id 
_database_2.database_code 
_database_2.pdbx_database_accession 
_database_2.pdbx_DOI 
PDB   6HWG         pdb_00006hwg 10.2210/pdb6hwg/pdb 
WWPDB D_1200012394 ?            ?                   
# 
loop_
_pdbx_audit_revision_history.ordinal 
_pdbx_audit_revision_history.data_content_type 
_pdbx_audit_revision_history.major_revision 
_pdbx_audit_revision_history.minor_revision 
_pdbx_audit_revision_history.revision_date 
1 'Structure model' 1 0 2019-10-30 
2 'Structure model' 1 1 2024-05-15 
# 
_pdbx_audit_revision_details.ordinal             1 
_pdbx_audit_revision_details.revision_ordinal    1 
_pdbx_audit_revision_details.data_content_type   'Structure model' 
_pdbx_audit_revision_details.provider            repository 
_pdbx_audit_revision_details.type                'Initial release' 
_pdbx_audit_revision_details.description         ? 
_pdbx_audit_revision_details.details             ? 
# 
loop_
_pdbx_audit_revision_group.ordinal 
_pdbx_audit_revision_group.revision_ordinal 
_pdbx_audit_revision_group.data_content_type 
_pdbx_audit_revision_group.group 
1 2 'Structure model' 'Data collection'      
2 2 'Structure model' 'Database references'  
3 2 'Structure model' 'Derived calculations' 
# 
loop_
_pdbx_audit_revision_category.ordinal 
_pdbx_audit_revision_category.revision_ordinal 
_pdbx_audit_revision_category.data_content_type 
_pdbx_audit_revision_category.category 
1 2 'Structure model' chem_comp_atom         
2 2 'Structure model' chem_comp_bond         
3 2 'Structure model' database_2             
4 2 'Structure model' pdbx_struct_conn_angle 
5 2 'Structure model' struct_conn            
# 
loop_
_pdbx_audit_revision_item.ordinal 
_pdbx_audit_revision_item.revision_ordinal 
_pdbx_audit_revision_item.data_content_type 
_pdbx_audit_revision_item.item 
1  2 'Structure model' '_database_2.pdbx_DOI'                        
2  2 'Structure model' '_database_2.pdbx_database_accession'         
3  2 'Structure model' '_pdbx_struct_conn_angle.ptnr1_auth_asym_id'  
4  2 'Structure model' '_pdbx_struct_conn_angle.ptnr1_auth_comp_id'  
5  2 'Structure model' '_pdbx_struct_conn_angle.ptnr1_auth_seq_id'   
6  2 'Structure model' '_pdbx_struct_conn_angle.ptnr1_label_asym_id' 
7  2 'Structure model' '_pdbx_struct_conn_angle.ptnr1_label_atom_id' 
8  2 'Structure model' '_pdbx_struct_conn_angle.ptnr1_label_comp_id' 
9  2 'Structure model' '_pdbx_struct_conn_angle.ptnr1_label_seq_id'  
10 2 'Structure model' '_pdbx_struct_conn_angle.ptnr3_auth_asym_id'  
11 2 'Structure model' '_pdbx_struct_conn_angle.ptnr3_auth_comp_id'  
12 2 'Structure model' '_pdbx_struct_conn_angle.ptnr3_auth_seq_id'   
13 2 'Structure model' '_pdbx_struct_conn_angle.ptnr3_label_asym_id' 
14 2 'Structure model' '_pdbx_struct_conn_angle.ptnr3_label_atom_id' 
15 2 'Structure model' '_pdbx_struct_conn_angle.ptnr3_label_comp_id' 
16 2 'Structure model' '_pdbx_struct_conn_angle.ptnr3_label_seq_id'  
17 2 'Structure model' '_pdbx_struct_conn_angle.value'               
18 2 'Structure model' '_struct_conn.pdbx_dist_value'                
19 2 'Structure model' '_struct_conn.ptnr1_auth_asym_id'             
20 2 'Structure model' '_struct_conn.ptnr1_auth_comp_id'             
21 2 'Structure model' '_struct_conn.ptnr1_auth_seq_id'              
22 2 'Structure model' '_struct_conn.ptnr1_label_asym_id'            
23 2 'Structure model' '_struct_conn.ptnr1_label_atom_id'            
24 2 'Structure model' '_struct_conn.ptnr1_label_comp_id'            
25 2 'Structure model' '_struct_conn.ptnr1_label_seq_id'             
26 2 'Structure model' '_struct_conn.ptnr2_auth_asym_id'             
27 2 'Structure model' '_struct_conn.ptnr2_auth_comp_id'             
28 2 'Structure model' '_struct_conn.ptnr2_auth_seq_id'              
29 2 'Structure model' '_struct_conn.ptnr2_label_asym_id'            
30 2 'Structure model' '_struct_conn.ptnr2_label_atom_id'            
31 2 'Structure model' '_struct_conn.ptnr2_label_comp_id'            
# 
_pdbx_database_status.status_code                     REL 
_pdbx_database_status.status_code_sf                  REL 
_pdbx_database_status.status_code_mr                  ? 
_pdbx_database_status.entry_id                        6HWG 
_pdbx_database_status.recvd_initial_deposition_date   2018-10-11 
_pdbx_database_status.SG_entry                        N 
_pdbx_database_status.deposit_site                    PDBE 
_pdbx_database_status.process_site                    PDBE 
_pdbx_database_status.status_code_cs                  ? 
_pdbx_database_status.methods_development_category    ? 
_pdbx_database_status.pdb_format_compatible           Y 
_pdbx_database_status.status_code_nmr_data            ? 
# 
loop_
_audit_author.name 
_audit_author.pdbx_ordinal 
_audit_author.identifier_ORCID 
'McQuaid, K.T.' 1 ? 
'Hall, J.P.'    2 ? 
'Cardin, C.J.'  3 ? 
# 
_citation.abstract                  ? 
_citation.abstract_id_CAS           ? 
_citation.book_id_ISBN              ? 
_citation.book_publisher            ? 
_citation.book_publisher_city       ? 
_citation.book_title                ? 
_citation.coordinate_linkage        ? 
_citation.country                   ? 
_citation.database_id_Medline       ? 
_citation.details                   ? 
_citation.id                        primary 
_citation.journal_abbrev            'To Be Published' 
_citation.journal_id_ASTM           ? 
_citation.journal_id_CSD            0353 
_citation.journal_id_ISSN           ? 
_citation.journal_full              ? 
_citation.journal_issue             ? 
_citation.journal_volume            ? 
_citation.language                  ? 
_citation.page_first                ? 
_citation.page_last                 ? 
_citation.title                     '[Ru(phen)2(dppz-11-CN)]2+ bound to d(TCGGCGCCGA)2' 
_citation.year                      ? 
_citation.database_id_CSD           ? 
_citation.pdbx_database_id_DOI      ? 
_citation.pdbx_database_id_PubMed   ? 
_citation.unpublished_flag          ? 
# 
loop_
_citation_author.citation_id 
_citation_author.name 
_citation_author.ordinal 
_citation_author.identifier_ORCID 
primary 'McQuaid, K.T.' 1 ? 
primary 'Hall, J.P.'    2 ? 
primary 'Cardin, C.J.'  3 ? 
# 
loop_
_entity.id 
_entity.type 
_entity.src_method 
_entity.pdbx_description 
_entity.formula_weight 
_entity.pdbx_number_of_molecules 
_entity.pdbx_ec 
_entity.pdbx_mutation 
_entity.pdbx_fragment 
_entity.details 
1 polymer     syn 
;DNA (5'-D(*TP*CP*GP*GP*CP*GP*CP*CP*GP*A)-3')
;
3045.992 2  ? ? ? ? 
2 non-polymer syn 'BARIUM ION'                                                    137.327  2  ? ? ? ? 
3 non-polymer syn 'Ruthenium (bis-(phenanthroline)) (11-cyano-dipyridophenazine)' 768.789  2  ? ? ? ? 
4 water       nat water                                                           18.015   83 ? ? ? ? 
# 
_entity_poly.entity_id                      1 
_entity_poly.type                           polydeoxyribonucleotide 
_entity_poly.nstd_linkage                   no 
_entity_poly.nstd_monomer                   no 
_entity_poly.pdbx_seq_one_letter_code       '(DT)(DC)(DG)(DG)(DC)(DG)(DC)(DC)(DG)(DA)' 
_entity_poly.pdbx_seq_one_letter_code_can   TCGGCGCCGA 
_entity_poly.pdbx_strand_id                 A,B 
_entity_poly.pdbx_target_identifier         ? 
# 
loop_
_pdbx_entity_nonpoly.entity_id 
_pdbx_entity_nonpoly.name 
_pdbx_entity_nonpoly.comp_id 
2 'BARIUM ION'                                                    BA  
3 'Ruthenium (bis-(phenanthroline)) (11-cyano-dipyridophenazine)' GWQ 
4 water                                                           HOH 
# 
loop_
_entity_poly_seq.entity_id 
_entity_poly_seq.num 
_entity_poly_seq.mon_id 
_entity_poly_seq.hetero 
1 1  DT n 
1 2  DC n 
1 3  DG n 
1 4  DG n 
1 5  DC n 
1 6  DG n 
1 7  DC n 
1 8  DC n 
1 9  DG n 
1 10 DA n 
# 
_pdbx_entity_src_syn.entity_id              1 
_pdbx_entity_src_syn.pdbx_src_id            1 
_pdbx_entity_src_syn.pdbx_alt_source_flag   sample 
_pdbx_entity_src_syn.pdbx_beg_seq_num       1 
_pdbx_entity_src_syn.pdbx_end_seq_num       10 
_pdbx_entity_src_syn.organism_scientific    'synthetic construct' 
_pdbx_entity_src_syn.organism_common_name   ? 
_pdbx_entity_src_syn.ncbi_taxonomy_id       32630 
_pdbx_entity_src_syn.details                ? 
# 
loop_
_chem_comp.id 
_chem_comp.type 
_chem_comp.mon_nstd_flag 
_chem_comp.name 
_chem_comp.pdbx_synonyms 
_chem_comp.formula 
_chem_comp.formula_weight 
BA  non-polymer   . 'BARIUM ION'                                                    ? 'Ba 2'            137.327 
DA  'DNA linking' y "2'-DEOXYADENOSINE-5'-MONOPHOSPHATE"                            ? 'C10 H14 N5 O6 P' 331.222 
DC  'DNA linking' y "2'-DEOXYCYTIDINE-5'-MONOPHOSPHATE"                             ? 'C9 H14 N3 O7 P'  307.197 
DG  'DNA linking' y "2'-DEOXYGUANOSINE-5'-MONOPHOSPHATE"                            ? 'C10 H14 N5 O7 P' 347.221 
DT  'DNA linking' y "THYMIDINE-5'-MONOPHOSPHATE"                                    ? 'C10 H15 N2 O8 P' 322.208 
GWQ non-polymer   . 'Ruthenium (bis-(phenanthroline)) (11-cyano-dipyridophenazine)' ? 'C43 H25 N9 Ru 2' 768.789 
HOH non-polymer   . WATER                                                           ? 'H2 O'            18.015  
# 
loop_
_pdbx_poly_seq_scheme.asym_id 
_pdbx_poly_seq_scheme.entity_id 
_pdbx_poly_seq_scheme.seq_id 
_pdbx_poly_seq_scheme.mon_id 
_pdbx_poly_seq_scheme.ndb_seq_num 
_pdbx_poly_seq_scheme.pdb_seq_num 
_pdbx_poly_seq_scheme.auth_seq_num 
_pdbx_poly_seq_scheme.pdb_mon_id 
_pdbx_poly_seq_scheme.auth_mon_id 
_pdbx_poly_seq_scheme.pdb_strand_id 
_pdbx_poly_seq_scheme.pdb_ins_code 
_pdbx_poly_seq_scheme.hetero 
A 1 1  DT 1  1  1  DT DT A . n 
A 1 2  DC 2  2  2  DC DC A . n 
A 1 3  DG 3  3  3  DG DG A . n 
A 1 4  DG 4  4  4  DG DG A . n 
A 1 5  DC 5  5  5  DC DC A . n 
A 1 6  DG 6  6  6  DG DG A . n 
A 1 7  DC 7  7  7  DC DC A . n 
A 1 8  DC 8  8  8  DC DC A . n 
A 1 9  DG 9  9  9  DG DG A . n 
A 1 10 DA 10 10 10 DA DA A . n 
B 1 1  DT 1  1  1  DT DT B . n 
B 1 2  DC 2  2  2  DC DC B . n 
B 1 3  DG 3  3  3  DG DG B . n 
B 1 4  DG 4  4  4  DG DG B . n 
B 1 5  DC 5  5  5  DC DC B . n 
B 1 6  DG 6  6  6  DG DG B . n 
B 1 7  DC 7  7  7  DC DC B . n 
B 1 8  DC 8  8  8  DC DC B . n 
B 1 9  DG 9  9  9  DG DG B . n 
B 1 10 DA 10 10 10 DA DA B . n 
# 
loop_
_pdbx_nonpoly_scheme.asym_id 
_pdbx_nonpoly_scheme.entity_id 
_pdbx_nonpoly_scheme.mon_id 
_pdbx_nonpoly_scheme.ndb_seq_num 
_pdbx_nonpoly_scheme.pdb_seq_num 
_pdbx_nonpoly_scheme.auth_seq_num 
_pdbx_nonpoly_scheme.pdb_mon_id 
_pdbx_nonpoly_scheme.auth_mon_id 
_pdbx_nonpoly_scheme.pdb_strand_id 
_pdbx_nonpoly_scheme.pdb_ins_code 
C 2 BA  1  101 1  BA  BA  A . 
D 3 GWQ 1  102 1  GWQ PCN A . 
E 2 BA  1  101 1  BA  BA  B . 
F 3 GWQ 1  102 2  GWQ PCN B . 
G 4 HOH 1  201 49 HOH HOH A . 
G 4 HOH 2  202 80 HOH HOH A . 
G 4 HOH 3  203 4  HOH HOH A . 
G 4 HOH 4  204 18 HOH HOH A . 
G 4 HOH 5  205 22 HOH HOH A . 
G 4 HOH 6  206 1  HOH HOH A . 
G 4 HOH 7  207 52 HOH HOH A . 
G 4 HOH 8  208 21 HOH HOH A . 
G 4 HOH 9  209 65 HOH HOH A . 
G 4 HOH 10 210 47 HOH HOH A . 
G 4 HOH 11 211 7  HOH HOH A . 
G 4 HOH 12 212 9  HOH HOH A . 
G 4 HOH 13 213 63 HOH HOH A . 
G 4 HOH 14 214 68 HOH HOH A . 
G 4 HOH 15 215 43 HOH HOH A . 
G 4 HOH 16 216 41 HOH HOH A . 
G 4 HOH 17 217 37 HOH HOH A . 
G 4 HOH 18 218 15 HOH HOH A . 
G 4 HOH 19 219 56 HOH HOH A . 
G 4 HOH 20 220 66 HOH HOH A . 
G 4 HOH 21 221 10 HOH HOH A . 
G 4 HOH 22 222 62 HOH HOH A . 
G 4 HOH 23 223 60 HOH HOH A . 
G 4 HOH 24 224 82 HOH HOH A . 
G 4 HOH 25 225 51 HOH HOH A . 
G 4 HOH 26 226 19 HOH HOH A . 
G 4 HOH 27 227 81 HOH HOH A . 
G 4 HOH 28 228 16 HOH HOH A . 
G 4 HOH 29 229 54 HOH HOH A . 
G 4 HOH 30 230 70 HOH HOH A . 
G 4 HOH 31 231 50 HOH HOH A . 
G 4 HOH 32 232 2  HOH HOH A . 
G 4 HOH 33 233 69 HOH HOH A . 
G 4 HOH 34 234 25 HOH HOH A . 
G 4 HOH 35 235 42 HOH HOH A . 
G 4 HOH 36 236 24 HOH HOH A . 
G 4 HOH 37 237 38 HOH HOH A . 
G 4 HOH 38 238 28 HOH HOH A . 
G 4 HOH 39 239 77 HOH HOH A . 
G 4 HOH 40 240 48 HOH HOH A . 
G 4 HOH 41 241 58 HOH HOH A . 
H 4 HOH 1  201 53 HOH HOH B . 
H 4 HOH 2  202 83 HOH HOH B . 
H 4 HOH 3  203 29 HOH HOH B . 
H 4 HOH 4  204 36 HOH HOH B . 
H 4 HOH 5  205 5  HOH HOH B . 
H 4 HOH 6  206 55 HOH HOH B . 
H 4 HOH 7  207 20 HOH HOH B . 
H 4 HOH 8  208 14 HOH HOH B . 
H 4 HOH 9  209 23 HOH HOH B . 
H 4 HOH 10 210 3  HOH HOH B . 
H 4 HOH 11 211 6  HOH HOH B . 
H 4 HOH 12 212 13 HOH HOH B . 
H 4 HOH 13 213 8  HOH HOH B . 
H 4 HOH 14 214 78 HOH HOH B . 
H 4 HOH 15 215 71 HOH HOH B . 
H 4 HOH 16 216 33 HOH HOH B . 
H 4 HOH 17 217 12 HOH HOH B . 
H 4 HOH 18 218 72 HOH HOH B . 
H 4 HOH 19 219 76 HOH HOH B . 
H 4 HOH 20 220 61 HOH HOH B . 
H 4 HOH 21 221 44 HOH HOH B . 
H 4 HOH 22 222 32 HOH HOH B . 
H 4 HOH 23 223 30 HOH HOH B . 
H 4 HOH 24 224 35 HOH HOH B . 
H 4 HOH 25 225 11 HOH HOH B . 
H 4 HOH 26 226 67 HOH HOH B . 
H 4 HOH 27 227 59 HOH HOH B . 
H 4 HOH 28 228 26 HOH HOH B . 
H 4 HOH 29 229 39 HOH HOH B . 
H 4 HOH 30 230 40 HOH HOH B . 
H 4 HOH 31 231 31 HOH HOH B . 
H 4 HOH 32 232 79 HOH HOH B . 
H 4 HOH 33 233 73 HOH HOH B . 
H 4 HOH 34 234 27 HOH HOH B . 
H 4 HOH 35 235 45 HOH HOH B . 
H 4 HOH 36 236 64 HOH HOH B . 
H 4 HOH 37 237 75 HOH HOH B . 
H 4 HOH 38 238 34 HOH HOH B . 
H 4 HOH 39 239 57 HOH HOH B . 
H 4 HOH 40 240 74 HOH HOH B . 
H 4 HOH 41 241 17 HOH HOH B . 
H 4 HOH 42 242 46 HOH HOH B . 
# 
loop_
_software.citation_id 
_software.classification 
_software.compiler_name 
_software.compiler_version 
_software.contact_author 
_software.contact_author_email 
_software.date 
_software.description 
_software.dependencies 
_software.hardware 
_software.language 
_software.location 
_software.mods 
_software.name 
_software.os 
_software.os_version 
_software.type 
_software.version 
_software.pdbx_ordinal 
? refinement       ? ? ? ? ? ? ? ? ? ? ? PHENIX    ? ? ? '(1.11.1_2575: ???)' 1 
? 'data reduction' ? ? ? ? ? ? ? ? ? ? ? xia2      ? ? ? .                    2 
? 'data reduction' ? ? ? ? ? ? ? ? ? ? ? XDS       ? ? ? .                    3 
? 'data scaling'   ? ? ? ? ? ? ? ? ? ? ? pointless ? ? ? .                    4 
? 'model building' ? ? ? ? ? ? ? ? ? ? ? Coot      ? ? ? .                    5 
? phasing          ? ? ? ? ? ? ? ? ? ? ? SHELXDE   ? ? ? .                    6 
# 
_cell.angle_alpha                  90.00 
_cell.angle_alpha_esd              ? 
_cell.angle_beta                   90.00 
_cell.angle_beta_esd               ? 
_cell.angle_gamma                  90.00 
_cell.angle_gamma_esd              ? 
_cell.entry_id                     6HWG 
_cell.details                      ? 
_cell.formula_units_Z              ? 
_cell.length_a                     47.936 
_cell.length_a_esd                 ? 
_cell.length_b                     47.936 
_cell.length_b_esd                 ? 
_cell.length_c                     33.632 
_cell.length_c_esd                 ? 
_cell.volume                       ? 
_cell.volume_esd                   ? 
_cell.Z_PDB                        8 
_cell.reciprocal_angle_alpha       ? 
_cell.reciprocal_angle_beta        ? 
_cell.reciprocal_angle_gamma       ? 
_cell.reciprocal_angle_alpha_esd   ? 
_cell.reciprocal_angle_beta_esd    ? 
_cell.reciprocal_angle_gamma_esd   ? 
_cell.reciprocal_length_a          ? 
_cell.reciprocal_length_b          ? 
_cell.reciprocal_length_c          ? 
_cell.reciprocal_length_a_esd      ? 
_cell.reciprocal_length_b_esd      ? 
_cell.reciprocal_length_c_esd      ? 
_cell.pdbx_unique_axis             ? 
# 
_symmetry.entry_id                         6HWG 
_symmetry.cell_setting                     ? 
_symmetry.Int_Tables_number                78 
_symmetry.space_group_name_Hall            ? 
_symmetry.space_group_name_H-M             'P 43' 
_symmetry.pdbx_full_space_group_name_H-M   ? 
# 
_exptl.absorpt_coefficient_mu     ? 
_exptl.absorpt_correction_T_max   ? 
_exptl.absorpt_correction_T_min   ? 
_exptl.absorpt_correction_type    ? 
_exptl.absorpt_process_details    ? 
_exptl.entry_id                   6HWG 
_exptl.crystals_number            1 
_exptl.details                    ? 
_exptl.method                     'X-RAY DIFFRACTION' 
_exptl.method_details             ? 
# 
_exptl_crystal.colour                      ? 
_exptl_crystal.density_diffrn              ? 
_exptl_crystal.density_Matthews            3.17 
_exptl_crystal.density_method              ? 
_exptl_crystal.density_percent_sol         61.22 
_exptl_crystal.description                 ? 
_exptl_crystal.F_000                       ? 
_exptl_crystal.id                          1 
_exptl_crystal.preparation                 ? 
_exptl_crystal.size_max                    ? 
_exptl_crystal.size_mid                    ? 
_exptl_crystal.size_min                    ? 
_exptl_crystal.size_rad                    ? 
_exptl_crystal.colour_lustre               ? 
_exptl_crystal.colour_modifier             ? 
_exptl_crystal.colour_primary              ? 
_exptl_crystal.density_meas                ? 
_exptl_crystal.density_meas_esd            ? 
_exptl_crystal.density_meas_gt             ? 
_exptl_crystal.density_meas_lt             ? 
_exptl_crystal.density_meas_temp           ? 
_exptl_crystal.density_meas_temp_esd       ? 
_exptl_crystal.density_meas_temp_gt        ? 
_exptl_crystal.density_meas_temp_lt        ? 
_exptl_crystal.pdbx_crystal_image_url      ? 
_exptl_crystal.pdbx_crystal_image_format   ? 
_exptl_crystal.pdbx_mosaicity              ? 
_exptl_crystal.pdbx_mosaicity_esd          ? 
# 
_exptl_crystal_grow.apparatus       ? 
_exptl_crystal_grow.atmosphere      ? 
_exptl_crystal_grow.crystal_id      1 
_exptl_crystal_grow.details         ? 
_exptl_crystal_grow.method          'VAPOR DIFFUSION, SITTING DROP' 
_exptl_crystal_grow.method_ref      ? 
_exptl_crystal_grow.pH              7 
_exptl_crystal_grow.pressure        ? 
_exptl_crystal_grow.pressure_esd    ? 
_exptl_crystal_grow.seeding         ? 
_exptl_crystal_grow.seeding_ref     ? 
_exptl_crystal_grow.temp            292 
_exptl_crystal_grow.temp_details    ? 
_exptl_crystal_grow.temp_esd        ? 
_exptl_crystal_grow.time            ? 
_exptl_crystal_grow.pdbx_details    
;1uL 1mM dsDNA, 1ul 3mM L-[Ru(phen)2(dppz-11-CN)]2+, 6ul of a solution containing 10% (v/v) 2-methyl-2,4-pentanediol, 80mM NaCl, 20mM Na-cacodylate pH 7, 20mM BaCl2 and 12mM spermine tetra-HCl equilibrated against 500uL 35% 2-methyl-2,4-pentanediol
;
_exptl_crystal_grow.pdbx_pH_range   ? 
# 
_diffrn.ambient_environment              ? 
_diffrn.ambient_temp                     100 
_diffrn.ambient_temp_details             ? 
_diffrn.ambient_temp_esd                 ? 
_diffrn.crystal_id                       1 
_diffrn.crystal_support                  ? 
_diffrn.crystal_treatment                ? 
_diffrn.details                          ? 
_diffrn.id                               1 
_diffrn.ambient_pressure                 ? 
_diffrn.ambient_pressure_esd             ? 
_diffrn.ambient_pressure_gt              ? 
_diffrn.ambient_pressure_lt              ? 
_diffrn.ambient_temp_gt                  ? 
_diffrn.ambient_temp_lt                  ? 
_diffrn.pdbx_serial_crystal_experiment   N 
# 
_diffrn_detector.details                      ? 
_diffrn_detector.detector                     PIXEL 
_diffrn_detector.diffrn_id                    1 
_diffrn_detector.type                         'DECTRIS PILATUS 6M' 
_diffrn_detector.area_resol_mean              ? 
_diffrn_detector.dtime                        ? 
_diffrn_detector.pdbx_frames_total            ? 
_diffrn_detector.pdbx_collection_time_total   ? 
_diffrn_detector.pdbx_collection_date         2017-01-26 
_diffrn_detector.pdbx_frequency               ? 
# 
_diffrn_radiation.collimation                      ? 
_diffrn_radiation.diffrn_id                        1 
_diffrn_radiation.filter_edge                      ? 
_diffrn_radiation.inhomogeneity                    ? 
_diffrn_radiation.monochromator                    'dual Si(111)' 
_diffrn_radiation.polarisn_norm                    ? 
_diffrn_radiation.polarisn_ratio                   ? 
_diffrn_radiation.probe                            ? 
_diffrn_radiation.type                             ? 
_diffrn_radiation.xray_symbol                      ? 
_diffrn_radiation.wavelength_id                    1 
_diffrn_radiation.pdbx_monochromatic_or_laue_m_l   M 
_diffrn_radiation.pdbx_wavelength_list             ? 
_diffrn_radiation.pdbx_wavelength                  ? 
_diffrn_radiation.pdbx_diffrn_protocol             'SINGLE WAVELENGTH' 
_diffrn_radiation.pdbx_analyzer                    ? 
_diffrn_radiation.pdbx_scattering_type             x-ray 
# 
_diffrn_radiation_wavelength.id           1 
_diffrn_radiation_wavelength.wavelength   0.9763 
_diffrn_radiation_wavelength.wt           1.0 
# 
_diffrn_source.current                     ? 
_diffrn_source.details                     ? 
_diffrn_source.diffrn_id                   1 
_diffrn_source.power                       ? 
_diffrn_source.size                        ? 
_diffrn_source.source                      SYNCHROTRON 
_diffrn_source.target                      ? 
_diffrn_source.type                        'DIAMOND BEAMLINE I03' 
_diffrn_source.voltage                     ? 
_diffrn_source.take-off_angle              ? 
_diffrn_source.pdbx_wavelength_list        0.9763 
_diffrn_source.pdbx_wavelength             ? 
_diffrn_source.pdbx_synchrotron_beamline   I03 
_diffrn_source.pdbx_synchrotron_site       Diamond 
# 
_reflns.B_iso_Wilson_estimate            28.41 
_reflns.entry_id                         6HWG 
_reflns.data_reduction_details           ? 
_reflns.data_reduction_method            ? 
_reflns.d_resolution_high                1.74 
_reflns.d_resolution_low                 33.9 
_reflns.details                          ? 
_reflns.limit_h_max                      ? 
_reflns.limit_h_min                      ? 
_reflns.limit_k_max                      ? 
_reflns.limit_k_min                      ? 
_reflns.limit_l_max                      ? 
_reflns.limit_l_min                      ? 
_reflns.number_all                       ? 
_reflns.number_obs                       7989 
_reflns.observed_criterion               ? 
_reflns.observed_criterion_F_max         ? 
_reflns.observed_criterion_F_min         ? 
_reflns.observed_criterion_I_max         ? 
_reflns.observed_criterion_I_min         ? 
_reflns.observed_criterion_sigma_F       ? 
_reflns.observed_criterion_sigma_I       ? 
_reflns.percent_possible_obs             99.94 
_reflns.R_free_details                   ? 
_reflns.Rmerge_F_all                     ? 
_reflns.Rmerge_F_obs                     ? 
_reflns.Friedel_coverage                 ? 
_reflns.number_gt                        ? 
_reflns.threshold_expression             ? 
_reflns.pdbx_redundancy                  2 
_reflns.pdbx_Rmerge_I_obs                0.03763 
_reflns.pdbx_Rmerge_I_all                ? 
_reflns.pdbx_Rsym_value                  ? 
_reflns.pdbx_netI_over_av_sigmaI         ? 
_reflns.pdbx_netI_over_sigmaI            11.05 
_reflns.pdbx_res_netI_over_av_sigmaI_2   ? 
_reflns.pdbx_res_netI_over_sigmaI_2      ? 
_reflns.pdbx_chi_squared                 ? 
_reflns.pdbx_scaling_rejects             ? 
_reflns.pdbx_d_res_high_opt              ? 
_reflns.pdbx_d_res_low_opt               ? 
_reflns.pdbx_d_res_opt_method            ? 
_reflns.phase_calculation_details        ? 
_reflns.pdbx_Rrim_I_all                  0.05322 
_reflns.pdbx_Rpim_I_all                  0.03763 
_reflns.pdbx_d_opt                       ? 
_reflns.pdbx_number_measured_all         ? 
_reflns.pdbx_diffrn_id                   1 
_reflns.pdbx_ordinal                     1 
_reflns.pdbx_CC_half                     0.999 
_reflns.pdbx_R_split                     ? 
# 
_reflns_shell.d_res_high                  1.74 
_reflns_shell.d_res_low                   1.803 
_reflns_shell.meanI_over_sigI_all         ? 
_reflns_shell.meanI_over_sigI_obs         1.76 
_reflns_shell.number_measured_all         ? 
_reflns_shell.number_measured_obs         ? 
_reflns_shell.number_possible             ? 
_reflns_shell.number_unique_all           ? 
_reflns_shell.number_unique_obs           805 
_reflns_shell.percent_possible_all        100 
_reflns_shell.percent_possible_obs        ? 
_reflns_shell.Rmerge_F_all                ? 
_reflns_shell.Rmerge_F_obs                ? 
_reflns_shell.Rmerge_I_all                ? 
_reflns_shell.Rmerge_I_obs                0.358 
_reflns_shell.meanI_over_sigI_gt          ? 
_reflns_shell.meanI_over_uI_all           ? 
_reflns_shell.meanI_over_uI_gt            ? 
_reflns_shell.number_measured_gt          ? 
_reflns_shell.number_unique_gt            ? 
_reflns_shell.percent_possible_gt         ? 
_reflns_shell.Rmerge_F_gt                 ? 
_reflns_shell.Rmerge_I_gt                 ? 
_reflns_shell.pdbx_redundancy             2 
_reflns_shell.pdbx_Rsym_value             ? 
_reflns_shell.pdbx_chi_squared            ? 
_reflns_shell.pdbx_netI_over_sigmaI_all   ? 
_reflns_shell.pdbx_netI_over_sigmaI_obs   ? 
_reflns_shell.pdbx_Rrim_I_all             0.5063 
_reflns_shell.pdbx_Rpim_I_all             0.358 
_reflns_shell.pdbx_rejects                ? 
_reflns_shell.pdbx_ordinal                1 
_reflns_shell.pdbx_diffrn_id              1 
_reflns_shell.pdbx_CC_half                0.382 
_reflns_shell.pdbx_R_split                ? 
# 
_refine.aniso_B[1][1]                            ? 
_refine.aniso_B[1][2]                            ? 
_refine.aniso_B[1][3]                            ? 
_refine.aniso_B[2][2]                            ? 
_refine.aniso_B[2][3]                            ? 
_refine.aniso_B[3][3]                            ? 
_refine.B_iso_max                                ? 
_refine.B_iso_mean                               37.59 
_refine.B_iso_min                                ? 
_refine.correlation_coeff_Fo_to_Fc               ? 
_refine.correlation_coeff_Fo_to_Fc_free          ? 
_refine.details                                  ? 
_refine.diff_density_max                         ? 
_refine.diff_density_max_esd                     ? 
_refine.diff_density_min                         ? 
_refine.diff_density_min_esd                     ? 
_refine.diff_density_rms                         ? 
_refine.diff_density_rms_esd                     ? 
_refine.entry_id                                 6HWG 
_refine.pdbx_refine_id                           'X-RAY DIFFRACTION' 
_refine.ls_abs_structure_details                 ? 
_refine.ls_abs_structure_Flack                   ? 
_refine.ls_abs_structure_Flack_esd               ? 
_refine.ls_abs_structure_Rogers                  ? 
_refine.ls_abs_structure_Rogers_esd              ? 
_refine.ls_d_res_high                            1.740 
_refine.ls_d_res_low                             33.896 
_refine.ls_extinction_coef                       ? 
_refine.ls_extinction_coef_esd                   ? 
_refine.ls_extinction_expression                 ? 
_refine.ls_extinction_method                     ? 
_refine.ls_goodness_of_fit_all                   ? 
_refine.ls_goodness_of_fit_all_esd               ? 
_refine.ls_goodness_of_fit_obs                   ? 
_refine.ls_goodness_of_fit_obs_esd               ? 
_refine.ls_hydrogen_treatment                    ? 
_refine.ls_matrix_type                           ? 
_refine.ls_number_constraints                    ? 
_refine.ls_number_parameters                     ? 
_refine.ls_number_reflns_all                     ? 
_refine.ls_number_reflns_obs                     7989 
_refine.ls_number_reflns_R_free                  799 
_refine.ls_number_reflns_R_work                  ? 
_refine.ls_number_restraints                     ? 
_refine.ls_percent_reflns_obs                    99.71 
_refine.ls_percent_reflns_R_free                 5.21 
_refine.ls_R_factor_all                          ? 
_refine.ls_R_factor_obs                          0.1946 
_refine.ls_R_factor_R_free                       0.2055 
_refine.ls_R_factor_R_free_error                 ? 
_refine.ls_R_factor_R_free_error_details         ? 
_refine.ls_R_factor_R_work                       0.1939 
_refine.ls_R_Fsqd_factor_obs                     ? 
_refine.ls_R_I_factor_obs                        ? 
_refine.ls_redundancy_reflns_all                 ? 
_refine.ls_redundancy_reflns_obs                 ? 
_refine.ls_restrained_S_all                      ? 
_refine.ls_restrained_S_obs                      ? 
_refine.ls_shift_over_esd_max                    ? 
_refine.ls_shift_over_esd_mean                   ? 
_refine.ls_structure_factor_coef                 ? 
_refine.ls_weighting_details                     ? 
_refine.ls_weighting_scheme                      ? 
_refine.ls_wR_factor_all                         ? 
_refine.ls_wR_factor_obs                         ? 
_refine.ls_wR_factor_R_free                      ? 
_refine.ls_wR_factor_R_work                      ? 
_refine.occupancy_max                            ? 
_refine.occupancy_min                            ? 
_refine.solvent_model_details                    ? 
_refine.solvent_model_param_bsol                 ? 
_refine.solvent_model_param_ksol                 ? 
_refine.ls_R_factor_gt                           ? 
_refine.ls_goodness_of_fit_gt                    ? 
_refine.ls_goodness_of_fit_ref                   ? 
_refine.ls_shift_over_su_max                     ? 
_refine.ls_shift_over_su_max_lt                  ? 
_refine.ls_shift_over_su_mean                    ? 
_refine.ls_shift_over_su_mean_lt                 ? 
_refine.pdbx_ls_sigma_I                          ? 
_refine.pdbx_ls_sigma_F                          1.50 
_refine.pdbx_ls_sigma_Fsqd                       ? 
_refine.pdbx_data_cutoff_high_absF               ? 
_refine.pdbx_data_cutoff_high_rms_absF           ? 
_refine.pdbx_data_cutoff_low_absF                ? 
_refine.pdbx_isotropic_thermal_model             ? 
_refine.pdbx_ls_cross_valid_method               'FREE R-VALUE' 
_refine.pdbx_method_to_determine_struct          SAD 
_refine.pdbx_starting_model                      ? 
_refine.pdbx_stereochemistry_target_values       ? 
_refine.pdbx_R_Free_selection_details            ? 
_refine.pdbx_stereochem_target_val_spec_case     ? 
_refine.pdbx_overall_ESU_R                       ? 
_refine.pdbx_overall_ESU_R_Free                  ? 
_refine.pdbx_solvent_vdw_probe_radii             1.11 
_refine.pdbx_solvent_ion_probe_radii             ? 
_refine.pdbx_solvent_shrinkage_radii             0.90 
_refine.pdbx_real_space_R                        ? 
_refine.pdbx_density_correlation                 ? 
_refine.pdbx_pd_number_of_powder_patterns        ? 
_refine.pdbx_pd_number_of_points                 ? 
_refine.pdbx_pd_meas_number_of_points            ? 
_refine.pdbx_pd_proc_ls_prof_R_factor            ? 
_refine.pdbx_pd_proc_ls_prof_wR_factor           ? 
_refine.pdbx_pd_Marquardt_correlation_coeff      ? 
_refine.pdbx_pd_Fsqrd_R_factor                   ? 
_refine.pdbx_pd_ls_matrix_band_width             ? 
_refine.pdbx_overall_phase_error                 24.10 
_refine.pdbx_overall_SU_R_free_Cruickshank_DPI   ? 
_refine.pdbx_overall_SU_R_free_Blow_DPI          ? 
_refine.pdbx_overall_SU_R_Blow_DPI               ? 
_refine.pdbx_TLS_residual_ADP_flag               ? 
_refine.pdbx_diffrn_id                           1 
_refine.overall_SU_B                             ? 
_refine.overall_SU_ML                            0.22 
_refine.overall_SU_R_Cruickshank_DPI             ? 
_refine.overall_SU_R_free                        ? 
_refine.overall_FOM_free_R_set                   ? 
_refine.overall_FOM_work_R_set                   ? 
_refine.pdbx_average_fsc_overall                 ? 
_refine.pdbx_average_fsc_work                    ? 
_refine.pdbx_average_fsc_free                    ? 
# 
_refine_hist.pdbx_refine_id                   'X-RAY DIFFRACTION' 
_refine_hist.cycle_id                         LAST 
_refine_hist.pdbx_number_atoms_protein        0 
_refine_hist.pdbx_number_atoms_nucleic_acid   404 
_refine_hist.pdbx_number_atoms_ligand         108 
_refine_hist.number_atoms_solvent             83 
_refine_hist.number_atoms_total               595 
_refine_hist.d_res_high                       1.740 
_refine_hist.d_res_low                        33.896 
# 
loop_
_refine_ls_restr.pdbx_refine_id 
_refine_ls_restr.criterion 
_refine_ls_restr.dev_ideal 
_refine_ls_restr.dev_ideal_target 
_refine_ls_restr.number 
_refine_ls_restr.rejects 
_refine_ls_restr.type 
_refine_ls_restr.weight 
_refine_ls_restr.pdbx_restraint_function 
'X-RAY DIFFRACTION' ? 0.011  ? 650  ? f_bond_d           ? ? 
'X-RAY DIFFRACTION' ? 1.385  ? 1030 ? f_angle_d          ? ? 
'X-RAY DIFFRACTION' ? 26.501 ? 207  ? f_dihedral_angle_d ? ? 
'X-RAY DIFFRACTION' ? 0.065  ? 87   ? f_chiral_restr     ? ? 
'X-RAY DIFFRACTION' ? 0.012  ? 29   ? f_plane_restr      ? ? 
# 
loop_
_refine_ls_shell.pdbx_refine_id 
_refine_ls_shell.d_res_high 
_refine_ls_shell.d_res_low 
_refine_ls_shell.number_reflns_all 
_refine_ls_shell.number_reflns_obs 
_refine_ls_shell.number_reflns_R_free 
_refine_ls_shell.number_reflns_R_work 
_refine_ls_shell.percent_reflns_obs 
_refine_ls_shell.percent_reflns_R_free 
_refine_ls_shell.R_factor_all 
_refine_ls_shell.R_factor_obs 
_refine_ls_shell.R_factor_R_free 
_refine_ls_shell.R_factor_R_free_error 
_refine_ls_shell.R_factor_R_work 
_refine_ls_shell.redundancy_reflns_all 
_refine_ls_shell.redundancy_reflns_obs 
_refine_ls_shell.wR_factor_all 
_refine_ls_shell.wR_factor_obs 
_refine_ls_shell.wR_factor_R_free 
_refine_ls_shell.wR_factor_R_work 
_refine_ls_shell.pdbx_total_number_of_bins_used 
_refine_ls_shell.pdbx_phase_error 
_refine_ls_shell.pdbx_fsc_work 
_refine_ls_shell.pdbx_fsc_free 
'X-RAY DIFFRACTION' 1.7405 1.8495  . . 133 2441 100.00 . . . 0.3303 . 0.3398 . . . . . . . . . . 
'X-RAY DIFFRACTION' 1.8495 1.9923  . . 134 2444 99.00  . . . 0.3099 . 0.3077 . . . . . . . . . . 
'X-RAY DIFFRACTION' 1.9923 2.1928  . . 163 2348 100.00 . . . 0.2908 . 0.2465 . . . . . . . . . . 
'X-RAY DIFFRACTION' 2.1928 2.5100  . . 118 2440 100.00 . . . 0.2569 . 0.2049 . . . . . . . . . . 
'X-RAY DIFFRACTION' 2.5100 3.1620  . . 127 2428 100.00 . . . 0.2598 . 0.1968 . . . . . . . . . . 
'X-RAY DIFFRACTION' 3.1620 33.9021 . . 124 2438 100.00 . . . 0.1314 . 0.1505 . . . . . . . . . . 
# 
_struct.entry_id                     6HWG 
_struct.title                        '[Ru(phen)2(dppz-11-CN)]2+ bound to d(TCGGCGCCGA)2' 
_struct.pdbx_model_details           ? 
_struct.pdbx_formula_weight          ? 
_struct.pdbx_formula_weight_method   ? 
_struct.pdbx_model_type_details      ? 
_struct.pdbx_CASP_flag               N 
# 
_struct_keywords.entry_id        6HWG 
_struct_keywords.text            'Ruthenium, intercalation, DNA, asymmetric' 
_struct_keywords.pdbx_keywords   DNA 
# 
loop_
_struct_asym.id 
_struct_asym.pdbx_blank_PDB_chainid_flag 
_struct_asym.pdbx_modified 
_struct_asym.entity_id 
_struct_asym.details 
A N N 1 ? 
B N N 1 ? 
C N N 2 ? 
D N N 3 ? 
E N N 2 ? 
F N N 3 ? 
G N N 4 ? 
H N N 4 ? 
# 
_struct_ref.id                         1 
_struct_ref.db_name                    PDB 
_struct_ref.db_code                    6HWG 
_struct_ref.pdbx_db_accession          6HWG 
_struct_ref.pdbx_db_isoform            ? 
_struct_ref.entity_id                  1 
_struct_ref.pdbx_seq_one_letter_code   ? 
_struct_ref.pdbx_align_begin           1 
# 
loop_
_struct_ref_seq.align_id 
_struct_ref_seq.ref_id 
_struct_ref_seq.pdbx_PDB_id_code 
_struct_ref_seq.pdbx_strand_id 
_struct_ref_seq.seq_align_beg 
_struct_ref_seq.pdbx_seq_align_beg_ins_code 
_struct_ref_seq.seq_align_end 
_struct_ref_seq.pdbx_seq_align_end_ins_code 
_struct_ref_seq.pdbx_db_accession 
_struct_ref_seq.db_align_beg 
_struct_ref_seq.pdbx_db_align_beg_ins_code 
_struct_ref_seq.db_align_end 
_struct_ref_seq.pdbx_db_align_end_ins_code 
_struct_ref_seq.pdbx_auth_seq_align_beg 
_struct_ref_seq.pdbx_auth_seq_align_end 
1 1 6HWG A 1 ? 10 ? 6HWG 1 ? 10 ? 1 10 
2 1 6HWG B 1 ? 10 ? 6HWG 1 ? 10 ? 1 10 
# 
_pdbx_struct_assembly.id                   1 
_pdbx_struct_assembly.details              author_and_software_defined_assembly 
_pdbx_struct_assembly.method_details       PISA 
_pdbx_struct_assembly.oligomeric_details   dimeric 
_pdbx_struct_assembly.oligomeric_count     2 
# 
loop_
_pdbx_struct_assembly_prop.biol_id 
_pdbx_struct_assembly_prop.type 
_pdbx_struct_assembly_prop.value 
_pdbx_struct_assembly_prop.details 
1 'ABSA (A^2)' 2070 ? 
1 MORE         -26  ? 
1 'SSA (A^2)'  4520 ? 
# 
_pdbx_struct_assembly_gen.assembly_id       1 
_pdbx_struct_assembly_gen.oper_expression   1 
_pdbx_struct_assembly_gen.asym_id_list      A,B,C,D,E,F,G,H 
# 
_pdbx_struct_assembly_auth_evidence.id                     1 
_pdbx_struct_assembly_auth_evidence.assembly_id            1 
_pdbx_struct_assembly_auth_evidence.experimental_support   none 
_pdbx_struct_assembly_auth_evidence.details                ? 
# 
_pdbx_struct_oper_list.id                   1 
_pdbx_struct_oper_list.type                 'identity operation' 
_pdbx_struct_oper_list.name                 1_555 
_pdbx_struct_oper_list.symmetry_operation   x,y,z 
_pdbx_struct_oper_list.matrix[1][1]         1.0000000000 
_pdbx_struct_oper_list.matrix[1][2]         0.0000000000 
_pdbx_struct_oper_list.matrix[1][3]         0.0000000000 
_pdbx_struct_oper_list.vector[1]            0.0000000000 
_pdbx_struct_oper_list.matrix[2][1]         0.0000000000 
_pdbx_struct_oper_list.matrix[2][2]         1.0000000000 
_pdbx_struct_oper_list.matrix[2][3]         0.0000000000 
_pdbx_struct_oper_list.vector[2]            0.0000000000 
_pdbx_struct_oper_list.matrix[3][1]         0.0000000000 
_pdbx_struct_oper_list.matrix[3][2]         0.0000000000 
_pdbx_struct_oper_list.matrix[3][3]         1.0000000000 
_pdbx_struct_oper_list.vector[3]            0.0000000000 
# 
loop_
_struct_conn.id 
_struct_conn.conn_type_id 
_struct_conn.pdbx_leaving_atom_flag 
_struct_conn.pdbx_PDB_id 
_struct_conn.ptnr1_label_asym_id 
_struct_conn.ptnr1_label_comp_id 
_struct_conn.ptnr1_label_seq_id 
_struct_conn.ptnr1_label_atom_id 
_struct_conn.pdbx_ptnr1_label_alt_id 
_struct_conn.pdbx_ptnr1_PDB_ins_code 
_struct_conn.pdbx_ptnr1_standard_comp_id 
_struct_conn.ptnr1_symmetry 
_struct_conn.ptnr2_label_asym_id 
_struct_conn.ptnr2_label_comp_id 
_struct_conn.ptnr2_label_seq_id 
_struct_conn.ptnr2_label_atom_id 
_struct_conn.pdbx_ptnr2_label_alt_id 
_struct_conn.pdbx_ptnr2_PDB_ins_code 
_struct_conn.ptnr1_auth_asym_id 
_struct_conn.ptnr1_auth_comp_id 
_struct_conn.ptnr1_auth_seq_id 
_struct_conn.ptnr2_auth_asym_id 
_struct_conn.ptnr2_auth_comp_id 
_struct_conn.ptnr2_auth_seq_id 
_struct_conn.ptnr2_symmetry 
_struct_conn.pdbx_ptnr3_label_atom_id 
_struct_conn.pdbx_ptnr3_label_seq_id 
_struct_conn.pdbx_ptnr3_label_comp_id 
_struct_conn.pdbx_ptnr3_label_asym_id 
_struct_conn.pdbx_ptnr3_label_alt_id 
_struct_conn.pdbx_ptnr3_PDB_ins_code 
_struct_conn.details 
_struct_conn.pdbx_dist_value 
_struct_conn.pdbx_value_order 
_struct_conn.pdbx_role 
metalc1  metalc ? ? A DG  4  O6 ? ? ? 1_555 C BA  .  BA ? ? A DG  4   A BA  101 1_555 ? ? ? ? ? ? ?            2.878 ? ? 
metalc2  metalc ? ? C BA  .  BA ? ? ? 1_555 G HOH .  O  ? ? A BA  101 A HOH 203 1_555 ? ? ? ? ? ? ?            2.797 ? ? 
metalc3  metalc ? ? C BA  .  BA ? ? ? 1_555 G HOH .  O  ? ? A BA  101 A HOH 218 1_555 ? ? ? ? ? ? ?            2.837 ? ? 
metalc4  metalc ? ? C BA  .  BA ? ? ? 1_555 G HOH .  O  ? ? A BA  101 A HOH 221 1_555 ? ? ? ? ? ? ?            2.787 ? ? 
metalc5  metalc ? ? C BA  .  BA ? ? ? 1_555 G HOH .  O  ? ? A BA  101 A HOH 235 1_555 ? ? ? ? ? ? ?            2.890 ? ? 
metalc6  metalc ? ? C BA  .  BA ? ? ? 1_555 G HOH .  O  ? ? A BA  101 A HOH 240 1_555 ? ? ? ? ? ? ?            2.778 ? ? 
metalc7  metalc ? ? C BA  .  BA ? ? ? 1_555 H HOH .  O  ? ? A BA  101 B HOH 213 1_555 ? ? ? ? ? ? ?            2.895 ? ? 
metalc8  metalc ? ? G HOH .  O  ? ? ? 1_555 E BA  .  BA ? ? A HOH 212 B BA  101 1_555 ? ? ? ? ? ? ?            2.967 ? ? 
metalc9  metalc ? ? B DG  4  O6 ? ? ? 1_555 E BA  .  BA ? ? B DG  4   B BA  101 1_555 ? ? ? ? ? ? ?            2.870 ? ? 
metalc10 metalc ? ? E BA  .  BA ? ? ? 1_555 H HOH .  O  ? ? B BA  101 B HOH 205 1_555 ? ? ? ? ? ? ?            2.699 ? ? 
metalc11 metalc ? ? E BA  .  BA ? ? ? 1_555 H HOH .  O  ? ? B BA  101 B HOH 212 1_555 ? ? ? ? ? ? ?            2.935 ? ? 
metalc12 metalc ? ? E BA  .  BA ? ? ? 1_555 H HOH .  O  ? ? B BA  101 B HOH 217 1_555 ? ? ? ? ? ? ?            2.821 ? ? 
metalc13 metalc ? ? E BA  .  BA ? ? ? 1_555 H HOH .  O  ? ? B BA  101 B HOH 235 1_555 ? ? ? ? ? ? ?            2.922 ? ? 
metalc14 metalc ? ? E BA  .  BA ? ? ? 1_555 H HOH .  O  ? ? B BA  101 B HOH 242 1_555 ? ? ? ? ? ? ?            2.719 ? ? 
hydrog1  hydrog ? ? A DT  1  N3 ? ? ? 1_555 B DA  10 N1 ? ? A DT  1   B DA  10  1_555 ? ? ? ? ? ? WATSON-CRICK ?     ? ? 
hydrog2  hydrog ? ? A DT  1  O4 ? ? ? 1_555 B DA  10 N6 ? ? A DT  1   B DA  10  1_555 ? ? ? ? ? ? WATSON-CRICK ?     ? ? 
hydrog3  hydrog ? ? A DC  2  N3 ? ? ? 1_555 B DG  9  N1 ? ? A DC  2   B DG  9   1_555 ? ? ? ? ? ? WATSON-CRICK ?     ? ? 
hydrog4  hydrog ? ? A DC  2  N4 ? ? ? 1_555 B DG  9  O6 ? ? A DC  2   B DG  9   1_555 ? ? ? ? ? ? WATSON-CRICK ?     ? ? 
hydrog5  hydrog ? ? A DC  2  O2 ? ? ? 1_555 B DG  9  N2 ? ? A DC  2   B DG  9   1_555 ? ? ? ? ? ? WATSON-CRICK ?     ? ? 
hydrog6  hydrog ? ? A DG  3  N1 ? ? ? 1_555 B DC  8  N3 ? ? A DG  3   B DC  8   1_555 ? ? ? ? ? ? WATSON-CRICK ?     ? ? 
hydrog7  hydrog ? ? A DG  3  N2 ? ? ? 1_555 B DC  8  O2 ? ? A DG  3   B DC  8   1_555 ? ? ? ? ? ? WATSON-CRICK ?     ? ? 
hydrog8  hydrog ? ? A DG  3  O6 ? ? ? 1_555 B DC  8  N4 ? ? A DG  3   B DC  8   1_555 ? ? ? ? ? ? WATSON-CRICK ?     ? ? 
hydrog9  hydrog ? ? A DG  4  N1 ? ? ? 1_555 B DC  7  N3 ? ? A DG  4   B DC  7   1_555 ? ? ? ? ? ? WATSON-CRICK ?     ? ? 
hydrog10 hydrog ? ? A DG  4  N2 ? ? ? 1_555 B DC  7  O2 ? ? A DG  4   B DC  7   1_555 ? ? ? ? ? ? WATSON-CRICK ?     ? ? 
hydrog11 hydrog ? ? A DG  4  O6 ? ? ? 1_555 B DC  7  N4 ? ? A DG  4   B DC  7   1_555 ? ? ? ? ? ? WATSON-CRICK ?     ? ? 
hydrog12 hydrog ? ? A DC  5  N3 ? ? ? 1_555 B DG  6  N1 ? ? A DC  5   B DG  6   1_555 ? ? ? ? ? ? WATSON-CRICK ?     ? ? 
hydrog13 hydrog ? ? A DC  5  N4 ? ? ? 1_555 B DG  6  O6 ? ? A DC  5   B DG  6   1_555 ? ? ? ? ? ? WATSON-CRICK ?     ? ? 
hydrog14 hydrog ? ? A DC  5  O2 ? ? ? 1_555 B DG  6  N2 ? ? A DC  5   B DG  6   1_555 ? ? ? ? ? ? WATSON-CRICK ?     ? ? 
hydrog15 hydrog ? ? A DG  6  N1 ? ? ? 1_555 B DC  5  N3 ? ? A DG  6   B DC  5   1_555 ? ? ? ? ? ? WATSON-CRICK ?     ? ? 
hydrog16 hydrog ? ? A DG  6  N2 ? ? ? 1_555 B DC  5  O2 ? ? A DG  6   B DC  5   1_555 ? ? ? ? ? ? WATSON-CRICK ?     ? ? 
hydrog17 hydrog ? ? A DG  6  O6 ? ? ? 1_555 B DC  5  N4 ? ? A DG  6   B DC  5   1_555 ? ? ? ? ? ? WATSON-CRICK ?     ? ? 
hydrog18 hydrog ? ? A DC  7  N3 ? ? ? 1_555 B DG  4  N1 ? ? A DC  7   B DG  4   1_555 ? ? ? ? ? ? WATSON-CRICK ?     ? ? 
hydrog19 hydrog ? ? A DC  7  N4 ? ? ? 1_555 B DG  4  O6 ? ? A DC  7   B DG  4   1_555 ? ? ? ? ? ? WATSON-CRICK ?     ? ? 
hydrog20 hydrog ? ? A DC  7  O2 ? ? ? 1_555 B DG  4  N2 ? ? A DC  7   B DG  4   1_555 ? ? ? ? ? ? WATSON-CRICK ?     ? ? 
hydrog21 hydrog ? ? A DC  8  N3 ? ? ? 1_555 B DG  3  N1 ? ? A DC  8   B DG  3   1_555 ? ? ? ? ? ? WATSON-CRICK ?     ? ? 
hydrog22 hydrog ? ? A DC  8  N4 ? ? ? 1_555 B DG  3  O6 ? ? A DC  8   B DG  3   1_555 ? ? ? ? ? ? WATSON-CRICK ?     ? ? 
hydrog23 hydrog ? ? A DC  8  O2 ? ? ? 1_555 B DG  3  N2 ? ? A DC  8   B DG  3   1_555 ? ? ? ? ? ? WATSON-CRICK ?     ? ? 
hydrog24 hydrog ? ? A DG  9  N1 ? ? ? 1_555 B DC  2  N3 ? ? A DG  9   B DC  2   1_555 ? ? ? ? ? ? WATSON-CRICK ?     ? ? 
hydrog25 hydrog ? ? A DG  9  N2 ? ? ? 1_555 B DC  2  O2 ? ? A DG  9   B DC  2   1_555 ? ? ? ? ? ? WATSON-CRICK ?     ? ? 
hydrog26 hydrog ? ? A DG  9  O6 ? ? ? 1_555 B DC  2  N4 ? ? A DG  9   B DC  2   1_555 ? ? ? ? ? ? WATSON-CRICK ?     ? ? 
hydrog27 hydrog ? ? A DA  10 N1 ? ? ? 1_555 B DT  1  N3 ? ? A DA  10  B DT  1   1_555 ? ? ? ? ? ? WATSON-CRICK ?     ? ? 
hydrog28 hydrog ? ? A DA  10 N6 ? ? ? 1_555 B DT  1  O4 ? ? A DA  10  B DT  1   1_555 ? ? ? ? ? ? WATSON-CRICK ?     ? ? 
# 
loop_
_struct_conn_type.id 
_struct_conn_type.criteria 
_struct_conn_type.reference 
metalc ? ? 
hydrog ? ? 
# 
loop_
_pdbx_struct_conn_angle.id 
_pdbx_struct_conn_angle.ptnr1_label_atom_id 
_pdbx_struct_conn_angle.ptnr1_label_alt_id 
_pdbx_struct_conn_angle.ptnr1_label_asym_id 
_pdbx_struct_conn_angle.ptnr1_label_comp_id 
_pdbx_struct_conn_angle.ptnr1_label_seq_id 
_pdbx_struct_conn_angle.ptnr1_auth_atom_id 
_pdbx_struct_conn_angle.ptnr1_auth_asym_id 
_pdbx_struct_conn_angle.ptnr1_auth_comp_id 
_pdbx_struct_conn_angle.ptnr1_auth_seq_id 
_pdbx_struct_conn_angle.ptnr1_PDB_ins_code 
_pdbx_struct_conn_angle.ptnr1_symmetry 
_pdbx_struct_conn_angle.ptnr2_label_atom_id 
_pdbx_struct_conn_angle.ptnr2_label_alt_id 
_pdbx_struct_conn_angle.ptnr2_label_asym_id 
_pdbx_struct_conn_angle.ptnr2_label_comp_id 
_pdbx_struct_conn_angle.ptnr2_label_seq_id 
_pdbx_struct_conn_angle.ptnr2_auth_atom_id 
_pdbx_struct_conn_angle.ptnr2_auth_asym_id 
_pdbx_struct_conn_angle.ptnr2_auth_comp_id 
_pdbx_struct_conn_angle.ptnr2_auth_seq_id 
_pdbx_struct_conn_angle.ptnr2_PDB_ins_code 
_pdbx_struct_conn_angle.ptnr2_symmetry 
_pdbx_struct_conn_angle.ptnr3_label_atom_id 
_pdbx_struct_conn_angle.ptnr3_label_alt_id 
_pdbx_struct_conn_angle.ptnr3_label_asym_id 
_pdbx_struct_conn_angle.ptnr3_label_comp_id 
_pdbx_struct_conn_angle.ptnr3_label_seq_id 
_pdbx_struct_conn_angle.ptnr3_auth_atom_id 
_pdbx_struct_conn_angle.ptnr3_auth_asym_id 
_pdbx_struct_conn_angle.ptnr3_auth_comp_id 
_pdbx_struct_conn_angle.ptnr3_auth_seq_id 
_pdbx_struct_conn_angle.ptnr3_PDB_ins_code 
_pdbx_struct_conn_angle.ptnr3_symmetry 
_pdbx_struct_conn_angle.value 
_pdbx_struct_conn_angle.value_esd 
1  O6 ? A DG  4 ? A DG  4   ? 1_555 BA ? C BA . ? A BA 101 ? 1_555 O  ? G HOH . ? A HOH 203 ? 1_555 67.7  ? 
2  O6 ? A DG  4 ? A DG  4   ? 1_555 BA ? C BA . ? A BA 101 ? 1_555 O  ? G HOH . ? A HOH 218 ? 1_555 140.6 ? 
3  O  ? G HOH . ? A HOH 203 ? 1_555 BA ? C BA . ? A BA 101 ? 1_555 O  ? G HOH . ? A HOH 218 ? 1_555 81.4  ? 
4  O6 ? A DG  4 ? A DG  4   ? 1_555 BA ? C BA . ? A BA 101 ? 1_555 O  ? G HOH . ? A HOH 221 ? 1_555 126.2 ? 
5  O  ? G HOH . ? A HOH 203 ? 1_555 BA ? C BA . ? A BA 101 ? 1_555 O  ? G HOH . ? A HOH 221 ? 1_555 144.4 ? 
6  O  ? G HOH . ? A HOH 218 ? 1_555 BA ? C BA . ? A BA 101 ? 1_555 O  ? G HOH . ? A HOH 221 ? 1_555 69.1  ? 
7  O6 ? A DG  4 ? A DG  4   ? 1_555 BA ? C BA . ? A BA 101 ? 1_555 O  ? G HOH . ? A HOH 235 ? 1_555 112.6 ? 
8  O  ? G HOH . ? A HOH 203 ? 1_555 BA ? C BA . ? A BA 101 ? 1_555 O  ? G HOH . ? A HOH 235 ? 1_555 143.7 ? 
9  O  ? G HOH . ? A HOH 218 ? 1_555 BA ? C BA . ? A BA 101 ? 1_555 O  ? G HOH . ? A HOH 235 ? 1_555 106.8 ? 
10 O  ? G HOH . ? A HOH 221 ? 1_555 BA ? C BA . ? A BA 101 ? 1_555 O  ? G HOH . ? A HOH 235 ? 1_555 67.0  ? 
11 O6 ? A DG  4 ? A DG  4   ? 1_555 BA ? C BA . ? A BA 101 ? 1_555 O  ? G HOH . ? A HOH 240 ? 1_555 125.5 ? 
12 O  ? G HOH . ? A HOH 203 ? 1_555 BA ? C BA . ? A BA 101 ? 1_555 O  ? G HOH . ? A HOH 240 ? 1_555 81.2  ? 
13 O  ? G HOH . ? A HOH 218 ? 1_555 BA ? C BA . ? A BA 101 ? 1_555 O  ? G HOH . ? A HOH 240 ? 1_555 69.7  ? 
14 O  ? G HOH . ? A HOH 221 ? 1_555 BA ? C BA . ? A BA 101 ? 1_555 O  ? G HOH . ? A HOH 240 ? 1_555 105.3 ? 
15 O  ? G HOH . ? A HOH 235 ? 1_555 BA ? C BA . ? A BA 101 ? 1_555 O  ? G HOH . ? A HOH 240 ? 1_555 69.5  ? 
16 O6 ? A DG  4 ? A DG  4   ? 1_555 BA ? C BA . ? A BA 101 ? 1_555 O  ? H HOH . ? B HOH 213 ? 1_555 64.8  ? 
17 O  ? G HOH . ? A HOH 203 ? 1_555 BA ? C BA . ? A BA 101 ? 1_555 O  ? H HOH . ? B HOH 213 ? 1_555 80.9  ? 
18 O  ? G HOH . ? A HOH 218 ? 1_555 BA ? C BA . ? A BA 101 ? 1_555 O  ? H HOH . ? B HOH 213 ? 1_555 135.0 ? 
19 O  ? G HOH . ? A HOH 221 ? 1_555 BA ? C BA . ? A BA 101 ? 1_555 O  ? H HOH . ? B HOH 213 ? 1_555 134.2 ? 
20 O  ? G HOH . ? A HOH 235 ? 1_555 BA ? C BA . ? A BA 101 ? 1_555 O  ? H HOH . ? B HOH 213 ? 1_555 68.3  ? 
21 O  ? G HOH . ? A HOH 240 ? 1_555 BA ? C BA . ? A BA 101 ? 1_555 O  ? H HOH . ? B HOH 213 ? 1_555 66.9  ? 
22 O  ? G HOH . ? A HOH 212 ? 1_555 BA ? E BA . ? B BA 101 ? 1_555 O6 ? B DG  4 ? B DG  4   ? 1_555 65.7  ? 
23 O  ? G HOH . ? A HOH 212 ? 1_555 BA ? E BA . ? B BA 101 ? 1_555 O  ? H HOH . ? B HOH 205 ? 1_555 80.1  ? 
24 O6 ? B DG  4 ? B DG  4   ? 1_555 BA ? E BA . ? B BA 101 ? 1_555 O  ? H HOH . ? B HOH 205 ? 1_555 66.7  ? 
25 O  ? G HOH . ? A HOH 212 ? 1_555 BA ? E BA . ? B BA 101 ? 1_555 O  ? H HOH . ? B HOH 212 ? 1_555 134.0 ? 
26 O6 ? B DG  4 ? B DG  4   ? 1_555 BA ? E BA . ? B BA 101 ? 1_555 O  ? H HOH . ? B HOH 212 ? 1_555 140.5 ? 
27 O  ? H HOH . ? B HOH 205 ? 1_555 BA ? E BA . ? B BA 101 ? 1_555 O  ? H HOH . ? B HOH 212 ? 1_555 82.3  ? 
28 O  ? G HOH . ? A HOH 212 ? 1_555 BA ? E BA . ? B BA 101 ? 1_555 O  ? H HOH . ? B HOH 217 ? 1_555 129.9 ? 
29 O6 ? B DG  4 ? B DG  4   ? 1_555 BA ? E BA . ? B BA 101 ? 1_555 O  ? H HOH . ? B HOH 217 ? 1_555 126.7 ? 
30 O  ? H HOH . ? B HOH 205 ? 1_555 BA ? E BA . ? B BA 101 ? 1_555 O  ? H HOH . ? B HOH 217 ? 1_555 149.3 ? 
31 O  ? H HOH . ? B HOH 212 ? 1_555 BA ? E BA . ? B BA 101 ? 1_555 O  ? H HOH . ? B HOH 217 ? 1_555 71.7  ? 
32 O  ? G HOH . ? A HOH 212 ? 1_555 BA ? E BA . ? B BA 101 ? 1_555 O  ? H HOH . ? B HOH 235 ? 1_555 68.3  ? 
33 O6 ? B DG  4 ? B DG  4   ? 1_555 BA ? E BA . ? B BA 101 ? 1_555 O  ? H HOH . ? B HOH 235 ? 1_555 114.5 ? 
34 O  ? H HOH . ? B HOH 205 ? 1_555 BA ? E BA . ? B BA 101 ? 1_555 O  ? H HOH . ? B HOH 235 ? 1_555 142.4 ? 
35 O  ? H HOH . ? B HOH 212 ? 1_555 BA ? E BA . ? B BA 101 ? 1_555 O  ? H HOH . ? B HOH 235 ? 1_555 105.0 ? 
36 O  ? H HOH . ? B HOH 217 ? 1_555 BA ? E BA . ? B BA 101 ? 1_555 O  ? H HOH . ? B HOH 235 ? 1_555 62.9  ? 
37 O  ? G HOH . ? A HOH 212 ? 1_555 BA ? E BA . ? B BA 101 ? 1_555 O  ? H HOH . ? B HOH 242 ? 1_555 66.7  ? 
38 O6 ? B DG  4 ? B DG  4   ? 1_555 BA ? E BA . ? B BA 101 ? 1_555 O  ? H HOH . ? B HOH 242 ? 1_555 124.9 ? 
39 O  ? H HOH . ? B HOH 205 ? 1_555 BA ? E BA . ? B BA 101 ? 1_555 O  ? H HOH . ? B HOH 242 ? 1_555 79.5  ? 
40 O  ? H HOH . ? B HOH 212 ? 1_555 BA ? E BA . ? B BA 101 ? 1_555 O  ? H HOH . ? B HOH 242 ? 1_555 68.4  ? 
41 O  ? H HOH . ? B HOH 217 ? 1_555 BA ? E BA . ? B BA 101 ? 1_555 O  ? H HOH . ? B HOH 242 ? 1_555 104.7 ? 
42 O  ? H HOH . ? B HOH 235 ? 1_555 BA ? E BA . ? B BA 101 ? 1_555 O  ? H HOH . ? B HOH 242 ? 1_555 69.8  ? 
# 
loop_
_struct_site.id 
_struct_site.pdbx_evidence_code 
_struct_site.pdbx_auth_asym_id 
_struct_site.pdbx_auth_comp_id 
_struct_site.pdbx_auth_seq_id 
_struct_site.pdbx_auth_ins_code 
_struct_site.pdbx_num_residues 
_struct_site.details 
AC1 Software A BA  101 ? 8  'binding site for residue BA A 101'  
AC2 Software A GWQ 102 ? 9  'binding site for residue GWQ A 102' 
AC3 Software B BA  101 ? 8  'binding site for residue BA B 101'  
AC4 Software B GWQ 102 ? 11 'binding site for residue GWQ B 102' 
# 
loop_
_struct_site_gen.id 
_struct_site_gen.site_id 
_struct_site_gen.pdbx_num_res 
_struct_site_gen.label_comp_id 
_struct_site_gen.label_asym_id 
_struct_site_gen.label_seq_id 
_struct_site_gen.pdbx_auth_ins_code 
_struct_site_gen.auth_comp_id 
_struct_site_gen.auth_asym_id 
_struct_site_gen.auth_seq_id 
_struct_site_gen.label_atom_id 
_struct_site_gen.label_alt_id 
_struct_site_gen.symmetry 
_struct_site_gen.details 
1  AC1 8  DG  A 3  ? DG  A 3   . ? 1_555 ? 
2  AC1 8  DG  A 4  ? DG  A 4   . ? 1_555 ? 
3  AC1 8  HOH G .  ? HOH A 203 . ? 1_555 ? 
4  AC1 8  HOH G .  ? HOH A 218 . ? 1_555 ? 
5  AC1 8  HOH G .  ? HOH A 221 . ? 1_555 ? 
6  AC1 8  HOH G .  ? HOH A 235 . ? 1_555 ? 
7  AC1 8  HOH G .  ? HOH A 240 . ? 1_555 ? 
8  AC1 8  HOH H .  ? HOH B 213 . ? 1_555 ? 
9  AC2 9  DC  A 7  ? DC  A 7   . ? 4_655 ? 
10 AC2 9  DC  A 8  ? DC  A 8   . ? 4_655 ? 
11 AC2 9  DG  A 9  ? DG  A 9   . ? 1_555 ? 
12 AC2 9  DA  A 10 ? DA  A 10  . ? 1_555 ? 
13 AC2 9  DT  B 1  ? DT  B 1   . ? 1_555 ? 
14 AC2 9  DC  B 2  ? DC  B 2   . ? 1_555 ? 
15 AC2 9  DG  B 3  ? DG  B 3   . ? 1_555 ? 
16 AC2 9  DG  B 3  ? DG  B 3   . ? 4_655 ? 
17 AC2 9  DG  B 4  ? DG  B 4   . ? 4_655 ? 
18 AC3 8  HOH G .  ? HOH A 212 . ? 1_555 ? 
19 AC3 8  DG  B 3  ? DG  B 3   . ? 1_555 ? 
20 AC3 8  DG  B 4  ? DG  B 4   . ? 1_555 ? 
21 AC3 8  HOH H .  ? HOH B 205 . ? 1_555 ? 
22 AC3 8  HOH H .  ? HOH B 212 . ? 1_555 ? 
23 AC3 8  HOH H .  ? HOH B 217 . ? 1_555 ? 
24 AC3 8  HOH H .  ? HOH B 235 . ? 1_555 ? 
25 AC3 8  HOH H .  ? HOH B 242 . ? 1_555 ? 
26 AC4 11 DT  A 1  ? DT  A 1   . ? 1_555 ? 
27 AC4 11 DC  A 2  ? DC  A 2   . ? 1_555 ? 
28 AC4 11 DG  A 3  ? DG  A 3   . ? 3_554 ? 
29 AC4 11 DG  A 3  ? DG  A 3   . ? 1_555 ? 
30 AC4 11 DG  A 4  ? DG  A 4   . ? 3_554 ? 
31 AC4 11 DC  B 7  ? DC  B 7   . ? 3_554 ? 
32 AC4 11 DC  B 8  ? DC  B 8   . ? 3_554 ? 
33 AC4 11 DG  B 9  ? DG  B 9   . ? 1_555 ? 
34 AC4 11 DA  B 10 ? DA  B 10  . ? 1_555 ? 
35 AC4 11 HOH H .  ? HOH B 204 . ? 1_555 ? 
36 AC4 11 HOH H .  ? HOH B 216 . ? 1_555 ? 
# 
loop_
_pdbx_refine_tls.pdbx_refine_id 
_pdbx_refine_tls.id 
_pdbx_refine_tls.details 
_pdbx_refine_tls.method 
_pdbx_refine_tls.origin_x 
_pdbx_refine_tls.origin_y 
_pdbx_refine_tls.origin_z 
_pdbx_refine_tls.T[1][1] 
_pdbx_refine_tls.T[2][2] 
_pdbx_refine_tls.T[3][3] 
_pdbx_refine_tls.T[1][2] 
_pdbx_refine_tls.T[1][3] 
_pdbx_refine_tls.T[2][3] 
_pdbx_refine_tls.L[1][1] 
_pdbx_refine_tls.L[2][2] 
_pdbx_refine_tls.L[3][3] 
_pdbx_refine_tls.L[1][2] 
_pdbx_refine_tls.L[1][3] 
_pdbx_refine_tls.L[2][3] 
_pdbx_refine_tls.S[1][1] 
_pdbx_refine_tls.S[1][2] 
_pdbx_refine_tls.S[1][3] 
_pdbx_refine_tls.S[2][1] 
_pdbx_refine_tls.S[2][2] 
_pdbx_refine_tls.S[2][3] 
_pdbx_refine_tls.S[3][1] 
_pdbx_refine_tls.S[3][2] 
_pdbx_refine_tls.S[3][3] 
'X-RAY DIFFRACTION' 1 ? refined 3.4551  -0.4933 -0.9104 0.2932 0.2575 0.4502 0.0090  -0.0460 0.0299  1.0244 2.8467 9.5900  0.0962  -3.2878 0.1553  0.0676  -0.4303 0.1830 0.0085  0.2566 -0.2664 0.1592 0.4203  -0.2681 
'X-RAY DIFFRACTION' 2 ? refined -3.2183 -1.6499 1.3834  0.3144 0.2296 0.4425 -0.0128 -0.0258 -0.0270 2.4364 1.1118 10.2680 -1.0613 -3.6545 -0.2066 -0.1598 0.2116  0.0743 -0.0279 0.2739 0.1722  0.4448 -0.3315 -0.1443 
# 
loop_
_pdbx_refine_tls_group.pdbx_refine_id 
_pdbx_refine_tls_group.id 
_pdbx_refine_tls_group.refine_tls_id 
_pdbx_refine_tls_group.beg_auth_asym_id 
_pdbx_refine_tls_group.beg_auth_seq_id 
_pdbx_refine_tls_group.beg_label_asym_id 
_pdbx_refine_tls_group.beg_label_seq_id 
_pdbx_refine_tls_group.end_auth_asym_id 
_pdbx_refine_tls_group.end_auth_seq_id 
_pdbx_refine_tls_group.end_label_asym_id 
_pdbx_refine_tls_group.end_label_seq_id 
_pdbx_refine_tls_group.selection 
_pdbx_refine_tls_group.selection_details 
'X-RAY DIFFRACTION' 1 1 ? ? ? ? ? ? ? ? ? 
;chain 'A' and (resid 1 through 10 )
;
'X-RAY DIFFRACTION' 2 2 ? ? ? ? ? ? ? ? ? 
;chain 'B' and (resid 1 through 10 )
;
# 
loop_
_chem_comp_atom.comp_id 
_chem_comp_atom.atom_id 
_chem_comp_atom.type_symbol 
_chem_comp_atom.pdbx_aromatic_flag 
_chem_comp_atom.pdbx_stereo_config 
_chem_comp_atom.pdbx_ordinal 
BA  BA     BA N N 1   
DA  OP3    O  N N 2   
DA  P      P  N N 3   
DA  OP1    O  N N 4   
DA  OP2    O  N N 5   
DA  "O5'"  O  N N 6   
DA  "C5'"  C  N N 7   
DA  "C4'"  C  N R 8   
DA  "O4'"  O  N N 9   
DA  "C3'"  C  N S 10  
DA  "O3'"  O  N N 11  
DA  "C2'"  C  N N 12  
DA  "C1'"  C  N R 13  
DA  N9     N  Y N 14  
DA  C8     C  Y N 15  
DA  N7     N  Y N 16  
DA  C5     C  Y N 17  
DA  C6     C  Y N 18  
DA  N6     N  N N 19  
DA  N1     N  Y N 20  
DA  C2     C  Y N 21  
DA  N3     N  Y N 22  
DA  C4     C  Y N 23  
DA  HOP3   H  N N 24  
DA  HOP2   H  N N 25  
DA  "H5'"  H  N N 26  
DA  "H5''" H  N N 27  
DA  "H4'"  H  N N 28  
DA  "H3'"  H  N N 29  
DA  "HO3'" H  N N 30  
DA  "H2'"  H  N N 31  
DA  "H2''" H  N N 32  
DA  "H1'"  H  N N 33  
DA  H8     H  N N 34  
DA  H61    H  N N 35  
DA  H62    H  N N 36  
DA  H2     H  N N 37  
DC  OP3    O  N N 38  
DC  P      P  N N 39  
DC  OP1    O  N N 40  
DC  OP2    O  N N 41  
DC  "O5'"  O  N N 42  
DC  "C5'"  C  N N 43  
DC  "C4'"  C  N R 44  
DC  "O4'"  O  N N 45  
DC  "C3'"  C  N S 46  
DC  "O3'"  O  N N 47  
DC  "C2'"  C  N N 48  
DC  "C1'"  C  N R 49  
DC  N1     N  N N 50  
DC  C2     C  N N 51  
DC  O2     O  N N 52  
DC  N3     N  N N 53  
DC  C4     C  N N 54  
DC  N4     N  N N 55  
DC  C5     C  N N 56  
DC  C6     C  N N 57  
DC  HOP3   H  N N 58  
DC  HOP2   H  N N 59  
DC  "H5'"  H  N N 60  
DC  "H5''" H  N N 61  
DC  "H4'"  H  N N 62  
DC  "H3'"  H  N N 63  
DC  "HO3'" H  N N 64  
DC  "H2'"  H  N N 65  
DC  "H2''" H  N N 66  
DC  "H1'"  H  N N 67  
DC  H41    H  N N 68  
DC  H42    H  N N 69  
DC  H5     H  N N 70  
DC  H6     H  N N 71  
DG  OP3    O  N N 72  
DG  P      P  N N 73  
DG  OP1    O  N N 74  
DG  OP2    O  N N 75  
DG  "O5'"  O  N N 76  
DG  "C5'"  C  N N 77  
DG  "C4'"  C  N R 78  
DG  "O4'"  O  N N 79  
DG  "C3'"  C  N S 80  
DG  "O3'"  O  N N 81  
DG  "C2'"  C  N N 82  
DG  "C1'"  C  N R 83  
DG  N9     N  Y N 84  
DG  C8     C  Y N 85  
DG  N7     N  Y N 86  
DG  C5     C  Y N 87  
DG  C6     C  N N 88  
DG  O6     O  N N 89  
DG  N1     N  N N 90  
DG  C2     C  N N 91  
DG  N2     N  N N 92  
DG  N3     N  N N 93  
DG  C4     C  Y N 94  
DG  HOP3   H  N N 95  
DG  HOP2   H  N N 96  
DG  "H5'"  H  N N 97  
DG  "H5''" H  N N 98  
DG  "H4'"  H  N N 99  
DG  "H3'"  H  N N 100 
DG  "HO3'" H  N N 101 
DG  "H2'"  H  N N 102 
DG  "H2''" H  N N 103 
DG  "H1'"  H  N N 104 
DG  H8     H  N N 105 
DG  H1     H  N N 106 
DG  H21    H  N N 107 
DG  H22    H  N N 108 
DT  OP3    O  N N 109 
DT  P      P  N N 110 
DT  OP1    O  N N 111 
DT  OP2    O  N N 112 
DT  "O5'"  O  N N 113 
DT  "C5'"  C  N N 114 
DT  "C4'"  C  N R 115 
DT  "O4'"  O  N N 116 
DT  "C3'"  C  N S 117 
DT  "O3'"  O  N N 118 
DT  "C2'"  C  N N 119 
DT  "C1'"  C  N R 120 
DT  N1     N  N N 121 
DT  C2     C  N N 122 
DT  O2     O  N N 123 
DT  N3     N  N N 124 
DT  C4     C  N N 125 
DT  O4     O  N N 126 
DT  C5     C  N N 127 
DT  C7     C  N N 128 
DT  C6     C  N N 129 
DT  HOP3   H  N N 130 
DT  HOP2   H  N N 131 
DT  "H5'"  H  N N 132 
DT  "H5''" H  N N 133 
DT  "H4'"  H  N N 134 
DT  "H3'"  H  N N 135 
DT  "HO3'" H  N N 136 
DT  "H2'"  H  N N 137 
DT  "H2''" H  N N 138 
DT  "H1'"  H  N N 139 
DT  H3     H  N N 140 
DT  H71    H  N N 141 
DT  H72    H  N N 142 
DT  H73    H  N N 143 
DT  H6     H  N N 144 
GWQ C51    C  Y N 145 
GWQ C52    C  Y N 146 
GWQ C10    C  Y N 147 
GWQ C13    C  Y N 148 
GWQ C14    C  Y N 149 
GWQ C15    C  Y N 150 
GWQ C02    C  N N 151 
GWQ C03    C  Y N 152 
GWQ C04    C  Y N 153 
GWQ C05    C  Y N 154 
GWQ C06    C  Y N 155 
GWQ C07    C  Y N 156 
GWQ C08    C  Y N 157 
GWQ C11    C  Y N 158 
GWQ C16    C  Y N 159 
GWQ C18    C  Y N 160 
GWQ C19    C  Y N 161 
GWQ C20    C  Y N 162 
GWQ C23    C  Y N 163 
GWQ C24    C  Y N 164 
GWQ C25    C  Y N 165 
GWQ C27    C  Y N 166 
GWQ C28    C  Y N 167 
GWQ C29    C  Y N 168 
GWQ C30    C  Y N 169 
GWQ C31    C  Y N 170 
GWQ C32    C  Y N 171 
GWQ C33    C  Y N 172 
GWQ C34    C  Y N 173 
GWQ C35    C  Y N 174 
GWQ C36    C  Y N 175 
GWQ C37    C  Y N 176 
GWQ C38    C  Y N 177 
GWQ C41    C  Y N 178 
GWQ C42    C  Y N 179 
GWQ C43    C  Y N 180 
GWQ C44    C  Y N 181 
GWQ C45    C  Y N 182 
GWQ C46    C  Y N 183 
GWQ C47    C  Y N 184 
GWQ C48    C  Y N 185 
GWQ C49    C  Y N 186 
GWQ C53    C  Y N 187 
GWQ N01    N  N N 188 
GWQ N09    N  Y N 189 
GWQ N12    N  Y N 190 
GWQ N17    N  Y N 191 
GWQ N22    N  Y N 192 
GWQ N26    N  Y N 193 
GWQ N39    N  Y N 194 
GWQ N40    N  Y N 195 
GWQ N50    N  Y N 196 
GWQ RU1    RU N N 197 
GWQ H1     H  N N 198 
GWQ H2     H  N N 199 
GWQ H3     H  N N 200 
GWQ H4     H  N N 201 
GWQ H5     H  N N 202 
GWQ H6     H  N N 203 
GWQ H7     H  N N 204 
GWQ H8     H  N N 205 
GWQ H9     H  N N 206 
GWQ H10    H  N N 207 
GWQ H11    H  N N 208 
GWQ H12    H  N N 209 
GWQ H13    H  N N 210 
GWQ H14    H  N N 211 
GWQ H15    H  N N 212 
GWQ H16    H  N N 213 
GWQ H17    H  N N 214 
GWQ H18    H  N N 215 
GWQ H19    H  N N 216 
GWQ H20    H  N N 217 
GWQ H21    H  N N 218 
GWQ H22    H  N N 219 
GWQ H23    H  N N 220 
GWQ H24    H  N N 221 
GWQ H25    H  N N 222 
HOH O      O  N N 223 
HOH H1     H  N N 224 
HOH H2     H  N N 225 
# 
loop_
_chem_comp_bond.comp_id 
_chem_comp_bond.atom_id_1 
_chem_comp_bond.atom_id_2 
_chem_comp_bond.value_order 
_chem_comp_bond.pdbx_aromatic_flag 
_chem_comp_bond.pdbx_stereo_config 
_chem_comp_bond.pdbx_ordinal 
DA  OP3   P      sing N N 1   
DA  OP3   HOP3   sing N N 2   
DA  P     OP1    doub N N 3   
DA  P     OP2    sing N N 4   
DA  P     "O5'"  sing N N 5   
DA  OP2   HOP2   sing N N 6   
DA  "O5'" "C5'"  sing N N 7   
DA  "C5'" "C4'"  sing N N 8   
DA  "C5'" "H5'"  sing N N 9   
DA  "C5'" "H5''" sing N N 10  
DA  "C4'" "O4'"  sing N N 11  
DA  "C4'" "C3'"  sing N N 12  
DA  "C4'" "H4'"  sing N N 13  
DA  "O4'" "C1'"  sing N N 14  
DA  "C3'" "O3'"  sing N N 15  
DA  "C3'" "C2'"  sing N N 16  
DA  "C3'" "H3'"  sing N N 17  
DA  "O3'" "HO3'" sing N N 18  
DA  "C2'" "C1'"  sing N N 19  
DA  "C2'" "H2'"  sing N N 20  
DA  "C2'" "H2''" sing N N 21  
DA  "C1'" N9     sing N N 22  
DA  "C1'" "H1'"  sing N N 23  
DA  N9    C8     sing Y N 24  
DA  N9    C4     sing Y N 25  
DA  C8    N7     doub Y N 26  
DA  C8    H8     sing N N 27  
DA  N7    C5     sing Y N 28  
DA  C5    C6     sing Y N 29  
DA  C5    C4     doub Y N 30  
DA  C6    N6     sing N N 31  
DA  C6    N1     doub Y N 32  
DA  N6    H61    sing N N 33  
DA  N6    H62    sing N N 34  
DA  N1    C2     sing Y N 35  
DA  C2    N3     doub Y N 36  
DA  C2    H2     sing N N 37  
DA  N3    C4     sing Y N 38  
DC  OP3   P      sing N N 39  
DC  OP3   HOP3   sing N N 40  
DC  P     OP1    doub N N 41  
DC  P     OP2    sing N N 42  
DC  P     "O5'"  sing N N 43  
DC  OP2   HOP2   sing N N 44  
DC  "O5'" "C5'"  sing N N 45  
DC  "C5'" "C4'"  sing N N 46  
DC  "C5'" "H5'"  sing N N 47  
DC  "C5'" "H5''" sing N N 48  
DC  "C4'" "O4'"  sing N N 49  
DC  "C4'" "C3'"  sing N N 50  
DC  "C4'" "H4'"  sing N N 51  
DC  "O4'" "C1'"  sing N N 52  
DC  "C3'" "O3'"  sing N N 53  
DC  "C3'" "C2'"  sing N N 54  
DC  "C3'" "H3'"  sing N N 55  
DC  "O3'" "HO3'" sing N N 56  
DC  "C2'" "C1'"  sing N N 57  
DC  "C2'" "H2'"  sing N N 58  
DC  "C2'" "H2''" sing N N 59  
DC  "C1'" N1     sing N N 60  
DC  "C1'" "H1'"  sing N N 61  
DC  N1    C2     sing N N 62  
DC  N1    C6     sing N N 63  
DC  C2    O2     doub N N 64  
DC  C2    N3     sing N N 65  
DC  N3    C4     doub N N 66  
DC  C4    N4     sing N N 67  
DC  C4    C5     sing N N 68  
DC  N4    H41    sing N N 69  
DC  N4    H42    sing N N 70  
DC  C5    C6     doub N N 71  
DC  C5    H5     sing N N 72  
DC  C6    H6     sing N N 73  
DG  OP3   P      sing N N 74  
DG  OP3   HOP3   sing N N 75  
DG  P     OP1    doub N N 76  
DG  P     OP2    sing N N 77  
DG  P     "O5'"  sing N N 78  
DG  OP2   HOP2   sing N N 79  
DG  "O5'" "C5'"  sing N N 80  
DG  "C5'" "C4'"  sing N N 81  
DG  "C5'" "H5'"  sing N N 82  
DG  "C5'" "H5''" sing N N 83  
DG  "C4'" "O4'"  sing N N 84  
DG  "C4'" "C3'"  sing N N 85  
DG  "C4'" "H4'"  sing N N 86  
DG  "O4'" "C1'"  sing N N 87  
DG  "C3'" "O3'"  sing N N 88  
DG  "C3'" "C2'"  sing N N 89  
DG  "C3'" "H3'"  sing N N 90  
DG  "O3'" "HO3'" sing N N 91  
DG  "C2'" "C1'"  sing N N 92  
DG  "C2'" "H2'"  sing N N 93  
DG  "C2'" "H2''" sing N N 94  
DG  "C1'" N9     sing N N 95  
DG  "C1'" "H1'"  sing N N 96  
DG  N9    C8     sing Y N 97  
DG  N9    C4     sing Y N 98  
DG  C8    N7     doub Y N 99  
DG  C8    H8     sing N N 100 
DG  N7    C5     sing Y N 101 
DG  C5    C6     sing N N 102 
DG  C5    C4     doub Y N 103 
DG  C6    O6     doub N N 104 
DG  C6    N1     sing N N 105 
DG  N1    C2     sing N N 106 
DG  N1    H1     sing N N 107 
DG  C2    N2     sing N N 108 
DG  C2    N3     doub N N 109 
DG  N2    H21    sing N N 110 
DG  N2    H22    sing N N 111 
DG  N3    C4     sing N N 112 
DT  OP3   P      sing N N 113 
DT  OP3   HOP3   sing N N 114 
DT  P     OP1    doub N N 115 
DT  P     OP2    sing N N 116 
DT  P     "O5'"  sing N N 117 
DT  OP2   HOP2   sing N N 118 
DT  "O5'" "C5'"  sing N N 119 
DT  "C5'" "C4'"  sing N N 120 
DT  "C5'" "H5'"  sing N N 121 
DT  "C5'" "H5''" sing N N 122 
DT  "C4'" "O4'"  sing N N 123 
DT  "C4'" "C3'"  sing N N 124 
DT  "C4'" "H4'"  sing N N 125 
DT  "O4'" "C1'"  sing N N 126 
DT  "C3'" "O3'"  sing N N 127 
DT  "C3'" "C2'"  sing N N 128 
DT  "C3'" "H3'"  sing N N 129 
DT  "O3'" "HO3'" sing N N 130 
DT  "C2'" "C1'"  sing N N 131 
DT  "C2'" "H2'"  sing N N 132 
DT  "C2'" "H2''" sing N N 133 
DT  "C1'" N1     sing N N 134 
DT  "C1'" "H1'"  sing N N 135 
DT  N1    C2     sing N N 136 
DT  N1    C6     sing N N 137 
DT  C2    O2     doub N N 138 
DT  C2    N3     sing N N 139 
DT  N3    C4     sing N N 140 
DT  N3    H3     sing N N 141 
DT  C4    O4     doub N N 142 
DT  C4    C5     sing N N 143 
DT  C5    C7     sing N N 144 
DT  C5    C6     doub N N 145 
DT  C7    H71    sing N N 146 
DT  C7    H72    sing N N 147 
DT  C7    H73    sing N N 148 
DT  C6    H6     sing N N 149 
GWQ C46   C47    doub Y N 150 
GWQ C46   C44    sing Y N 151 
GWQ C47   C48    sing Y N 152 
GWQ C43   C44    doub Y N 153 
GWQ C43   C42    sing Y N 154 
GWQ C44   C45    sing Y N 155 
GWQ C42   C41    doub Y N 156 
GWQ C48   C51    doub Y N 157 
GWQ C48   C49    sing Y N 158 
GWQ C45   C49    sing Y N 159 
GWQ C45   N40    doub Y N 160 
GWQ C51   C52    sing Y N 161 
GWQ C41   N40    sing Y N 162 
GWQ C49   N50    doub Y N 163 
GWQ N40   RU1    sing N N 164 
GWQ C28   C27    doub Y N 165 
GWQ C28   C29    sing Y N 166 
GWQ C27   N26    sing Y N 167 
GWQ C52   C53    doub Y N 168 
GWQ N50   C53    sing Y N 169 
GWQ N50   RU1    sing N N 170 
GWQ C29   C31    doub Y N 171 
GWQ N26   RU1    sing N N 172 
GWQ N26   C30    doub Y N 173 
GWQ RU1   N17    sing N N 174 
GWQ RU1   N22    sing N N 175 
GWQ RU1   N39    sing N N 176 
GWQ C16   N17    doub Y N 177 
GWQ C16   C15    sing Y N 178 
GWQ N17   C18    sing Y N 179 
GWQ C31   C30    sing Y N 180 
GWQ C31   C32    sing Y N 181 
GWQ C30   C38    sing Y N 182 
GWQ N22   C23    doub Y N 183 
GWQ N22   C19    sing Y N 184 
GWQ C15   C14    doub Y N 185 
GWQ C23   C24    sing Y N 186 
GWQ C18   C19    doub Y N 187 
GWQ C18   C13    sing Y N 188 
GWQ C19   C20    sing Y N 189 
GWQ N39   C38    doub Y N 190 
GWQ N39   C37    sing Y N 191 
GWQ C38   C34    sing Y N 192 
GWQ C32   C33    doub Y N 193 
GWQ C24   C25    doub Y N 194 
GWQ C14   C13    sing Y N 195 
GWQ C13   C10    doub Y N 196 
GWQ C20   C25    sing Y N 197 
GWQ C20   C11    doub Y N 198 
GWQ C10   C11    sing Y N 199 
GWQ C10   N09    sing Y N 200 
GWQ C37   C36    doub Y N 201 
GWQ C33   C34    sing Y N 202 
GWQ C34   C35    doub Y N 203 
GWQ C11   N12    sing Y N 204 
GWQ N09   C07    doub Y N 205 
GWQ N12   C08    doub Y N 206 
GWQ C36   C35    sing Y N 207 
GWQ C07   C08    sing Y N 208 
GWQ C07   C06    sing Y N 209 
GWQ C08   C05    sing Y N 210 
GWQ C06   C03    doub Y N 211 
GWQ C05   C04    doub Y N 212 
GWQ C03   C04    sing Y N 213 
GWQ C03   C02    sing N N 214 
GWQ C02   N01    trip N N 215 
GWQ C51   H1     sing N N 216 
GWQ C52   H2     sing N N 217 
GWQ C14   H3     sing N N 218 
GWQ C15   H4     sing N N 219 
GWQ C04   H5     sing N N 220 
GWQ C05   H6     sing N N 221 
GWQ C06   H7     sing N N 222 
GWQ C16   H8     sing N N 223 
GWQ C23   H9     sing N N 224 
GWQ C24   H10    sing N N 225 
GWQ C25   H11    sing N N 226 
GWQ C27   H12    sing N N 227 
GWQ C28   H13    sing N N 228 
GWQ C29   H14    sing N N 229 
GWQ C32   H15    sing N N 230 
GWQ C33   H16    sing N N 231 
GWQ C35   H17    sing N N 232 
GWQ C36   H18    sing N N 233 
GWQ C37   H19    sing N N 234 
GWQ C41   H20    sing N N 235 
GWQ C42   H21    sing N N 236 
GWQ C43   H22    sing N N 237 
GWQ C46   H23    sing N N 238 
GWQ C47   H24    sing N N 239 
GWQ C53   H25    sing N N 240 
HOH O     H1     sing N N 241 
HOH O     H2     sing N N 242 
# 
loop_
_ndb_struct_conf_na.entry_id 
_ndb_struct_conf_na.feature 
6HWG 'double helix'        
6HWG 'b-form double helix' 
# 
loop_
_ndb_struct_na_base_pair.model_number 
_ndb_struct_na_base_pair.i_label_asym_id 
_ndb_struct_na_base_pair.i_label_comp_id 
_ndb_struct_na_base_pair.i_label_seq_id 
_ndb_struct_na_base_pair.i_symmetry 
_ndb_struct_na_base_pair.j_label_asym_id 
_ndb_struct_na_base_pair.j_label_comp_id 
_ndb_struct_na_base_pair.j_label_seq_id 
_ndb_struct_na_base_pair.j_symmetry 
_ndb_struct_na_base_pair.shear 
_ndb_struct_na_base_pair.stretch 
_ndb_struct_na_base_pair.stagger 
_ndb_struct_na_base_pair.buckle 
_ndb_struct_na_base_pair.propeller 
_ndb_struct_na_base_pair.opening 
_ndb_struct_na_base_pair.pair_number 
_ndb_struct_na_base_pair.pair_name 
_ndb_struct_na_base_pair.i_auth_asym_id 
_ndb_struct_na_base_pair.i_auth_seq_id 
_ndb_struct_na_base_pair.i_PDB_ins_code 
_ndb_struct_na_base_pair.j_auth_asym_id 
_ndb_struct_na_base_pair.j_auth_seq_id 
_ndb_struct_na_base_pair.j_PDB_ins_code 
_ndb_struct_na_base_pair.hbond_type_28 
_ndb_struct_na_base_pair.hbond_type_12 
1 A DT 1  1_555 B DA 10 1_555 0.064  -0.321 0.345  7.906   -20.943 -0.060 1  A_DT1:DA10_B A 1  ? B 10 ? 20 1 
1 A DC 2  1_555 B DG 9  1_555 0.207  -0.119 0.151  -11.645 6.511   2.267  2  A_DC2:DG9_B  A 2  ? B 9  ? 19 1 
1 A DG 3  1_555 B DC 8  1_555 -0.172 -0.066 0.322  22.194  -4.818  -2.257 3  A_DG3:DC8_B  A 3  ? B 8  ? 19 1 
1 A DG 4  1_555 B DC 7  1_555 -0.295 -0.173 -0.135 -10.935 1.823   -0.671 4  A_DG4:DC7_B  A 4  ? B 7  ? 19 1 
1 A DC 5  1_555 B DG 6  1_555 -0.034 -0.119 0.164  -3.199  -13.357 -3.868 5  A_DC5:DG6_B  A 5  ? B 6  ? 19 1 
1 A DG 6  1_555 B DC 5  1_555 0.014  -0.077 0.254  2.214   -12.066 -3.075 6  A_DG6:DC5_B  A 6  ? B 5  ? 19 1 
1 A DC 7  1_555 B DG 4  1_555 0.256  -0.147 -0.265 13.119  0.808   -2.152 7  A_DC7:DG4_B  A 7  ? B 4  ? 19 1 
1 A DC 8  1_555 B DG 3  1_555 0.164  -0.092 0.174  -21.488 -5.451  -3.017 8  A_DC8:DG3_B  A 8  ? B 3  ? 19 1 
1 A DG 9  1_555 B DC 2  1_555 -0.211 -0.138 0.164  11.381  4.858   0.824  9  A_DG9:DC2_B  A 9  ? B 2  ? 19 1 
1 A DA 10 1_555 B DT 1  1_555 -0.355 -0.431 -0.181 -0.097  11.038  -0.157 10 A_DA10:DT1_B A 10 ? B 1  ? 20 1 
# 
loop_
_ndb_struct_na_base_pair_step.model_number 
_ndb_struct_na_base_pair_step.i_label_asym_id_1 
_ndb_struct_na_base_pair_step.i_label_comp_id_1 
_ndb_struct_na_base_pair_step.i_label_seq_id_1 
_ndb_struct_na_base_pair_step.i_symmetry_1 
_ndb_struct_na_base_pair_step.j_label_asym_id_1 
_ndb_struct_na_base_pair_step.j_label_comp_id_1 
_ndb_struct_na_base_pair_step.j_label_seq_id_1 
_ndb_struct_na_base_pair_step.j_symmetry_1 
_ndb_struct_na_base_pair_step.i_label_asym_id_2 
_ndb_struct_na_base_pair_step.i_label_comp_id_2 
_ndb_struct_na_base_pair_step.i_label_seq_id_2 
_ndb_struct_na_base_pair_step.i_symmetry_2 
_ndb_struct_na_base_pair_step.j_label_asym_id_2 
_ndb_struct_na_base_pair_step.j_label_comp_id_2 
_ndb_struct_na_base_pair_step.j_label_seq_id_2 
_ndb_struct_na_base_pair_step.j_symmetry_2 
_ndb_struct_na_base_pair_step.shift 
_ndb_struct_na_base_pair_step.slide 
_ndb_struct_na_base_pair_step.rise 
_ndb_struct_na_base_pair_step.tilt 
_ndb_struct_na_base_pair_step.roll 
_ndb_struct_na_base_pair_step.twist 
_ndb_struct_na_base_pair_step.x_displacement 
_ndb_struct_na_base_pair_step.y_displacement 
_ndb_struct_na_base_pair_step.helical_rise 
_ndb_struct_na_base_pair_step.inclination 
_ndb_struct_na_base_pair_step.tip 
_ndb_struct_na_base_pair_step.helical_twist 
_ndb_struct_na_base_pair_step.step_number 
_ndb_struct_na_base_pair_step.step_name 
_ndb_struct_na_base_pair_step.i_auth_asym_id_1 
_ndb_struct_na_base_pair_step.i_auth_seq_id_1 
_ndb_struct_na_base_pair_step.i_PDB_ins_code_1 
_ndb_struct_na_base_pair_step.j_auth_asym_id_1 
_ndb_struct_na_base_pair_step.j_auth_seq_id_1 
_ndb_struct_na_base_pair_step.j_PDB_ins_code_1 
_ndb_struct_na_base_pair_step.i_auth_asym_id_2 
_ndb_struct_na_base_pair_step.i_auth_seq_id_2 
_ndb_struct_na_base_pair_step.i_PDB_ins_code_2 
_ndb_struct_na_base_pair_step.j_auth_asym_id_2 
_ndb_struct_na_base_pair_step.j_auth_seq_id_2 
_ndb_struct_na_base_pair_step.j_PDB_ins_code_2 
1 A DT 1 1_555 B DA 10 1_555 A DC 2  1_555 B DG 9 1_555 -0.234 0.370 6.831 0.476  6.495  20.522 -4.515 1.030  6.623 17.664  -1.294 
21.520 1 AA_DT1DC2:DG9DA10_BB A 1 ? B 10 ? A 2  ? B 9 ? 
1 A DC 2 1_555 B DG 9  1_555 A DG 3  1_555 B DC 8 1_555 -0.237 1.513 2.658 0.843  2.487  22.796 3.067  0.845  2.794 6.265   -2.123 
22.945 2 AA_DC2DG3:DC8DG9_BB  A 2 ? B 9  ? A 3  ? B 8 ? 
1 A DG 3 1_555 B DC 8  1_555 A DG 4  1_555 B DC 7 1_555 -0.184 0.789 5.283 -1.418 55.389 11.609 -5.274 0.038  1.904 79.073  2.024 
56.516 3 AA_DG3DG4:DC7DC8_BB  A 3 ? B 8  ? A 4  ? B 7 ? 
1 A DG 4 1_555 B DC 7  1_555 A DC 5  1_555 B DG 6 1_555 -1.216 0.503 3.283 -4.217 2.919  34.210 0.382  1.374  3.434 4.927   7.119 
34.581 4 AA_DG4DC5:DG6DC7_BB  A 4 ? B 7  ? A 5  ? B 6 ? 
1 A DC 5 1_555 B DG 6  1_555 A DG 6  1_555 B DC 5 1_555 0.053  0.589 3.294 -0.859 16.343 26.950 -2.164 -0.268 3.131 31.636  1.663 
31.451 5 AA_DC5DG6:DC5DG6_BB  A 5 ? B 6  ? A 6  ? B 5 ? 
1 A DG 6 1_555 B DC 5  1_555 A DC 7  1_555 B DG 4 1_555 1.143  0.574 3.181 6.391  2.334  33.574 0.603  -0.924 3.366 3.990   
-10.925 34.237 6 AA_DG6DC7:DG4DC5_BB  A 6 ? B 5  ? A 7  ? B 4 ? 
1 A DC 7 1_555 B DG 4  1_555 A DC 8  1_555 B DG 3 1_555 0.251  0.960 5.284 0.914  55.034 10.517 -5.325 -0.162 1.978 80.012  -1.329 
55.960 7 AA_DC7DC8:DG3DG4_BB  A 7 ? B 4  ? A 8  ? B 3 ? 
1 A DC 8 1_555 B DG 3  1_555 A DG 9  1_555 B DC 2 1_555 0.120  1.524 2.663 -2.315 3.995  23.051 2.594  -0.959 2.856 9.870   5.719 
23.503 8 AA_DC8DG9:DC2DG3_BB  A 8 ? B 3  ? A 9  ? B 2 ? 
1 A DG 9 1_555 B DC 2  1_555 A DA 10 1_555 B DT 1 1_555 1.323  0.219 6.967 0.263  -9.475 18.418 9.356  -3.441 6.125 -27.376 -0.760 
20.695 9 AA_DG9DA10:DT1DC2_BB A 9 ? B 2  ? A 10 ? B 1 ? 
# 
loop_
_pdbx_audit_support.funding_organization 
_pdbx_audit_support.country 
_pdbx_audit_support.grant_number 
_pdbx_audit_support.ordinal 
'Biotechnology and Biological Sciences Research Council' 'United Kingdom' BB/K019279/1 1 
'Biotechnology and Biological Sciences Research Council' 'United Kingdom' BB/M004635/1 2 
# 
_atom_sites.entry_id                    6HWG 
_atom_sites.fract_transf_matrix[1][1]   -0.00461113 
_atom_sites.fract_transf_matrix[1][2]   0.01220570 
_atom_sites.fract_transf_matrix[1][3]   -0.01627697 
_atom_sites.fract_transf_matrix[2][1]   -0.00171206 
_atom_sites.fract_transf_matrix[2][2]   0.01639780 
_atom_sites.fract_transf_matrix[2][3]   0.01278133 
_atom_sites.fract_transf_matrix[3][1]   0.02889566 
_atom_sites.fract_transf_matrix[3][2]   0.00593090 
_atom_sites.fract_transf_matrix[3][3]   -0.00373846 
_atom_sites.fract_transf_vector[1]      0.269864 
_atom_sites.fract_transf_vector[2]      -0.233398 
_atom_sites.fract_transf_vector[3]      0.049278 
# 
loop_
_atom_type.symbol 
BA 
C  
N  
O  
P  
RU 
# 
loop_
_atom_site.group_PDB 
_atom_site.id 
_atom_site.type_symbol 
_atom_site.label_atom_id 
_atom_site.label_alt_id 
_atom_site.label_comp_id 
_atom_site.label_asym_id 
_atom_site.label_entity_id 
_atom_site.label_seq_id 
_atom_site.pdbx_PDB_ins_code 
_atom_site.Cartn_x 
_atom_site.Cartn_y 
_atom_site.Cartn_z 
_atom_site.occupancy 
_atom_site.B_iso_or_equiv 
_atom_site.pdbx_formal_charge 
_atom_site.auth_seq_id 
_atom_site.auth_comp_id 
_atom_site.auth_asym_id 
_atom_site.auth_atom_id 
_atom_site.pdbx_PDB_model_num 
ATOM   1   O  "O5'" . DT  A 1 1  ? -15.195 8.629   4.493   1.00 72.62 ? 1   DT  A "O5'" 1 
ATOM   2   C  "C5'" . DT  A 1 1  ? -13.864 8.194   4.305   1.00 58.72 ? 1   DT  A "C5'" 1 
ATOM   3   C  "C4'" . DT  A 1 1  ? -13.225 7.878   5.638   1.00 64.43 ? 1   DT  A "C4'" 1 
ATOM   4   O  "O4'" . DT  A 1 1  ? -14.101 7.039   6.403   1.00 56.87 ? 1   DT  A "O4'" 1 
ATOM   5   C  "C3'" . DT  A 1 1  ? -11.944 7.070   5.565   1.00 55.10 ? 1   DT  A "C3'" 1 
ATOM   6   O  "O3'" . DT  A 1 1  ? -10.866 7.902   5.310   1.00 57.69 ? 1   DT  A "O3'" 1 
ATOM   7   C  "C2'" . DT  A 1 1  ? -11.853 6.501   6.968   1.00 52.97 ? 1   DT  A "C2'" 1 
ATOM   8   C  "C1'" . DT  A 1 1  ? -13.323 6.345   7.357   1.00 58.66 ? 1   DT  A "C1'" 1 
ATOM   9   N  N1    . DT  A 1 1  ? -13.752 4.945   7.419   1.00 63.74 ? 1   DT  A N1    1 
ATOM   10  C  C2    . DT  A 1 1  ? -13.931 4.386   8.646   1.00 55.72 ? 1   DT  A C2    1 
ATOM   11  O  O2    . DT  A 1 1  ? -13.765 5.002   9.678   1.00 49.79 ? 1   DT  A O2    1 
ATOM   12  N  N3    . DT  A 1 1  ? -14.317 3.083   8.629   1.00 65.37 ? 1   DT  A N3    1 
ATOM   13  C  C4    . DT  A 1 1  ? -14.522 2.287   7.521   1.00 72.56 ? 1   DT  A C4    1 
ATOM   14  O  O4    . DT  A 1 1  ? -14.871 1.114   7.613   1.00 80.90 ? 1   DT  A O4    1 
ATOM   15  C  C5    . DT  A 1 1  ? -14.300 2.929   6.252   1.00 72.53 ? 1   DT  A C5    1 
ATOM   16  C  C7    . DT  A 1 1  ? -14.495 2.164   4.974   1.00 74.21 ? 1   DT  A C7    1 
ATOM   17  C  C6    . DT  A 1 1  ? -13.921 4.218   6.260   1.00 70.97 ? 1   DT  A C6    1 
ATOM   18  P  P     . DC  A 1 2  ? -9.633  7.348   4.455   1.00 57.47 ? 2   DC  A P     1 
ATOM   19  O  OP1   . DC  A 1 2  ? -9.093  8.542   3.757   1.00 62.54 ? 2   DC  A OP1   1 
ATOM   20  O  OP2   . DC  A 1 2  ? -10.047 6.130   3.712   1.00 62.02 ? 2   DC  A OP2   1 
ATOM   21  O  "O5'" . DC  A 1 2  ? -8.622  6.738   5.540   1.00 45.57 ? 2   DC  A "O5'" 1 
ATOM   22  C  "C5'" . DC  A 1 2  ? -8.132  7.516   6.593   1.00 41.53 ? 2   DC  A "C5'" 1 
ATOM   23  C  "C4'" . DC  A 1 2  ? -7.000  6.784   7.279   1.00 36.15 ? 2   DC  A "C4'" 1 
ATOM   24  O  "O4'" . DC  A 1 2  ? -7.511  5.612   7.927   1.00 36.42 ? 2   DC  A "O4'" 1 
ATOM   25  C  "C3'" . DC  A 1 2  ? -5.908  6.302   6.338   1.00 34.20 ? 2   DC  A "C3'" 1 
ATOM   26  O  "O3'" . DC  A 1 2  ? -4.917  7.288   6.283   1.00 34.66 ? 2   DC  A "O3'" 1 
ATOM   27  C  "C2'" . DC  A 1 2  ? -5.392  5.021   7.001   1.00 32.68 ? 2   DC  A "C2'" 1 
ATOM   28  C  "C1'" . DC  A 1 2  ? -6.539  4.587   7.929   1.00 34.49 ? 2   DC  A "C1'" 1 
ATOM   29  N  N1    . DC  A 1 2  ? -7.223  3.343   7.522   1.00 34.40 ? 2   DC  A N1    1 
ATOM   30  C  C2    . DC  A 1 2  ? -7.398  2.308   8.452   1.00 33.09 ? 2   DC  A C2    1 
ATOM   31  O  O2    . DC  A 1 2  ? -6.937  2.438   9.582   1.00 33.22 ? 2   DC  A O2    1 
ATOM   32  N  N3    . DC  A 1 2  ? -8.060  1.196   8.072   1.00 33.24 ? 2   DC  A N3    1 
ATOM   33  C  C4    . DC  A 1 2  ? -8.538  1.096   6.832   1.00 33.45 ? 2   DC  A C4    1 
ATOM   34  N  N4    . DC  A 1 2  ? -9.186  -0.019  6.503   1.00 34.08 ? 2   DC  A N4    1 
ATOM   35  C  C5    . DC  A 1 2  ? -8.384  2.140   5.879   1.00 33.43 ? 2   DC  A C5    1 
ATOM   36  C  C6    . DC  A 1 2  ? -7.736  3.238   6.267   1.00 39.64 ? 2   DC  A C6    1 
ATOM   37  P  P     . DG  A 1 3  ? -3.639  7.143   5.327   1.00 33.37 ? 3   DG  A P     1 
ATOM   38  O  OP1   . DG  A 1 3  ? -3.155  8.525   5.140   1.00 35.07 ? 3   DG  A OP1   1 
ATOM   39  O  OP2   . DG  A 1 3  ? -3.966  6.347   4.130   1.00 34.49 ? 3   DG  A OP2   1 
ATOM   40  O  "O5'" . DG  A 1 3  ? -2.583  6.373   6.228   1.00 37.44 ? 3   DG  A "O5'" 1 
ATOM   41  C  "C5'" . DG  A 1 3  ? -2.120  6.990   7.426   1.00 37.73 ? 3   DG  A "C5'" 1 
ATOM   42  C  "C4'" . DG  A 1 3  ? -1.430  5.983   8.319   1.00 33.62 ? 3   DG  A "C4'" 1 
ATOM   43  O  "O4'" . DG  A 1 3  ? -2.383  4.996   8.760   1.00 32.48 ? 3   DG  A "O4'" 1 
ATOM   44  C  "C3'" . DG  A 1 3  ? -0.326  5.216   7.641   1.00 38.93 ? 3   DG  A "C3'" 1 
ATOM   45  O  "O3'" . DG  A 1 3  ? 0.886   5.894   7.851   1.00 35.06 ? 3   DG  A "O3'" 1 
ATOM   46  C  "C2'" . DG  A 1 3  ? -0.337  3.859   8.348   1.00 31.56 ? 3   DG  A "C2'" 1 
ATOM   47  C  "C1'" . DG  A 1 3  ? -1.795  3.714   8.790   1.00 35.09 ? 3   DG  A "C1'" 1 
ATOM   48  N  N9    . DG  A 1 3  ? -2.610  2.860   7.943   1.00 30.53 ? 3   DG  A N9    1 
ATOM   49  C  C8    . DG  A 1 3  ? -2.780  2.957   6.580   1.00 34.37 ? 3   DG  A C8    1 
ATOM   50  N  N7    . DG  A 1 3  ? -3.622  2.079   6.099   1.00 34.20 ? 3   DG  A N7    1 
ATOM   51  C  C5    . DG  A 1 3  ? -4.028  1.355   7.211   1.00 29.64 ? 3   DG  A C5    1 
ATOM   52  C  C6    . DG  A 1 3  ? -4.929  0.273   7.299   1.00 29.90 ? 3   DG  A C6    1 
ATOM   53  O  O6    . DG  A 1 3  ? -5.560  -0.254  6.378   1.00 30.64 ? 3   DG  A O6    1 
ATOM   54  N  N1    . DG  A 1 3  ? -5.060  -0.194  8.612   1.00 30.59 ? 3   DG  A N1    1 
ATOM   55  C  C2    . DG  A 1 3  ? -4.405  0.356   9.703   1.00 30.99 ? 3   DG  A C2    1 
ATOM   56  N  N2    . DG  A 1 3  ? -4.662  -0.208  10.901  1.00 31.84 ? 3   DG  A N2    1 
ATOM   57  N  N3    . DG  A 1 3  ? -3.558  1.382   9.626   1.00 30.93 ? 3   DG  A N3    1 
ATOM   58  C  C4    . DG  A 1 3  ? -3.434  1.838   8.358   1.00 30.25 ? 3   DG  A C4    1 
ATOM   59  P  P     . DG  A 1 4  ? 1.976   5.932   6.689   1.00 33.44 ? 4   DG  A P     1 
ATOM   60  O  OP1   . DG  A 1 4  ? 3.115   6.704   7.222   1.00 36.39 ? 4   DG  A OP1   1 
ATOM   61  O  OP2   . DG  A 1 4  ? 1.301   6.282   5.440   1.00 32.51 ? 4   DG  A OP2   1 
ATOM   62  O  "O5'" . DG  A 1 4  ? 2.431   4.426   6.560   1.00 32.22 ? 4   DG  A "O5'" 1 
ATOM   63  C  "C5'" . DG  A 1 4  ? 3.308   3.895   7.521   1.00 33.43 ? 4   DG  A "C5'" 1 
ATOM   64  C  "C4'" . DG  A 1 4  ? 3.814   2.545   7.087   1.00 32.73 ? 4   DG  A "C4'" 1 
ATOM   65  O  "O4'" . DG  A 1 4  ? 2.692   1.647   6.882   1.00 32.70 ? 4   DG  A "O4'" 1 
ATOM   66  C  "C3'" . DG  A 1 4  ? 4.600   2.522   5.784   1.00 32.47 ? 4   DG  A "C3'" 1 
ATOM   67  O  "O3'" . DG  A 1 4  ? 5.547   1.495   5.893   1.00 45.59 ? 4   DG  A "O3'" 1 
ATOM   68  C  "C2'" . DG  A 1 4  ? 3.519   2.152   4.758   1.00 30.30 ? 4   DG  A "C2'" 1 
ATOM   69  C  "C1'" . DG  A 1 4  ? 2.725   1.132   5.564   1.00 29.83 ? 4   DG  A "C1'" 1 
ATOM   70  N  N9    . DG  A 1 4  ? 1.340   0.931   5.130   1.00 30.51 ? 4   DG  A N9    1 
ATOM   71  C  C8    . DG  A 1 4  ? 0.460   1.887   4.666   1.00 34.12 ? 4   DG  A C8    1 
ATOM   72  N  N7    . DG  A 1 4  ? -0.726  1.410   4.391   1.00 29.49 ? 4   DG  A N7    1 
ATOM   73  C  C5    . DG  A 1 4  ? -0.637  0.058   4.709   1.00 29.25 ? 4   DG  A C5    1 
ATOM   74  C  C6    . DG  A 1 4  ? -1.606  -0.969  4.606   1.00 30.98 ? 4   DG  A C6    1 
ATOM   75  O  O6    . DG  A 1 4  ? -2.784  -0.879  4.207   1.00 36.50 ? 4   DG  A O6    1 
ATOM   76  N  N1    . DG  A 1 4  ? -1.103  -2.200  5.024   1.00 27.82 ? 4   DG  A N1    1 
ATOM   77  C  C2    . DG  A 1 4  ? 0.183   -2.422  5.466   1.00 35.06 ? 4   DG  A C2    1 
ATOM   78  N  N2    . DG  A 1 4  ? 0.489   -3.686  5.825   1.00 29.25 ? 4   DG  A N2    1 
ATOM   79  N  N3    . DG  A 1 4  ? 1.104   -1.469  5.560   1.00 35.49 ? 4   DG  A N3    1 
ATOM   80  C  C4    . DG  A 1 4  ? 0.626   -0.257  5.158   1.00 32.97 ? 4   DG  A C4    1 
ATOM   81  P  P     . DC  A 1 5  ? 6.932   1.532   5.092   1.00 40.42 ? 5   DC  A P     1 
ATOM   82  O  OP1   . DC  A 1 5  ? 7.919   2.192   5.966   1.00 41.20 ? 5   DC  A OP1   1 
ATOM   83  O  OP2   . DC  A 1 5  ? 6.680   2.001   3.730   1.00 33.28 ? 5   DC  A OP2   1 
ATOM   84  O  "O5'" . DC  A 1 5  ? 7.280   -0.020  4.948   1.00 42.43 ? 5   DC  A "O5'" 1 
ATOM   85  C  "C5'" . DC  A 1 5  ? 7.240   -0.869  6.090   1.00 41.10 ? 5   DC  A "C5'" 1 
ATOM   86  C  "C4'" . DC  A 1 5  ? 6.915   -2.279  5.672   1.00 35.19 ? 5   DC  A "C4'" 1 
ATOM   87  O  "O4'" . DC  A 1 5  ? 5.558   -2.327  5.218   1.00 34.98 ? 5   DC  A "O4'" 1 
ATOM   88  C  "C3'" . DC  A 1 5  ? 7.782   -2.819  4.538   1.00 36.63 ? 5   DC  A "C3'" 1 
ATOM   89  O  "O3'" . DC  A 1 5  ? 8.303   -4.075  4.920   1.00 42.85 ? 5   DC  A "O3'" 1 
ATOM   90  C  "C2'" . DC  A 1 5  ? 6.832   -2.926  3.340   1.00 33.13 ? 5   DC  A "C2'" 1 
ATOM   91  C  "C1'" . DC  A 1 5  ? 5.479   -3.057  4.023   1.00 32.10 ? 5   DC  A "C1'" 1 
ATOM   92  N  N1    . DC  A 1 5  ? 4.324   -2.521  3.292   1.00 32.64 ? 5   DC  A N1    1 
ATOM   93  C  C2    . DC  A 1 5  ? 3.205   -3.339  3.142   1.00 41.02 ? 5   DC  A C2    1 
ATOM   94  O  O2    . DC  A 1 5  ? 3.272   -4.514  3.546   1.00 38.21 ? 5   DC  A O2    1 
ATOM   95  N  N3    . DC  A 1 5  ? 2.094   -2.839  2.549   1.00 30.08 ? 5   DC  A N3    1 
ATOM   96  C  C4    . DC  A 1 5  ? 2.066   -1.582  2.130   1.00 31.28 ? 5   DC  A C4    1 
ATOM   97  N  N4    . DC  A 1 5  ? 0.935   -1.140  1.535   1.00 31.23 ? 5   DC  A N4    1 
ATOM   98  C  C5    . DC  A 1 5  ? 3.192   -0.721  2.294   1.00 29.91 ? 5   DC  A C5    1 
ATOM   99  C  C6    . DC  A 1 5  ? 4.286   -1.225  2.892   1.00 31.13 ? 5   DC  A C6    1 
ATOM   100 P  P     . DG  A 1 6  ? 9.680   -4.595  4.305   1.00 47.27 ? 6   DG  A P     1 
ATOM   101 O  OP1   . DG  A 1 6  ? 10.218  -5.572  5.272   1.00 48.00 ? 6   DG  A OP1   1 
ATOM   102 O  OP2   . DG  A 1 6  ? 10.469  -3.428  3.865   1.00 50.53 ? 6   DG  A OP2   1 
ATOM   103 O  "O5'" . DG  A 1 6  ? 9.228   -5.373  2.995   1.00 49.23 ? 6   DG  A "O5'" 1 
ATOM   104 C  "C5'" . DG  A 1 6  ? 8.482   -6.574  3.116   1.00 38.35 ? 6   DG  A "C5'" 1 
ATOM   105 C  "C4'" . DG  A 1 6  ? 7.881   -6.935  1.782   1.00 36.50 ? 6   DG  A "C4'" 1 
ATOM   106 O  "O4'" . DG  A 1 6  ? 6.757   -6.083  1.513   1.00 43.03 ? 6   DG  A "O4'" 1 
ATOM   107 C  "C3'" . DG  A 1 6  ? 8.834   -6.771  0.593   1.00 37.01 ? 6   DG  A "C3'" 1 
ATOM   108 O  "O3'" . DG  A 1 6  ? 9.077   -8.049  0.033   1.00 38.50 ? 6   DG  A "O3'" 1 
ATOM   109 C  "C2'" . DG  A 1 6  ? 8.085   -5.840  -0.382  1.00 34.11 ? 6   DG  A "C2'" 1 
ATOM   110 C  "C1'" . DG  A 1 6  ? 6.649   -5.920  0.128   1.00 38.19 ? 6   DG  A "C1'" 1 
ATOM   111 N  N9    . DG  A 1 6  ? 5.819   -4.741  -0.122  1.00 33.89 ? 6   DG  A N9    1 
ATOM   112 C  C8    . DG  A 1 6  ? 6.187   -3.412  -0.067  1.00 35.45 ? 6   DG  A C8    1 
ATOM   113 N  N7    . DG  A 1 6  ? 5.199   -2.589  -0.296  1.00 32.44 ? 6   DG  A N7    1 
ATOM   114 C  C5    . DG  A 1 6  ? 4.103   -3.426  -0.519  1.00 33.93 ? 6   DG  A C5    1 
ATOM   115 C  C6    . DG  A 1 6  ? 2.750   -3.116  -0.832  1.00 27.44 ? 6   DG  A C6    1 
ATOM   116 O  O6    . DG  A 1 6  ? 2.224   -2.002  -0.984  1.00 29.63 ? 6   DG  A O6    1 
ATOM   117 N  N1    . DG  A 1 6  ? 1.977   -4.264  -0.962  1.00 35.13 ? 6   DG  A N1    1 
ATOM   118 C  C2    . DG  A 1 6  ? 2.451   -5.554  -0.828  1.00 36.28 ? 6   DG  A C2    1 
ATOM   119 N  N2    . DG  A 1 6  ? 1.557   -6.540  -0.993  1.00 38.22 ? 6   DG  A N2    1 
ATOM   120 N  N3    . DG  A 1 6  ? 3.710   -5.859  -0.552  1.00 37.70 ? 6   DG  A N3    1 
ATOM   121 C  C4    . DG  A 1 6  ? 4.475   -4.749  -0.403  1.00 31.28 ? 6   DG  A C4    1 
ATOM   122 P  P     . DC  A 1 7  ? 10.232  -8.297  -1.053  1.00 42.75 ? 7   DC  A P     1 
ATOM   123 O  OP1   . DC  A 1 7  ? 10.677  -9.689  -0.852  1.00 53.26 ? 7   DC  A OP1   1 
ATOM   124 O  OP2   . DC  A 1 7  ? 11.204  -7.189  -1.068  1.00 50.72 ? 7   DC  A OP2   1 
ATOM   125 O  "O5'" . DC  A 1 7  ? 9.441   -8.251  -2.416  1.00 39.85 ? 7   DC  A "O5'" 1 
ATOM   126 C  "C5'" . DC  A 1 7  ? 8.310   -9.041  -2.550  1.00 36.82 ? 7   DC  A "C5'" 1 
ATOM   127 C  "C4'" . DC  A 1 7  ? 7.522   -8.604  -3.748  1.00 34.47 ? 7   DC  A "C4'" 1 
ATOM   128 O  "O4'" . DC  A 1 7  ? 6.666   -7.508  -3.395  1.00 33.61 ? 7   DC  A "O4'" 1 
ATOM   129 C  "C3'" . DC  A 1 7  ? 8.355   -8.047  -4.872  1.00 34.36 ? 7   DC  A "C3'" 1 
ATOM   130 O  "O3'" . DC  A 1 7  ? 8.844   -9.114  -5.674  1.00 41.93 ? 7   DC  A "O3'" 1 
ATOM   131 C  "C2'" . DC  A 1 7  ? 7.332   -7.208  -5.631  1.00 31.76 ? 7   DC  A "C2'" 1 
ATOM   132 C  "C1'" . DC  A 1 7  ? 6.241   -6.914  -4.573  1.00 31.02 ? 7   DC  A "C1'" 1 
ATOM   133 N  N1    . DC  A 1 7  ? 6.045   -5.504  -4.287  1.00 37.24 ? 7   DC  A N1    1 
ATOM   134 C  C2    . DC  A 1 7  ? 4.734   -4.978  -4.201  1.00 28.47 ? 7   DC  A C2    1 
ATOM   135 O  O2    . DC  A 1 7  ? 3.758   -5.716  -4.415  1.00 30.56 ? 7   DC  A O2    1 
ATOM   136 N  N3    . DC  A 1 7  ? 4.582   -3.671  -3.925  1.00 28.39 ? 7   DC  A N3    1 
ATOM   137 C  C4    . DC  A 1 7  ? 5.648   -2.904  -3.724  1.00 27.42 ? 7   DC  A C4    1 
ATOM   138 N  N4    . DC  A 1 7  ? 5.438   -1.610  -3.437  1.00 30.88 ? 7   DC  A N4    1 
ATOM   139 C  C5    . DC  A 1 7  ? 6.978   -3.429  -3.758  1.00 29.04 ? 7   DC  A C5    1 
ATOM   140 C  C6    . DC  A 1 7  ? 7.129   -4.717  -4.051  1.00 29.85 ? 7   DC  A C6    1 
ATOM   141 P  P     . DC  A 1 8  ? 10.245  -8.975  -6.446  1.00 42.29 ? 8   DC  A P     1 
ATOM   142 O  OP1   . DC  A 1 8  ? 10.459  -10.318 -7.025  1.00 41.22 ? 8   DC  A OP1   1 
ATOM   143 O  OP2   . DC  A 1 8  ? 11.251  -8.399  -5.544  1.00 45.22 ? 8   DC  A OP2   1 
ATOM   144 O  "O5'" . DC  A 1 8  ? 9.987   -7.860  -7.559  1.00 40.03 ? 8   DC  A "O5'" 1 
ATOM   145 C  "C5'" . DC  A 1 8  ? 9.333   -8.200  -8.770  1.00 39.67 ? 8   DC  A "C5'" 1 
ATOM   146 C  "C4'" . DC  A 1 8  ? 9.193   -7.000  -9.695  1.00 32.82 ? 8   DC  A "C4'" 1 
ATOM   147 O  "O4'" . DC  A 1 8  ? 8.330   -6.009  -9.106  1.00 31.16 ? 8   DC  A "O4'" 1 
ATOM   148 C  "C3'" . DC  A 1 8  ? 10.468  -6.252  -10.019 1.00 33.83 ? 8   DC  A "C3'" 1 
ATOM   149 O  "O3'" . DC  A 1 8  ? 11.062  -6.814  -11.162 1.00 39.21 ? 8   DC  A "O3'" 1 
ATOM   150 C  "C2'" . DC  A 1 8  ? 9.975   -4.836  -10.323 1.00 33.98 ? 8   DC  A "C2'" 1 
ATOM   151 C  "C1'" . DC  A 1 8  ? 8.556   -4.794  -9.746  1.00 38.58 ? 8   DC  A "C1'" 1 
ATOM   152 N  N1    . DC  A 1 8  ? 8.363   -3.748  -8.747  1.00 40.12 ? 8   DC  A N1    1 
ATOM   153 C  C2    . DC  A 1 8  ? 7.372   -2.777  -8.950  1.00 30.41 ? 8   DC  A C2    1 
ATOM   154 O  O2    . DC  A 1 8  ? 6.708   -2.809  -9.979  1.00 27.40 ? 8   DC  A O2    1 
ATOM   155 N  N3    . DC  A 1 8  ? 7.170   -1.843  -8.009  1.00 29.36 ? 8   DC  A N3    1 
ATOM   156 C  C4    . DC  A 1 8  ? 7.919   -1.844  -6.904  1.00 32.79 ? 8   DC  A C4    1 
ATOM   157 N  N4    . DC  A 1 8  ? 7.677   -0.897  -5.995  1.00 32.66 ? 8   DC  A N4    1 
ATOM   158 C  C5    . DC  A 1 8  ? 8.930   -2.837  -6.669  1.00 32.68 ? 8   DC  A C5    1 
ATOM   159 C  C6    . DC  A 1 8  ? 9.121   -3.758  -7.614  1.00 30.62 ? 8   DC  A C6    1 
ATOM   160 P  P     . DG  A 1 9  ? 12.552  -6.396  -11.601 1.00 38.66 ? 9   DG  A P     1 
ATOM   161 O  OP1   . DG  A 1 9  ? 13.082  -7.559  -12.363 1.00 42.63 ? 9   DG  A OP1   1 
ATOM   162 O  OP2   . DG  A 1 9  ? 13.262  -5.893  -10.410 1.00 44.16 ? 9   DG  A OP2   1 
ATOM   163 O  "O5'" . DG  A 1 9  ? 12.337  -5.200  -12.598 1.00 37.15 ? 9   DG  A "O5'" 1 
ATOM   164 C  "C5'" . DG  A 1 9  ? 11.829  -5.439  -13.892 1.00 34.76 ? 9   DG  A "C5'" 1 
ATOM   165 C  "C4'" . DG  A 1 9  ? 11.372  -4.150  -14.528 1.00 34.32 ? 9   DG  A "C4'" 1 
ATOM   166 O  "O4'" . DG  A 1 9  ? 10.313  -3.576  -13.731 1.00 38.94 ? 9   DG  A "O4'" 1 
ATOM   167 C  "C3'" . DG  A 1 9  ? 12.438  -3.086  -14.634 1.00 39.10 ? 9   DG  A "C3'" 1 
ATOM   168 O  "O3'" . DG  A 1 9  ? 13.045  -3.213  -15.886 1.00 40.87 ? 9   DG  A "O3'" 1 
ATOM   169 C  "C2'" . DG  A 1 9  ? 11.632  -1.787  -14.543 1.00 37.14 ? 9   DG  A "C2'" 1 
ATOM   170 C  "C1'" . DG  A 1 9  ? 10.420  -2.190  -13.688 1.00 37.29 ? 9   DG  A "C1'" 1 
ATOM   171 N  N9    . DG  A 1 9  ? 10.511  -1.783  -12.289 1.00 42.00 ? 9   DG  A N9    1 
ATOM   172 C  C8    . DG  A 1 9  ? 11.453  -2.168  -11.366 1.00 36.31 ? 9   DG  A C8    1 
ATOM   173 N  N7    . DG  A 1 9  ? 11.269  -1.636  -10.186 1.00 36.16 ? 9   DG  A N7    1 
ATOM   174 C  C5    . DG  A 1 9  ? 10.120  -0.859  -10.340 1.00 33.84 ? 9   DG  A C5    1 
ATOM   175 C  C6    . DG  A 1 9  ? 9.449   -0.015  -9.414  1.00 32.54 ? 9   DG  A C6    1 
ATOM   176 O  O6    . DG  A 1 9  ? 9.723   0.190   -8.229  1.00 35.40 ? 9   DG  A O6    1 
ATOM   177 N  N1    . DG  A 1 9  ? 8.339   0.600   -9.987  1.00 28.50 ? 9   DG  A N1    1 
ATOM   178 C  C2    . DG  A 1 9  ? 7.947   0.437   -11.297 1.00 35.97 ? 9   DG  A C2    1 
ATOM   179 N  N2    . DG  A 1 9  ? 6.849   1.090   -11.683 1.00 31.34 ? 9   DG  A N2    1 
ATOM   180 N  N3    . DG  A 1 9  ? 8.586   -0.321  -12.171 1.00 32.07 ? 9   DG  A N3    1 
ATOM   181 C  C4    . DG  A 1 9  ? 9.654   -0.934  -11.627 1.00 32.12 ? 9   DG  A C4    1 
ATOM   182 P  P     . DA  A 1 10 ? 14.501  -2.616  -16.171 1.00 44.54 ? 10  DA  A P     1 
ATOM   183 O  OP1   . DA  A 1 10 ? 14.881  -3.304  -17.417 1.00 48.80 ? 10  DA  A OP1   1 
ATOM   184 O  OP2   . DA  A 1 10 ? 15.361  -2.642  -14.968 1.00 45.54 ? 10  DA  A OP2   1 
ATOM   185 O  "O5'" . DA  A 1 10 ? 14.264  -1.054  -16.445 1.00 41.23 ? 10  DA  A "O5'" 1 
ATOM   186 C  "C5'" . DA  A 1 10 ? 13.340  -0.629  -17.411 1.00 49.81 ? 10  DA  A "C5'" 1 
ATOM   187 C  "C4'" . DA  A 1 10 ? 13.182  0.886   -17.394 1.00 43.79 ? 10  DA  A "C4'" 1 
ATOM   188 O  "O4'" . DA  A 1 10 ? 12.803  1.338   -16.081 1.00 46.66 ? 10  DA  A "O4'" 1 
ATOM   189 C  "C3'" . DA  A 1 10 ? 14.433  1.671   -17.671 1.00 45.35 ? 10  DA  A "C3'" 1 
ATOM   190 O  "O3'" . DA  A 1 10 ? 14.687  1.709   -19.060 1.00 52.40 ? 10  DA  A "O3'" 1 
ATOM   191 C  "C2'" . DA  A 1 10 ? 14.050  3.048   -17.143 1.00 46.92 ? 10  DA  A "C2'" 1 
ATOM   192 C  "C1'" . DA  A 1 10 ? 13.094  2.713   -15.991 1.00 39.49 ? 10  DA  A "C1'" 1 
ATOM   193 N  N9    . DA  A 1 10 ? 13.648  2.997   -14.671 1.00 47.35 ? 10  DA  A N9    1 
ATOM   194 C  C8    . DA  A 1 10 ? 14.760  2.447   -14.101 1.00 44.60 ? 10  DA  A C8    1 
ATOM   195 N  N7    . DA  A 1 10 ? 15.028  2.918   -12.905 1.00 51.68 ? 10  DA  A N7    1 
ATOM   196 C  C5    . DA  A 1 10 ? 14.024  3.840   -12.675 1.00 41.56 ? 10  DA  A C5    1 
ATOM   197 C  C6    . DA  A 1 10 ? 13.734  4.674   -11.583 1.00 39.25 ? 10  DA  A C6    1 
ATOM   198 N  N6    . DA  A 1 10 ? 14.466  4.708   -10.476 1.00 49.72 ? 10  DA  A N6    1 
ATOM   199 N  N1    . DA  A 1 10 ? 12.662  5.475   -11.674 1.00 43.04 ? 10  DA  A N1    1 
ATOM   200 C  C2    . DA  A 1 10 ? 11.931  5.445   -12.793 1.00 43.37 ? 10  DA  A C2    1 
ATOM   201 N  N3    . DA  A 1 10 ? 12.101  4.702   -13.882 1.00 35.84 ? 10  DA  A N3    1 
ATOM   202 C  C4    . DA  A 1 10 ? 13.175  3.916   -13.760 1.00 43.20 ? 10  DA  A C4    1 
ATOM   203 O  "O5'" . DT  B 1 1  ? 8.465   13.478  -9.296  1.00 84.69 ? 1   DT  B "O5'" 1 
ATOM   204 C  "C5'" . DT  B 1 1  ? 8.725   12.648  -8.158  1.00 75.30 ? 1   DT  B "C5'" 1 
ATOM   205 C  "C4'" . DT  B 1 1  ? 8.503   11.196  -8.512  1.00 68.17 ? 1   DT  B "C4'" 1 
ATOM   206 O  "O4'" . DT  B 1 1  ? 9.738   10.592  -8.870  1.00 63.96 ? 1   DT  B "O4'" 1 
ATOM   207 C  "C3'" . DT  B 1 1  ? 7.979   10.305  -7.391  1.00 66.45 ? 1   DT  B "C3'" 1 
ATOM   208 O  "O3'" . DT  B 1 1  ? 6.572   10.274  -7.440  1.00 62.73 ? 1   DT  B "O3'" 1 
ATOM   209 C  "C2'" . DT  B 1 1  ? 8.585   8.922   -7.712  1.00 63.54 ? 1   DT  B "C2'" 1 
ATOM   210 C  "C1'" . DT  B 1 1  ? 9.514   9.211   -8.884  1.00 62.94 ? 1   DT  B "C1'" 1 
ATOM   211 N  N1    . DT  B 1 1  ? 10.790  8.539   -8.796  1.00 64.94 ? 1   DT  B N1    1 
ATOM   212 C  C2    . DT  B 1 1  ? 11.138  7.673   -9.785  1.00 57.49 ? 1   DT  B C2    1 
ATOM   213 O  O2    . DT  B 1 1  ? 10.431  7.449   -10.738 1.00 51.47 ? 1   DT  B O2    1 
ATOM   214 N  N3    . DT  B 1 1  ? 12.352  7.088   -9.631  1.00 65.76 ? 1   DT  B N3    1 
ATOM   215 C  C4    . DT  B 1 1  ? 13.251  7.297   -8.603  1.00 77.64 ? 1   DT  B C4    1 
ATOM   216 O  O4    . DT  B 1 1  ? 14.338  6.725   -8.554  1.00 81.58 ? 1   DT  B O4    1 
ATOM   217 C  C5    . DT  B 1 1  ? 12.825  8.234   -7.591  1.00 79.17 ? 1   DT  B C5    1 
ATOM   218 C  C7    . DT  B 1 1  ? 13.713  8.538   -6.417  1.00 83.05 ? 1   DT  B C7    1 
ATOM   219 C  C6    . DT  B 1 1  ? 11.626  8.807   -7.737  1.00 74.47 ? 1   DT  B C6    1 
ATOM   220 P  P     . DC  B 1 2  ? 5.733   9.414   -6.369  1.00 67.14 ? 2   DC  B P     1 
ATOM   221 O  OP1   . DC  B 1 2  ? 4.668   10.325  -5.885  1.00 71.13 ? 2   DC  B OP1   1 
ATOM   222 O  OP2   . DC  B 1 2  ? 6.623   8.714   -5.411  1.00 69.52 ? 2   DC  B OP2   1 
ATOM   223 O  "O5'" . DC  B 1 2  ? 5.127   8.218   -7.230  1.00 48.81 ? 2   DC  B "O5'" 1 
ATOM   224 C  "C5'" . DC  B 1 2  ? 4.284   8.472   -8.311  1.00 43.88 ? 2   DC  B "C5'" 1 
ATOM   225 C  "C4'" . DC  B 1 2  ? 3.635   7.181   -8.753  1.00 34.90 ? 2   DC  B "C4'" 1 
ATOM   226 O  "O4'" . DC  B 1 2  ? 4.650   6.245   -9.121  1.00 33.02 ? 2   DC  B "O4'" 1 
ATOM   227 C  "C3'" . DC  B 1 2  ? 2.807   6.493   -7.678  1.00 32.19 ? 2   DC  B "C3'" 1 
ATOM   228 O  "O3'" . DC  B 1 2  ? 1.493   6.945   -7.795  1.00 32.71 ? 2   DC  B "O3'" 1 
ATOM   229 C  "C2'" . DC  B 1 2  ? 2.930   5.009   -8.018  1.00 30.50 ? 2   DC  B "C2'" 1 
ATOM   230 C  "C1'" . DC  B 1 2  ? 4.203   4.931   -8.882  1.00 32.31 ? 2   DC  B "C1'" 1 
ATOM   231 N  N1    . DC  B 1 2  ? 5.313   4.209   -8.256  1.00 30.76 ? 2   DC  B N1    1 
ATOM   232 C  C2    . DC  B 1 2  ? 5.928   3.159   -8.941  1.00 30.43 ? 2   DC  B C2    1 
ATOM   233 O  O2    . DC  B 1 2  ? 5.501   2.841   -10.048 1.00 30.27 ? 2   DC  B O2    1 
ATOM   234 N  N3    . DC  B 1 2  ? 6.960   2.506   -8.357  1.00 30.66 ? 2   DC  B N3    1 
ATOM   235 C  C4    . DC  B 1 2  ? 7.371   2.870   -7.148  1.00 31.17 ? 2   DC  B C4    1 
ATOM   236 N  N4    . DC  B 1 2  ? 8.399   2.213   -6.615  1.00 36.08 ? 2   DC  B N4    1 
ATOM   237 C  C5    . DC  B 1 2  ? 6.772   3.948   -6.438  1.00 33.36 ? 2   DC  B C5    1 
ATOM   238 C  C6    . DC  B 1 2  ? 5.749   4.581   -7.022  1.00 33.36 ? 2   DC  B C6    1 
ATOM   239 P  P     . DG  B 1 3  ? 0.367   6.520   -6.749  1.00 32.21 ? 3   DG  B P     1 
ATOM   240 O  OP1   . DG  B 1 3  ? -0.633  7.615   -6.806  1.00 33.59 ? 3   DG  B OP1   1 
ATOM   241 O  OP2   . DG  B 1 3  ? 0.973   6.176   -5.457  1.00 34.10 ? 3   DG  B OP2   1 
ATOM   242 O  "O5'" . DG  B 1 3  ? -0.246  5.208   -7.408  1.00 34.56 ? 3   DG  B "O5'" 1 
ATOM   243 C  "C5'" . DG  B 1 3  ? -0.750  5.273   -8.740  1.00 31.63 ? 3   DG  B "C5'" 1 
ATOM   244 C  "C4'" . DG  B 1 3  ? -0.956  3.888   -9.303  1.00 30.82 ? 3   DG  B "C4'" 1 
ATOM   245 O  "O4'" . DG  B 1 3  ? 0.323   3.281   -9.545  1.00 29.92 ? 3   DG  B "O4'" 1 
ATOM   246 C  "C3'" . DG  B 1 3  ? -1.704  2.956   -8.378  1.00 35.31 ? 3   DG  B "C3'" 1 
ATOM   247 O  "O3'" . DG  B 1 3  ? -3.078  3.031   -8.692  1.00 36.47 ? 3   DG  B "O3'" 1 
ATOM   248 C  "C2'" . DG  B 1 3  ? -1.122  1.578   -8.706  1.00 29.24 ? 3   DG  B "C2'" 1 
ATOM   249 C  "C1'" . DG  B 1 3  ? 0.300   1.918   -9.184  1.00 34.42 ? 3   DG  B "C1'" 1 
ATOM   250 N  N9    . DG  B 1 3  ? 1.359   1.725   -8.202  1.00 30.02 ? 3   DG  B N9    1 
ATOM   251 C  C8    . DG  B 1 3  ? 1.409   2.194   -6.910  1.00 27.70 ? 3   DG  B C8    1 
ATOM   252 N  N7    . DG  B 1 3  ? 2.530   1.908   -6.298  1.00 27.43 ? 3   DG  B N7    1 
ATOM   253 C  C5    . DG  B 1 3  ? 3.254   1.187   -7.238  1.00 27.61 ? 3   DG  B C5    1 
ATOM   254 C  C6    . DG  B 1 3  ? 4.539   0.595   -7.146  1.00 27.91 ? 3   DG  B C6    1 
ATOM   255 O  O6    . DG  B 1 3  ? 5.315   0.602   -6.177  1.00 28.18 ? 3   DG  B O6    1 
ATOM   256 N  N1    . DG  B 1 3  ? 4.895   -0.049  -8.333  1.00 28.30 ? 3   DG  B N1    1 
ATOM   257 C  C2    . DG  B 1 3  ? 4.116   -0.101  -9.462  1.00 28.40 ? 3   DG  B C2    1 
ATOM   258 N  N2    . DG  B 1 3  ? 4.633   -0.759  -10.519 1.00 28.99 ? 3   DG  B N2    1 
ATOM   259 N  N3    . DG  B 1 3  ? 2.917   0.449   -9.560  1.00 28.31 ? 3   DG  B N3    1 
ATOM   260 C  C4    . DG  B 1 3  ? 2.557   1.083   -8.418  1.00 27.91 ? 3   DG  B C4    1 
ATOM   261 P  P     . DG  B 1 4  ? -4.179  2.876   -7.546  1.00 36.61 ? 4   DG  B P     1 
ATOM   262 O  OP1   . DG  B 1 4  ? -5.482  2.924   -8.250  1.00 34.35 ? 4   DG  B OP1   1 
ATOM   263 O  OP2   . DG  B 1 4  ? -3.838  3.757   -6.426  1.00 33.68 ? 4   DG  B OP2   1 
ATOM   264 O  "O5'" . DG  B 1 4  ? -3.983  1.402   -7.035  1.00 30.40 ? 4   DG  B "O5'" 1 
ATOM   265 C  "C5'" . DG  B 1 4  ? -4.536  0.351   -7.780  1.00 31.46 ? 4   DG  B "C5'" 1 
ATOM   266 C  "C4'" . DG  B 1 4  ? -4.456  -0.943  -7.014  1.00 32.59 ? 4   DG  B "C4'" 1 
ATOM   267 O  "O4'" . DG  B 1 4  ? -3.072  -1.238  -6.672  1.00 36.16 ? 4   DG  B "O4'" 1 
ATOM   268 C  "C3'" . DG  B 1 4  ? -5.215  -0.980  -5.700  1.00 30.84 ? 4   DG  B "C3'" 1 
ATOM   269 O  "O3'" . DG  B 1 4  ? -5.618  -2.297  -5.524  1.00 45.12 ? 4   DG  B "O3'" 1 
ATOM   270 C  "C2'" . DG  B 1 4  ? -4.128  -0.620  -4.684  1.00 28.88 ? 4   DG  B "C2'" 1 
ATOM   271 C  "C1'" . DG  B 1 4  ? -2.954  -1.396  -5.267  1.00 28.38 ? 4   DG  B "C1'" 1 
ATOM   272 N  N9    . DG  B 1 4  ? -1.631  -0.912  -4.870  1.00 32.39 ? 4   DG  B N9    1 
ATOM   273 C  C8    . DG  B 1 4  ? -1.243  0.397   -4.684  1.00 34.00 ? 4   DG  B C8    1 
ATOM   274 N  N7    . DG  B 1 4  ? 0.020   0.528   -4.366  1.00 33.58 ? 4   DG  B N7    1 
ATOM   275 C  C5    . DG  B 1 4  ? 0.515   -0.773  -4.371  1.00 28.81 ? 4   DG  B C5    1 
ATOM   276 C  C6    . DG  B 1 4  ? 1.819   -1.252  -4.097  1.00 32.62 ? 4   DG  B C6    1 
ATOM   277 O  O6    . DG  B 1 4  ? 2.831   -0.595  -3.801  1.00 34.67 ? 4   DG  B O6    1 
ATOM   278 N  N1    . DG  B 1 4  ? 1.897   -2.643  -4.200  1.00 32.32 ? 4   DG  B N1    1 
ATOM   279 C  C2    . DG  B 1 4  ? 0.838   -3.471  -4.527  1.00 35.42 ? 4   DG  B C2    1 
ATOM   280 N  N2    . DG  B 1 4  ? 1.098   -4.800  -4.576  1.00 29.41 ? 4   DG  B N2    1 
ATOM   281 N  N3    . DG  B 1 4  ? -0.397  -3.025  -4.777  1.00 36.71 ? 4   DG  B N3    1 
ATOM   282 C  C4    . DG  B 1 4  ? -0.487  -1.673  -4.672  1.00 27.88 ? 4   DG  B C4    1 
ATOM   283 P  P     . DC  B 1 5  ? -6.928  -2.684  -4.696  1.00 39.78 ? 5   DC  B P     1 
ATOM   284 O  OP1   . DC  B 1 5  ? -8.053  -2.704  -5.658  1.00 46.78 ? 5   DC  B OP1   1 
ATOM   285 O  OP2   . DC  B 1 5  ? -6.996  -1.883  -3.477  1.00 35.54 ? 5   DC  B OP2   1 
ATOM   286 O  "O5'" . DC  B 1 5  ? -6.588  -4.155  -4.213  1.00 36.28 ? 5   DC  B "O5'" 1 
ATOM   287 C  "C5'" . DC  B 1 5  ? -6.197  -5.140  -5.148  1.00 34.62 ? 5   DC  B "C5'" 1 
ATOM   288 C  "C4'" . DC  B 1 5  ? -5.370  -6.192  -4.452  1.00 35.15 ? 5   DC  B "C4'" 1 
ATOM   289 O  "O4'" . DC  B 1 5  ? -4.118  -5.612  -4.059  1.00 33.69 ? 5   DC  B "O4'" 1 
ATOM   290 C  "C3'" . DC  B 1 5  ? -6.000  -6.763  -3.183  1.00 35.02 ? 5   DC  B "C3'" 1 
ATOM   291 O  "O3'" . DC  B 1 5  ? -5.928  -8.174  -3.224  1.00 37.19 ? 5   DC  B "O3'" 1 
ATOM   292 C  "C2'" . DC  B 1 5  ? -5.161  -6.176  -2.045  1.00 32.51 ? 5   DC  B "C2'" 1 
ATOM   293 C  "C1'" . DC  B 1 5  ? -3.829  -5.918  -2.727  1.00 31.22 ? 5   DC  B "C1'" 1 
ATOM   294 N  N1    . DC  B 1 5  ? -3.023  -4.773  -2.202  1.00 30.45 ? 5   DC  B N1    1 
ATOM   295 C  C2    . DC  B 1 5  ? -1.679  -4.987  -1.915  1.00 39.33 ? 5   DC  B C2    1 
ATOM   296 O  O2    . DC  B 1 5  ? -1.225  -6.141  -2.031  1.00 34.61 ? 5   DC  B O2    1 
ATOM   297 N  N3    . DC  B 1 5  ? -0.908  -3.938  -1.508  1.00 34.09 ? 5   DC  B N3    1 
ATOM   298 C  C4    . DC  B 1 5  ? -1.435  -2.718  -1.397  1.00 30.79 ? 5   DC  B C4    1 
ATOM   299 N  N4    . DC  B 1 5  ? -0.634  -1.720  -0.975  1.00 29.67 ? 5   DC  B N4    1 
ATOM   300 C  C5    . DC  B 1 5  ? -2.805  -2.472  -1.705  1.00 34.42 ? 5   DC  B C5    1 
ATOM   301 C  C6    . DC  B 1 5  ? -3.554  -3.518  -2.119  1.00 30.55 ? 5   DC  B C6    1 
ATOM   302 P  P     . DG  B 1 6  ? -6.964  -9.053  -2.379  1.00 47.53 ? 6   DG  B P     1 
ATOM   303 O  OP1   . DG  B 1 6  ? -7.055  -10.363 -3.036  1.00 51.46 ? 6   DG  B OP1   1 
ATOM   304 O  OP2   . DG  B 1 6  ? -8.130  -8.198  -2.069  1.00 52.50 ? 6   DG  B OP2   1 
ATOM   305 O  "O5'" . DG  B 1 6  ? -6.238  -9.227  -0.986  1.00 47.28 ? 6   DG  B "O5'" 1 
ATOM   306 C  "C5'" . DG  B 1 6  ? -5.069  -10.011 -0.902  1.00 45.13 ? 6   DG  B "C5'" 1 
ATOM   307 C  "C4'" . DG  B 1 6  ? -4.441  -9.804  0.448   1.00 38.29 ? 6   DG  B "C4'" 1 
ATOM   308 O  "O4'" . DG  B 1 6  ? -3.797  -8.523  0.479   1.00 43.80 ? 6   DG  B "O4'" 1 
ATOM   309 C  "C3'" . DG  B 1 6  ? -5.437  -9.814  1.606   1.00 37.23 ? 6   DG  B "C3'" 1 
ATOM   310 O  "O3'" . DG  B 1 6  ? -5.123  -10.902 2.440   1.00 38.99 ? 6   DG  B "O3'" 1 
ATOM   311 C  "C2'" . DG  B 1 6  ? -5.226  -8.455  2.305   1.00 36.39 ? 6   DG  B "C2'" 1 
ATOM   312 C  "C1'" . DG  B 1 6  ? -3.853  -8.036  1.783   1.00 39.13 ? 6   DG  B "C1'" 1 
ATOM   313 N  N9    . DG  B 1 6  ? -3.601  -6.599  1.724   1.00 32.81 ? 6   DG  B N9    1 
ATOM   314 C  C8    . DG  B 1 6  ? -4.486  -5.591  1.417   1.00 36.49 ? 6   DG  B C8    1 
ATOM   315 N  N7    . DG  B 1 6  ? -3.929  -4.406  1.403   1.00 41.23 ? 6   DG  B N7    1 
ATOM   316 C  C5    . DG  B 1 6  ? -2.591  -4.655  1.709   1.00 30.08 ? 6   DG  B C5    1 
ATOM   317 C  C6    . DG  B 1 6  ? -1.492  -3.767  1.859   1.00 26.49 ? 6   DG  B C6    1 
ATOM   318 O  O6    . DG  B 1 6  ? -1.477  -2.540  1.754   1.00 29.33 ? 6   DG  B O6    1 
ATOM   319 N  N1    . DG  B 1 6  ? -0.316  -4.444  2.172   1.00 31.23 ? 6   DG  B N1    1 
ATOM   320 C  C2    . DG  B 1 6  ? -0.215  -5.806  2.345   1.00 32.94 ? 6   DG  B C2    1 
ATOM   321 N  N2    . DG  B 1 6  ? 0.999   -6.289  2.641   1.00 35.28 ? 6   DG  B N2    1 
ATOM   322 N  N3    . DG  B 1 6  ? -1.234  -6.638  2.219   1.00 42.29 ? 6   DG  B N3    1 
ATOM   323 C  C4    . DG  B 1 6  ? -2.385  -5.996  1.905   1.00 29.90 ? 6   DG  B C4    1 
ATOM   324 P  P     . DC  B 1 7  ? -6.087  -11.349 3.630   1.00 44.70 ? 7   DC  B P     1 
ATOM   325 O  OP1   . DC  B 1 7  ? -5.924  -12.796 3.766   1.00 50.67 ? 7   DC  B OP1   1 
ATOM   326 O  OP2   . DC  B 1 7  ? -7.423  -10.755 3.470   1.00 55.23 ? 7   DC  B OP2   1 
ATOM   327 O  "O5'" . DC  B 1 7  ? -5.446  -10.626 4.883   1.00 43.00 ? 7   DC  B "O5'" 1 
ATOM   328 C  "C5'" . DC  B 1 7  ? -4.136  -10.924 5.250   1.00 37.77 ? 7   DC  B "C5'" 1 
ATOM   329 C  "C4'" . DC  B 1 7  ? -3.645  -9.903  6.252   1.00 36.40 ? 7   DC  B "C4'" 1 
ATOM   330 O  "O4'" . DC  B 1 7  ? -3.283  -8.700  5.578   1.00 36.69 ? 7   DC  B "O4'" 1 
ATOM   331 C  "C3'" . DC  B 1 7  ? -4.681  -9.440  7.255   1.00 34.89 ? 7   DC  B "C3'" 1 
ATOM   332 O  "O3'" . DC  B 1 7  ? -4.747  -10.354 8.316   1.00 42.79 ? 7   DC  B "O3'" 1 
ATOM   333 C  "C2'" . DC  B 1 7  ? -4.106  -8.100  7.716   1.00 32.26 ? 7   DC  B "C2'" 1 
ATOM   334 C  "C1'" . DC  B 1 7  ? -3.196  -7.682  6.537   1.00 31.23 ? 7   DC  B "C1'" 1 
ATOM   335 N  N1    . DC  B 1 7  ? -3.610  -6.449  5.918   1.00 34.75 ? 7   DC  B N1    1 
ATOM   336 C  C2    . DC  B 1 7  ? -2.676  -5.414  5.718   1.00 32.57 ? 7   DC  B C2    1 
ATOM   337 O  O2    . DC  B 1 7  ? -1.498  -5.573  6.073   1.00 32.46 ? 7   DC  B O2    1 
ATOM   338 N  N3    . DC  B 1 7  ? -3.096  -4.257  5.148   1.00 29.94 ? 7   DC  B N3    1 
ATOM   339 C  C4    . DC  B 1 7  ? -4.364  -4.115  4.791   1.00 27.44 ? 7   DC  B C4    1 
ATOM   340 N  N4    . DC  B 1 7  ? -4.732  -2.944  4.227   1.00 28.24 ? 7   DC  B N4    1 
ATOM   341 C  C5    . DC  B 1 7  ? -5.319  -5.162  4.977   1.00 30.67 ? 7   DC  B C5    1 
ATOM   342 C  C6    . DC  B 1 7  ? -4.905  -6.294  5.551   1.00 30.01 ? 7   DC  B C6    1 
ATOM   343 P  P     . DC  B 1 8  ? -6.127  -10.611 9.092   1.00 41.05 ? 8   DC  B P     1 
ATOM   344 O  OP1   . DC  B 1 8  ? -5.774  -11.709 10.013  1.00 40.55 ? 8   DC  B OP1   1 
ATOM   345 O  OP2   . DC  B 1 8  ? -7.235  -10.765 8.132   1.00 46.10 ? 8   DC  B OP2   1 
ATOM   346 O  "O5'" . DC  B 1 8  ? -6.404  -9.260  9.907   1.00 40.18 ? 8   DC  B "O5'" 1 
ATOM   347 C  "C5'" . DC  B 1 8  ? -5.806  -9.076  11.175  1.00 35.09 ? 8   DC  B "C5'" 1 
ATOM   348 C  "C4'" . DC  B 1 8  ? -6.190  -7.740  11.797  1.00 33.23 ? 8   DC  B "C4'" 1 
ATOM   349 O  "O4'" . DC  B 1 8  ? -5.794  -6.667  10.947  1.00 31.14 ? 8   DC  B "O4'" 1 
ATOM   350 C  "C3'" . DC  B 1 8  ? -7.659  -7.517  12.017  1.00 33.66 ? 8   DC  B "C3'" 1 
ATOM   351 O  "O3'" . DC  B 1 8  ? -8.015  -8.052  13.261  1.00 38.20 ? 8   DC  B "O3'" 1 
ATOM   352 C  "C2'" . DC  B 1 8  ? -7.775  -5.992  12.018  1.00 31.60 ? 8   DC  B "C2'" 1 
ATOM   353 C  "C1'" . DC  B 1 8  ? -6.487  -5.526  11.328  1.00 32.04 ? 8   DC  B "C1'" 1 
ATOM   354 N  N1    . DC  B 1 8  ? -6.705  -4.760  10.094  1.00 31.29 ? 8   DC  B N1    1 
ATOM   355 C  C2    . DC  B 1 8  ? -6.251  -3.446  10.015  1.00 27.87 ? 8   DC  B C2    1 
ATOM   356 O  O2    . DC  B 1 8  ? -5.745  -2.942  11.005  1.00 27.76 ? 8   DC  B O2    1 
ATOM   357 N  N3    . DC  B 1 8  ? -6.425  -2.756  8.864   1.00 27.46 ? 8   DC  B N3    1 
ATOM   358 C  C4    . DC  B 1 8  ? -7.013  -3.357  7.818   1.00 29.18 ? 8   DC  B C4    1 
ATOM   359 N  N4    . DC  B 1 8  ? -7.152  -2.659  6.692   1.00 28.10 ? 8   DC  B N4    1 
ATOM   360 C  C5    . DC  B 1 8  ? -7.459  -4.712  7.882   1.00 35.19 ? 8   DC  B C5    1 
ATOM   361 C  C6    . DC  B 1 8  ? -7.284  -5.369  9.029   1.00 30.35 ? 8   DC  B C6    1 
ATOM   362 P  P     . DG  B 1 9  ? -9.554  -8.179  13.680  1.00 40.28 ? 9   DG  B P     1 
ATOM   363 O  OP1   . DG  B 1 9  ? -9.599  -9.169  14.775  1.00 44.59 ? 9   DG  B OP1   1 
ATOM   364 O  OP2   . DG  B 1 9  ? -10.370 -8.330  12.467  1.00 41.01 ? 9   DG  B OP2   1 
ATOM   365 O  "O5'" . DG  B 1 9  ? -9.889  -6.791  14.320  1.00 39.49 ? 9   DG  B "O5'" 1 
ATOM   366 C  "C5'" . DG  B 1 9  ? -9.383  -6.475  15.578  1.00 35.65 ? 9   DG  B "C5'" 1 
ATOM   367 C  "C4'" . DG  B 1 9  ? -9.595  -5.023  15.854  1.00 42.22 ? 9   DG  B "C4'" 1 
ATOM   368 O  "O4'" . DG  B 1 9  ? -8.863  -4.249  14.875  1.00 46.54 ? 9   DG  B "O4'" 1 
ATOM   369 C  "C3'" . DG  B 1 9  ? -11.043 -4.569  15.753  1.00 41.16 ? 9   DG  B "C3'" 1 
ATOM   370 O  "O3'" . DG  B 1 9  ? -11.632 -4.665  17.053  1.00 43.13 ? 9   DG  B "O3'" 1 
ATOM   371 C  "C2'" . DG  B 1 9  ? -10.905 -3.115  15.304  1.00 40.46 ? 9   DG  B "C2'" 1 
ATOM   372 C  "C1'" . DG  B 1 9  ? -9.584  -3.106  14.514  1.00 38.23 ? 9   DG  B "C1'" 1 
ATOM   373 N  N9    . DG  B 1 9  ? -9.756  -3.120  13.069  1.00 34.67 ? 9   DG  B N9    1 
ATOM   374 C  C8    . DG  B 1 9  ? -10.400 -4.066  12.316  1.00 36.47 ? 9   DG  B C8    1 
ATOM   375 N  N7    . DG  B 1 9  ? -10.374 -3.821  11.033  1.00 34.13 ? 9   DG  B N7    1 
ATOM   376 C  C5    . DG  B 1 9  ? -9.674  -2.621  10.936  1.00 36.92 ? 9   DG  B C5    1 
ATOM   377 C  C6    . DG  B 1 9  ? -9.355  -1.834  9.801   1.00 29.45 ? 9   DG  B C6    1 
ATOM   378 O  O6    . DG  B 1 9  ? -9.617  -2.050  8.618   1.00 35.08 ? 9   DG  B O6    1 
ATOM   379 N  N1    . DG  B 1 9  ? -8.647  -0.698  10.149  1.00 28.34 ? 9   DG  B N1    1 
ATOM   380 C  C2    . DG  B 1 9  ? -8.276  -0.360  11.420  1.00 30.30 ? 9   DG  B C2    1 
ATOM   381 N  N2    . DG  B 1 9  ? -7.580  0.786   11.553  1.00 32.51 ? 9   DG  B N2    1 
ATOM   382 N  N3    . DG  B 1 9  ? -8.592  -1.069  12.496  1.00 30.76 ? 9   DG  B N3    1 
ATOM   383 C  C4    . DG  B 1 9  ? -9.284  -2.184  12.178  1.00 31.14 ? 9   DG  B C4    1 
ATOM   384 P  P     . DA  B 1 10 ? -13.223 -4.646  17.275  1.00 41.96 ? 10  DA  B P     1 
ATOM   385 O  OP1   . DA  B 1 10 ? -13.361 -5.145  18.653  1.00 54.33 ? 10  DA  B OP1   1 
ATOM   386 O  OP2   . DA  B 1 10 ? -13.998 -5.236  16.159  1.00 45.54 ? 10  DA  B OP2   1 
ATOM   387 O  "O5'" . DA  B 1 10 ? -13.608 -3.106  17.226  1.00 38.19 ? 10  DA  B "O5'" 1 
ATOM   388 C  "C5'" . DA  B 1 10 ? -12.898 -2.185  17.989  1.00 46.28 ? 10  DA  B "C5'" 1 
ATOM   389 C  "C4'" . DA  B 1 10 ? -13.371 -0.772  17.688  1.00 39.69 ? 10  DA  B "C4'" 1 
ATOM   390 O  "O4'" . DA  B 1 10 ? -13.093 -0.450  16.312  1.00 39.91 ? 10  DA  B "O4'" 1 
ATOM   391 C  "C3'" . DA  B 1 10 ? -14.856 -0.548  17.803  1.00 39.90 ? 10  DA  B "C3'" 1 
ATOM   392 O  "O3'" . DA  B 1 10 ? -15.223 -0.340  19.152  1.00 51.27 ? 10  DA  B "O3'" 1 
ATOM   393 C  "C2'" . DA  B 1 10 ? -15.026 0.727   17.007  1.00 40.49 ? 10  DA  B "C2'" 1 
ATOM   394 C  "C1'" . DA  B 1 10 ? -13.962 0.573   15.915  1.00 37.67 ? 10  DA  B "C1'" 1 
ATOM   395 N  N9    . DA  B 1 10 ? -14.536 0.243   14.625  1.00 45.38 ? 10  DA  B N9    1 
ATOM   396 C  C8    . DA  B 1 10 ? -15.292 -0.848  14.314  1.00 42.60 ? 10  DA  B C8    1 
ATOM   397 N  N7    . DA  B 1 10 ? -15.720 -0.848  13.073  1.00 50.50 ? 10  DA  B N7    1 
ATOM   398 C  C5    . DA  B 1 10 ? -15.220 0.326   12.546  1.00 44.11 ? 10  DA  B C5    1 
ATOM   399 C  C6    . DA  B 1 10 ? -15.316 0.907   11.272  1.00 37.86 ? 10  DA  B C6    1 
ATOM   400 N  N6    . DA  B 1 10 ? -15.968 0.341   10.267  1.00 49.56 ? 10  DA  B N6    1 
ATOM   401 N  N1    . DA  B 1 10 ? -14.704 2.082   11.073  1.00 36.87 ? 10  DA  B N1    1 
ATOM   402 C  C2    . DA  B 1 10 ? -14.044 2.641   12.092  1.00 40.66 ? 10  DA  B C2    1 
ATOM   403 N  N3    . DA  B 1 10 ? -13.889 2.191   13.335  1.00 34.90 ? 10  DA  B N3    1 
ATOM   404 C  C4    . DA  B 1 10 ? -14.505 1.018   13.494  1.00 40.81 ? 10  DA  B C4    1 
HETATM 405 BA BA    . BA  C 2 .  ? -3.474  1.724   3.190   1.00 31.50 ? 101 BA  A BA    1 
HETATM 406 C  C51   B GWQ D 3 .  ? 3.438   8.916   -12.356 1.00 32.84 ? 102 GWQ A C51   1 
HETATM 407 C  C52   B GWQ D 3 .  ? 4.722   9.396   -12.817 1.00 33.32 ? 102 GWQ A C52   1 
HETATM 408 C  C10   B GWQ D 3 .  ? 10.275  3.221   -11.119 1.00 27.45 ? 102 GWQ A C10   1 
HETATM 409 C  C13   B GWQ D 3 .  ? 9.290   4.183   -10.954 1.00 24.76 ? 102 GWQ A C13   1 
HETATM 410 C  C14   B GWQ D 3 .  ? 9.098   4.849   -9.797  1.00 28.04 ? 102 GWQ A C14   1 
HETATM 411 C  C15   B GWQ D 3 .  ? 8.011   5.882   -9.695  1.00 32.94 ? 102 GWQ A C15   1 
HETATM 412 C  C02   B GWQ D 3 .  ? 14.616  0.688   -8.086  1.00 45.78 ? 102 GWQ A C02   1 
HETATM 413 C  C03   B GWQ D 3 .  ? 13.833  0.896   -9.249  1.00 36.43 ? 102 GWQ A C03   1 
HETATM 414 C  C04   B GWQ D 3 .  ? 14.069  0.126   -10.492 1.00 42.78 ? 102 GWQ A C04   1 
HETATM 415 C  C05   B GWQ D 3 .  ? 13.300  0.352   -11.568 1.00 45.00 ? 102 GWQ A C05   1 
HETATM 416 C  C06   B GWQ D 3 .  ? 12.872  1.786   -9.138  1.00 36.28 ? 102 GWQ A C06   1 
HETATM 417 C  C07   B GWQ D 3 .  ? 12.027  2.026   -10.264 1.00 29.96 ? 102 GWQ A C07   1 
HETATM 418 C  C08   B GWQ D 3 .  ? 12.225  1.344   -11.458 1.00 33.12 ? 102 GWQ A C08   1 
HETATM 419 C  C11   B GWQ D 3 .  ? 10.445  2.521   -12.343 1.00 29.22 ? 102 GWQ A C11   1 
HETATM 420 C  C16   B GWQ D 3 .  ? 7.234   6.123   -10.771 1.00 30.80 ? 102 GWQ A C16   1 
HETATM 421 C  C18   B GWQ D 3 .  ? 8.480   4.446   -12.029 1.00 29.06 ? 102 GWQ A C18   1 
HETATM 422 C  C19   B GWQ D 3 .  ? 8.642   3.763   -13.234 1.00 31.33 ? 102 GWQ A C19   1 
HETATM 423 C  C20   B GWQ D 3 .  ? 9.617   2.799   -13.414 1.00 37.77 ? 102 GWQ A C20   1 
HETATM 424 C  C23   B GWQ D 3 .  ? 7.867   3.440   -15.522 1.00 32.35 ? 102 GWQ A C23   1 
HETATM 425 C  C24   B GWQ D 3 .  ? 8.810   2.506   -15.714 1.00 31.80 ? 102 GWQ A C24   1 
HETATM 426 C  C25   B GWQ D 3 .  ? 9.735   2.159   -14.601 1.00 28.45 ? 102 GWQ A C25   1 
HETATM 427 C  C27   B GWQ D 3 .  ? 4.718   5.281   -16.202 1.00 31.64 ? 102 GWQ A C27   1 
HETATM 428 C  C28   B GWQ D 3 .  ? 4.467   5.602   -17.475 1.00 29.94 ? 102 GWQ A C28   1 
HETATM 429 C  C29   B GWQ D 3 .  ? 5.343   6.487   -18.198 1.00 28.56 ? 102 GWQ A C29   1 
HETATM 430 C  C30   B GWQ D 3 .  ? 6.731   6.674   -16.307 1.00 30.47 ? 102 GWQ A C30   1 
HETATM 431 C  C31   B GWQ D 3 .  ? 6.412   6.991   -17.662 1.00 29.32 ? 102 GWQ A C31   1 
HETATM 432 C  C32   B GWQ D 3 .  ? 7.341   7.897   -18.386 1.00 29.50 ? 102 GWQ A C32   1 
HETATM 433 C  C33   B GWQ D 3 .  ? 8.439   8.402   -17.762 1.00 37.10 ? 102 GWQ A C33   1 
HETATM 434 C  C34   B GWQ D 3 .  ? 8.746   8.047   -16.351 1.00 33.02 ? 102 GWQ A C34   1 
HETATM 435 C  C35   B GWQ D 3 .  ? 9.793   8.503   -15.712 1.00 23.48 ? 102 GWQ A C35   1 
HETATM 436 C  C36   B GWQ D 3 .  ? 10.021  8.111   -14.336 1.00 24.82 ? 102 GWQ A C36   1 
HETATM 437 C  C37   B GWQ D 3 .  ? 9.171   7.295   -13.676 1.00 23.05 ? 102 GWQ A C37   1 
HETATM 438 C  C38   B GWQ D 3 .  ? 7.815   7.170   -15.685 1.00 28.19 ? 102 GWQ A C38   1 
HETATM 439 C  C41   B GWQ D 3 .  ? 4.809   3.116   -13.152 1.00 24.15 ? 102 GWQ A C41   1 
HETATM 440 C  C42   B GWQ D 3 .  ? 3.623   2.630   -12.739 1.00 25.64 ? 102 GWQ A C42   1 
HETATM 441 C  C43   B GWQ D 3 .  ? 2.566   3.504   -12.296 1.00 24.58 ? 102 GWQ A C43   1 
HETATM 442 C  C44   B GWQ D 3 .  ? 2.715   4.794   -12.288 1.00 28.16 ? 102 GWQ A C44   1 
HETATM 443 C  C45   B GWQ D 3 .  ? 3.959   5.365   -12.733 1.00 33.28 ? 102 GWQ A C45   1 
HETATM 444 C  C46   B GWQ D 3 .  ? 1.665   5.743   -11.833 1.00 35.87 ? 102 GWQ A C46   1 
HETATM 445 C  C47   B GWQ D 3 .  ? 1.882   7.089   -11.857 1.00 34.07 ? 102 GWQ A C47   1 
HETATM 446 C  C48   B GWQ D 3 .  ? 3.175   7.637   -12.313 1.00 31.81 ? 102 GWQ A C48   1 
HETATM 447 C  C49   B GWQ D 3 .  ? 4.171   6.685   -12.742 1.00 26.52 ? 102 GWQ A C49   1 
HETATM 448 C  C53   B GWQ D 3 .  ? 5.682   8.526   -13.230 1.00 25.79 ? 102 GWQ A C53   1 
HETATM 449 N  N01   B GWQ D 3 .  ? 15.216  0.570   -7.110  1.00 49.67 ? 102 GWQ A N01   1 
HETATM 450 N  N09   B GWQ D 3 .  ? 11.077  2.938   -10.107 1.00 34.58 ? 102 GWQ A N09   1 
HETATM 451 N  N12   B GWQ D 3 .  ? 11.421  1.604   -12.492 1.00 33.88 ? 102 GWQ A N12   1 
HETATM 452 N  N17   B GWQ D 3 .  ? 7.460   5.390   -11.953 1.00 28.88 ? 102 GWQ A N17   1 
HETATM 453 N  N22   B GWQ D 3 .  ? 7.774   4.058   -14.261 1.00 30.15 ? 102 GWQ A N22   1 
HETATM 454 N  N26   B GWQ D 3 .  ? 5.880   5.822   -15.609 1.00 33.55 ? 102 GWQ A N26   1 
HETATM 455 N  N39   B GWQ D 3 .  ? 8.052   6.783   -14.369 1.00 25.71 ? 102 GWQ A N39   1 
HETATM 456 N  N40   B GWQ D 3 .  ? 4.976   4.510   -13.149 1.00 36.74 ? 102 GWQ A N40   1 
HETATM 457 N  N50   B GWQ D 3 .  ? 5.401   7.142   -13.182 1.00 24.83 ? 102 GWQ A N50   1 
HETATM 458 RU RU1   B GWQ D 3 .  ? 6.565   5.581   -13.739 1.00 30.87 ? 102 GWQ A RU1   1 
HETATM 459 BA BA    . BA  E 2 .  ? 2.357   2.213   -3.440  1.00 31.23 ? 101 BA  B BA    1 
HETATM 460 C  C51   . GWQ F 3 .  ? -8.699  7.699   16.703  1.00 32.47 ? 102 GWQ B C51   1 
HETATM 461 C  C52   . GWQ F 3 .  ? -7.499  7.130   16.134  1.00 31.68 ? 102 GWQ B C52   1 
HETATM 462 C  C10   . GWQ F 3 .  ? -11.443 0.677   12.153  1.00 26.42 ? 102 GWQ B C10   1 
HETATM 463 C  C13   . GWQ F 3 .  ? -10.849 1.519   13.122  1.00 37.95 ? 102 GWQ B C13   1 
HETATM 464 C  C14   . GWQ F 3 .  ? -10.760 1.221   14.444  1.00 34.55 ? 102 GWQ B C14   1 
HETATM 465 C  C15   . GWQ F 3 .  ? -10.121 2.168   15.414  1.00 35.09 ? 102 GWQ B C15   1 
HETATM 466 C  C02   . GWQ F 3 .  ? -14.262 -4.559  10.982  1.00 62.35 ? 102 GWQ B C02   1 
HETATM 467 C  C03   . GWQ F 3 .  ? -13.681 -3.280  10.716  1.00 50.62 ? 102 GWQ B C03   1 
HETATM 468 C  C04   . GWQ F 3 .  ? -13.690 -2.799  9.317   1.00 37.77 ? 102 GWQ B C04   1 
HETATM 469 C  C05   . GWQ F 3 .  ? -13.143 -1.616  9.042   1.00 43.44 ? 102 GWQ B C05   1 
HETATM 470 C  C06   . GWQ F 3 .  ? -13.159 -2.572  11.727  1.00 48.81 ? 102 GWQ B C06   1 
HETATM 471 C  C07   . GWQ F 3 .  ? -12.559 -1.280  11.456  1.00 35.33 ? 102 GWQ B C07   1 
HETATM 472 C  C08   . GWQ F 3 .  ? -12.555 -0.834  10.137  1.00 31.98 ? 102 GWQ B C08   1 
HETATM 473 C  C11   . GWQ F 3 .  ? -11.469 1.107   10.800  1.00 24.03 ? 102 GWQ B C11   1 
HETATM 474 C  C16   . GWQ F 3 .  ? -9.629  3.333   14.972  1.00 32.33 ? 102 GWQ B C16   1 
HETATM 475 C  C18   . GWQ F 3 .  ? -10.322 2.737   12.699  1.00 31.42 ? 102 GWQ B C18   1 
HETATM 476 C  C19   . GWQ F 3 .  ? -10.375 3.127   11.353  1.00 26.72 ? 102 GWQ B C19   1 
HETATM 477 C  C20   . GWQ F 3 .  ? -10.939 2.316   10.401  1.00 22.71 ? 102 GWQ B C20   1 
HETATM 478 C  C23   . GWQ F 3 .  ? -9.854  4.815   9.665   1.00 30.40 ? 102 GWQ B C23   1 
HETATM 479 C  C24   . GWQ F 3 .  ? -10.401 4.028   8.712   1.00 27.41 ? 102 GWQ B C24   1 
HETATM 480 C  C25   . GWQ F 3 .  ? -10.977 2.698   9.102   1.00 24.49 ? 102 GWQ B C25   1 
HETATM 481 C  C27   . GWQ F 3 .  ? -9.556  8.173   11.430  1.00 24.55 ? 102 GWQ B C27   1 
HETATM 482 C  C28   . GWQ F 3 .  ? -9.035  9.245   10.772  1.00 35.37 ? 102 GWQ B C28   1 
HETATM 483 C  C29   . GWQ F 3 .  ? -7.642  9.249   10.357  1.00 29.53 ? 102 GWQ B C29   1 
HETATM 484 C  C30   . GWQ F 3 .  ? -7.405  7.068   11.310  1.00 24.15 ? 102 GWQ B C30   1 
HETATM 485 C  C31   . GWQ F 3 .  ? -6.870  8.221   10.606  1.00 30.13 ? 102 GWQ B C31   1 
HETATM 486 C  C32   . GWQ F 3 .  ? -5.440  8.169   10.220  1.00 31.76 ? 102 GWQ B C32   1 
HETATM 487 C  C33   . GWQ F 3 .  ? -4.699  7.054   10.506  1.00 35.49 ? 102 GWQ B C33   1 
HETATM 488 C  C34   . GWQ F 3 .  ? -5.294  5.894   11.234  1.00 23.87 ? 102 GWQ B C34   1 
HETATM 489 C  C35   . GWQ F 3 .  ? -4.641  4.816   11.532  1.00 26.20 ? 102 GWQ B C35   1 
HETATM 490 C  C36   . GWQ F 3 .  ? -5.272  3.715   12.219  1.00 32.20 ? 102 GWQ B C36   1 
HETATM 491 C  C37   . GWQ F 3 .  ? -6.565  3.746   12.576  1.00 27.29 ? 102 GWQ B C37   1 
HETATM 492 C  C38   . GWQ F 3 .  ? -6.684  5.979   11.596  1.00 33.46 ? 102 GWQ B C38   1 
HETATM 493 C  C41   . GWQ F 3 .  ? -12.279 5.693   12.378  1.00 22.12 ? 102 GWQ B C41   1 
HETATM 494 C  C42   . GWQ F 3 .  ? -13.428 6.195   12.875  1.00 27.74 ? 102 GWQ B C42   1 
HETATM 495 C  C43   . GWQ F 3 .  ? -13.465 6.961   14.100  1.00 22.01 ? 102 GWQ B C43   1 
HETATM 496 C  C44   . GWQ F 3 .  ? -12.366 7.167   14.774  1.00 29.60 ? 102 GWQ B C44   1 
HETATM 497 C  C45   . GWQ F 3 .  ? -11.115 6.647   14.280  1.00 25.98 ? 102 GWQ B C45   1 
HETATM 498 C  C46   . GWQ F 3 .  ? -12.321 7.934   16.048  1.00 34.34 ? 102 GWQ B C46   1 
HETATM 499 C  C47   . GWQ F 3 .  ? -11.130 8.115   16.693  1.00 29.05 ? 102 GWQ B C47   1 
HETATM 500 C  C48   . GWQ F 3 .  ? -9.862  7.558   16.140  1.00 30.01 ? 102 GWQ B C48   1 
HETATM 501 C  C49   . GWQ F 3 .  ? -9.947  6.829   14.916  1.00 30.88 ? 102 GWQ B C49   1 
HETATM 502 C  C53   . GWQ F 3 .  ? -7.534  6.440   14.987  1.00 32.00 ? 102 GWQ B C53   1 
HETATM 503 N  N01   . GWQ F 3 .  ? -14.747 -5.596  11.147  1.00 64.39 ? 102 GWQ B N01   1 
HETATM 504 N  N09   . GWQ F 3 .  ? -12.007 -0.530  12.445  1.00 41.63 ? 102 GWQ B N09   1 
HETATM 505 N  N12   . GWQ F 3 .  ? -12.018 0.351   9.853   1.00 39.58 ? 102 GWQ B N12   1 
HETATM 506 N  N17   . GWQ F 3 .  ? -9.694  3.610   13.593  1.00 30.28 ? 102 GWQ B N17   1 
HETATM 507 N  N22   . GWQ F 3 .  ? -9.819  4.357   11.002  1.00 26.58 ? 102 GWQ B N22   1 
HETATM 508 N  N26   . GWQ F 3 .  ? -8.720  7.061   11.713  1.00 24.96 ? 102 GWQ B N26   1 
HETATM 509 N  N39   . GWQ F 3 .  ? -7.295  4.899   12.239  1.00 31.95 ? 102 GWQ B N39   1 
HETATM 510 N  N40   . GWQ F 3 .  ? -11.092 5.917   13.097  1.00 25.43 ? 102 GWQ B N40   1 
HETATM 511 N  N50   . GWQ F 3 .  ? -8.788  6.282   14.371  1.00 34.23 ? 102 GWQ B N50   1 
HETATM 512 RU RU1   . GWQ F 3 .  ? -9.208  5.334   12.654  1.00 31.64 ? 102 GWQ B RU1   1 
HETATM 513 O  O     . HOH G 4 .  ? 11.618  -6.230  -5.226  1.00 44.97 ? 201 HOH A O     1 
HETATM 514 O  O     . HOH G 4 .  ? 13.170  2.444   -20.925 1.00 32.88 ? 202 HOH A O     1 
HETATM 515 O  O     . HOH G 4 .  ? -5.731  0.202   3.831   1.00 32.56 ? 203 HOH A O     1 
HETATM 516 O  O     . HOH G 4 .  ? 11.530  -0.278  -6.338  0.78 32.58 ? 204 HOH A O     1 
HETATM 517 O  O     . HOH G 4 .  ? 14.787  -3.704  -10.398 1.00 45.94 ? 205 HOH A O     1 
HETATM 518 O  O     . HOH G 4 .  ? 5.643   0.094   -0.229  1.00 26.65 ? 206 HOH A O     1 
HETATM 519 O  O     . HOH G 4 .  ? 10.449  -5.301  -2.901  1.00 47.24 ? 207 HOH A O     1 
HETATM 520 O  O     . HOH G 4 .  ? 0.478   4.864   3.240   1.00 33.29 ? 208 HOH A O     1 
HETATM 521 O  O     . HOH G 4 .  ? 12.238  -10.172 -12.127 1.00 42.32 ? 209 HOH A O     1 
HETATM 522 O  O     . HOH G 4 .  ? -8.009  4.362   3.015   1.00 38.98 ? 210 HOH A O     1 
HETATM 523 O  O     . HOH G 4 .  ? 3.362   -2.713  6.892   1.00 29.66 ? 211 HOH A O     1 
HETATM 524 O  O     . HOH G 4 .  ? 2.833   0.719   -0.921  1.00 34.28 ? 212 HOH A O     1 
HETATM 525 O  O     . HOH G 4 .  ? 4.488   -4.159  -11.014 1.00 25.50 ? 213 HOH A O     1 
HETATM 526 O  O     . HOH G 4 .  ? 0.351   8.781   4.585   1.00 45.26 ? 214 HOH A O     1 
HETATM 527 O  O     . HOH G 4 .  ? 3.244   7.329   9.968   1.00 38.83 ? 215 HOH A O     1 
HETATM 528 O  O     . HOH G 4 .  ? 7.211   0.211   -2.210  1.00 41.35 ? 216 HOH A O     1 
HETATM 529 O  O     . HOH G 4 .  ? 12.991  -2.137  -7.947  1.00 36.65 ? 217 HOH A O     1 
HETATM 530 O  O     . HOH G 4 .  ? -5.300  3.845   3.652   1.00 28.97 ? 218 HOH A O     1 
HETATM 531 O  O     . HOH G 4 .  ? 4.393   -7.195  3.471   0.87 33.24 ? 219 HOH A O     1 
HETATM 532 O  O     . HOH G 4 .  ? 13.407  -8.911  -14.942 1.00 45.97 ? 220 HOH A O     1 
HETATM 533 O  O     . HOH G 4 .  ? -2.123  4.105   3.709   1.00 24.70 ? 221 HOH A O     1 
HETATM 534 O  O     . HOH G 4 .  ? -3.874  10.326  7.380   1.00 36.08 ? 222 HOH A O     1 
HETATM 535 O  O     . HOH G 4 .  ? 9.482   -4.202  7.852   1.00 33.03 ? 223 HOH A O     1 
HETATM 536 O  O     . HOH G 4 .  ? -4.984  7.126   1.349   1.00 47.97 ? 224 HOH A O     1 
HETATM 537 O  O     . HOH G 4 .  ? 1.445   -9.573  -1.542  1.00 41.75 ? 225 HOH A O     1 
HETATM 538 O  O     . HOH G 4 .  ? 10.088  -0.748  -3.956  1.00 43.69 ? 226 HOH A O     1 
HETATM 539 O  O     . HOH G 4 .  ? 12.792  -6.480  1.614   1.00 47.90 ? 227 HOH A O     1 
HETATM 540 O  O     . HOH G 4 .  ? -1.220  4.934   11.778  1.00 35.32 ? 228 HOH A O     1 
HETATM 541 O  O     . HOH G 4 .  ? 3.962   -8.755  0.969   1.00 41.17 ? 229 HOH A O     1 
HETATM 542 O  O     . HOH G 4 .  ? 16.265  -6.839  -12.935 1.00 43.78 ? 230 HOH A O     1 
HETATM 543 O  O     . HOH G 4 .  ? -3.490  0.603   13.911  1.00 41.52 ? 231 HOH A O     1 
HETATM 544 O  O     . HOH G 4 .  ? 1.347   2.187   1.534   1.00 32.69 ? 232 HOH A O     1 
HETATM 545 O  O     . HOH G 4 .  ? 17.201  -4.838  -12.773 1.00 44.59 ? 233 HOH A O     1 
HETATM 546 O  O     . HOH G 4 .  ? 5.040   -1.719  8.791   1.00 35.08 ? 234 HOH A O     1 
HETATM 547 O  O     . HOH G 4 .  ? -1.766  2.553   1.011   1.00 43.38 ? 235 HOH A O     1 
HETATM 548 O  O     . HOH G 4 .  ? 1.496   5.173   11.447  1.00 37.74 ? 236 HOH A O     1 
HETATM 549 O  O     . HOH G 4 .  ? 12.703  -4.400  -6.965  1.00 41.27 ? 237 HOH A O     1 
HETATM 550 O  O     . HOH G 4 .  ? 7.906   -2.267  9.022   1.00 36.92 ? 238 HOH A O     1 
HETATM 551 O  O     . HOH G 4 .  ? 17.901  -3.354  -21.414 1.00 35.69 ? 239 HOH A O     1 
HETATM 552 O  O     . HOH G 4 .  ? -4.979  2.215   0.906   1.00 34.66 ? 240 HOH A O     1 
HETATM 553 O  O     . HOH G 4 .  ? -2.008  3.457   13.965  1.00 33.71 ? 241 HOH A O     1 
HETATM 554 O  O     . HOH H 4 .  ? -8.474  -9.028  7.564   1.00 42.44 ? 201 HOH B O     1 
HETATM 555 O  O     . HOH H 4 .  ? 15.193  5.266   -6.799  1.00 49.41 ? 202 HOH B O     1 
HETATM 556 O  O     . HOH H 4 .  ? -14.105 1.345   20.732  1.00 37.79 ? 203 HOH B O     1 
HETATM 557 O  O     . HOH H 4 .  ? -12.529 -6.942  12.358  1.00 43.13 ? 204 HOH B O     1 
HETATM 558 O  O     . HOH H 4 .  ? 4.968   1.601   -3.748  1.00 28.88 ? 205 HOH B O     1 
HETATM 559 O  O     . HOH H 4 .  ? -11.527 -5.388  9.203   1.00 40.96 ? 206 HOH B O     1 
HETATM 560 O  O     . HOH H 4 .  ? -5.581  2.213   -10.872 1.00 40.25 ? 207 HOH B O     1 
HETATM 561 O  O     . HOH H 4 .  ? -11.022 -3.609  6.863   1.00 38.49 ? 208 HOH B O     1 
HETATM 562 O  O     . HOH H 4 .  ? -2.586  3.353   -4.002  1.00 32.91 ? 209 HOH B O     1 
HETATM 563 O  O     . HOH H 4 .  ? -5.500  -2.223  0.744   1.00 30.18 ? 210 HOH B O     1 
HETATM 564 O  O     . HOH H 4 .  ? -1.479  -5.377  -5.876  1.00 34.36 ? 211 HOH B O     1 
HETATM 565 O  O     . HOH H 4 .  ? 3.253   4.812   -4.468  1.00 28.01 ? 212 HOH B O     1 
HETATM 566 O  O     . HOH H 4 .  ? -3.210  -0.352  1.188   1.00 31.79 ? 213 HOH B O     1 
HETATM 567 O  O     . HOH H 4 .  ? -1.139  -8.924  -1.302  1.00 42.49 ? 214 HOH B O     1 
HETATM 568 O  O     . HOH H 4 .  ? -7.098  -2.151  2.776   1.00 45.76 ? 215 HOH B O     1 
HETATM 569 O  O     . HOH H 4 .  ? -12.717 3.799   15.445  1.00 26.27 ? 216 HOH B O     1 
HETATM 570 O  O     . HOH H 4 .  ? 0.089   3.663   -4.284  1.00 25.53 ? 217 HOH B O     1 
HETATM 571 O  O     . HOH H 4 .  ? -0.427  -8.887  4.928   1.00 46.48 ? 218 HOH B O     1 
HETATM 572 O  O     . HOH H 4 .  ? 3.659   -1.456  -13.213 1.00 40.34 ? 219 HOH B O     1 
HETATM 573 O  O     . HOH H 4 .  ? -0.471  8.900   -9.474  1.00 35.64 ? 220 HOH B O     1 
HETATM 574 O  O     . HOH H 4 .  ? 7.097   12.276  -11.709 1.00 47.58 ? 221 HOH B O     1 
HETATM 575 O  O     . HOH H 4 .  ? -0.445  -9.446  1.262   1.00 35.27 ? 222 HOH B O     1 
HETATM 576 O  O     . HOH H 4 .  ? 2.207   -8.801  3.978   1.00 36.54 ? 223 HOH B O     1 
HETATM 577 O  O     . HOH H 4 .  ? 5.257   6.299   -4.015  1.00 35.65 ? 224 HOH B O     1 
HETATM 578 O  O     . HOH H 4 .  ? -0.832  2.226   -12.237 1.00 32.31 ? 225 HOH B O     1 
HETATM 579 O  O     . HOH H 4 .  ? -2.285  0.981   -1.611  1.00 33.74 ? 226 HOH B O     1 
HETATM 580 O  O     . HOH H 4 .  ? -6.447  -9.506  -6.133  1.00 31.22 ? 227 HOH B O     1 
HETATM 581 O  O     . HOH H 4 .  ? -9.080  -4.252  4.629   1.00 38.02 ? 228 HOH B O     1 
HETATM 582 O  O     . HOH H 4 .  ? -10.171 -7.709  9.110   1.00 47.08 ? 229 HOH B O     1 
HETATM 583 O  O     . HOH H 4 .  ? -4.757  4.141   -11.564 1.00 43.14 ? 230 HOH B O     1 
HETATM 584 O  O     . HOH H 4 .  ? -3.673  -5.738  -7.587  1.00 32.54 ? 231 HOH B O     1 
HETATM 585 O  O     . HOH H 4 .  ? -1.093  -10.414 3.333   1.00 44.68 ? 232 HOH B O     1 
HETATM 586 O  O     . HOH H 4 .  ? -7.942  -7.574  5.115   1.00 47.25 ? 233 HOH B O     1 
HETATM 587 O  O     . HOH H 4 .  ? -3.379  1.420   -11.972 1.00 31.14 ? 234 HOH B O     1 
HETATM 588 O  O     . HOH H 4 .  ? 0.354   2.851   -1.411  1.00 39.58 ? 235 HOH B O     1 
HETATM 589 O  O     . HOH H 4 .  ? -17.045 -7.911  13.150  1.00 47.06 ? 236 HOH B O     1 
HETATM 590 O  O     . HOH H 4 .  ? 0.992   10.536  -9.714  1.00 42.26 ? 237 HOH B O     1 
HETATM 591 O  O     . HOH H 4 .  ? -0.857  4.689   -13.403 1.00 35.40 ? 238 HOH B O     1 
HETATM 592 O  O     . HOH H 4 .  ? 2.132   -10.406 1.423   1.00 23.35 ? 239 HOH B O     1 
HETATM 593 O  O     . HOH H 4 .  ? -4.254  5.179   15.649  1.00 39.78 ? 240 HOH B O     1 
HETATM 594 O  O     . HOH H 4 .  ? -8.193  2.947   -12.163 1.00 47.97 ? 241 HOH B O     1 
HETATM 595 O  O     . HOH H 4 .  ? 3.460   3.737   -1.478  1.00 39.87 ? 242 HOH B O     1 
# 
loop_
_atom_site_anisotrop.id 
_atom_site_anisotrop.type_symbol 
_atom_site_anisotrop.pdbx_label_atom_id 
_atom_site_anisotrop.pdbx_label_alt_id 
_atom_site_anisotrop.pdbx_label_comp_id 
_atom_site_anisotrop.pdbx_label_asym_id 
_atom_site_anisotrop.pdbx_label_seq_id 
_atom_site_anisotrop.pdbx_PDB_ins_code 
_atom_site_anisotrop.U[1][1] 
_atom_site_anisotrop.U[2][2] 
_atom_site_anisotrop.U[3][3] 
_atom_site_anisotrop.U[1][2] 
_atom_site_anisotrop.U[1][3] 
_atom_site_anisotrop.U[2][3] 
_atom_site_anisotrop.pdbx_auth_seq_id 
_atom_site_anisotrop.pdbx_auth_comp_id 
_atom_site_anisotrop.pdbx_auth_asym_id 
_atom_site_anisotrop.pdbx_auth_atom_id 
1   O "O5'" . DT A 1  ? 0.7403 1.1156 0.9032 0.3426  0.1353  0.2432  1  DT A "O5'" 
2   C "C5'" . DT A 1  ? 0.5895 0.8940 0.7473 0.3058  0.1203  0.2236  1  DT A "C5'" 
3   C "C4'" . DT A 1  ? 0.6890 0.9282 0.8308 0.2731  0.1244  0.2025  1  DT A "C4'" 
4   O "O4'" . DT A 1  ? 0.5569 0.8726 0.7314 0.2568  0.1203  0.2049  1  DT A "O4'" 
5   C "C3'" . DT A 1  ? 0.5881 0.7769 0.7285 0.2211  0.1006  0.1780  1  DT A "C3'" 
6   O "O3'" . DT A 1  ? 0.6646 0.7612 0.7663 0.2254  0.1099  0.1672  1  DT A "O3'" 
7   C "C2'" . DT A 1  ? 0.5681 0.7403 0.7041 0.1962  0.1017  0.1652  1  DT A "C2'" 
8   C "C1'" . DT A 1  ? 0.6021 0.8623 0.7643 0.2147  0.1123  0.1830  1  DT A "C1'" 
9   N N1    . DT A 1  ? 0.6327 0.9613 0.8279 0.1732  0.0926  0.1789  1  DT A N1    
10  C C2    . DT A 1  ? 0.5367 0.8557 0.7245 0.1534  0.0985  0.1707  1  DT A C2    
11  O O2    . DT A 1  ? 0.4900 0.7526 0.6490 0.1693  0.1171  0.1670  1  DT A O2    
12  N N3    . DT A 1  ? 0.6360 1.0055 0.8423 0.1119  0.0847  0.1662  1  DT A N3    
13  C C4    . DT A 1  ? 0.7002 1.1271 0.9296 0.0851  0.0656  0.1677  1  DT A C4    
14  O O4    . DT A 1  ? 0.7946 1.2520 1.0272 0.0426  0.0588  0.1614  1  DT A O4    
15  C C5    . DT A 1  ? 0.6922 1.1316 0.9322 0.1079  0.0570  0.1765  1  DT A C5    
16  C C7    . DT A 1  ? 0.6873 1.1852 0.9471 0.0798  0.0361  0.1784  1  DT A C7    
17  C C6    . DT A 1  ? 0.6949 1.0840 0.9177 0.1520  0.0708  0.1821  1  DT A C6    
18  P P     . DC A 2  ? 0.6696 0.7377 0.7764 0.1894  0.0864  0.1507  2  DC A P     
19  O OP1   . DC A 2  ? 0.7691 0.7694 0.8379 0.2113  0.1051  0.1507  2  DC A OP1   
20  O OP2   . DC A 2  ? 0.6875 0.8334 0.8354 0.1675  0.0596  0.1565  2  DC A OP2   
21  O "O5'" . DC A 2  ? 0.5352 0.5620 0.6342 0.1514  0.0766  0.1269  2  DC A "O5'" 
22  C "C5'" . DC A 2  ? 0.5185 0.4798 0.5798 0.1531  0.0955  0.1145  2  DC A "C5'" 
23  C "C4'" . DC A 2  ? 0.4576 0.3985 0.5174 0.1160  0.0772  0.0921  2  DC A "C4'" 
24  O "O4'" . DC A 2  ? 0.4394 0.4245 0.5197 0.1040  0.0627  0.0954  2  DC A "O4'" 
25  C "C3'" . DC A 2  ? 0.4291 0.3679 0.5027 0.0940  0.0573  0.0813  2  DC A "C3'" 
26  O "O3'" . DC A 2  ? 0.4640 0.3453 0.5078 0.0875  0.0704  0.0653  2  DC A "O3'" 
27  C "C2'" . DC A 2  ? 0.3995 0.3571 0.4850 0.0697  0.0345  0.0715  2  DC A "C2'" 
28  C "C1'" . DC A 2  ? 0.4132 0.3970 0.5003 0.0766  0.0392  0.0823  2  DC A "C1'" 
29  N N1    . DC A 2  ? 0.3877 0.4209 0.4985 0.0661  0.0254  0.0928  2  DC A N1    
30  C C2    . DC A 2  ? 0.3727 0.4098 0.4747 0.0513  0.0194  0.0901  2  DC A C2    
31  O O2    . DC A 2  ? 0.3930 0.3975 0.4715 0.0511  0.0223  0.0801  2  DC A O2    
32  N N3    . DC A 2  ? 0.3596 0.4317 0.4719 0.0352  0.0125  0.0977  2  DC A N3    
33  C C4    . DC A 2  ? 0.3416 0.4531 0.4764 0.0322  0.0081  0.1072  2  DC A C4    
34  N N4    . DC A 2  ? 0.3379 0.4817 0.4754 0.0079  0.0029  0.1117  2  DC A N4    
35  C C5    . DC A 2  ? 0.3360 0.4506 0.4836 0.0518  0.0109  0.1119  2  DC A C5    
36  C C6    . DC A 2  ? 0.4342 0.5048 0.5671 0.0691  0.0212  0.1048  2  DC A C6    
37  P P     . DG A 3  ? 0.4480 0.3196 0.5001 0.0657  0.0583  0.0509  3  DG A P     
38  O OP1   . DG A 3  ? 0.5046 0.3123 0.5156 0.0654  0.0853  0.0402  3  DG A OP1   
39  O OP2   . DG A 3  ? 0.4386 0.3497 0.5221 0.0696  0.0422  0.0647  3  DG A OP2   
40  O "O5'" . DG A 3  ? 0.4932 0.3777 0.5516 0.0394  0.0388  0.0317  3  DG A "O5'" 
41  C "C5'" . DG A 3  ? 0.5165 0.3726 0.5444 0.0279  0.0485  0.0150  3  DG A "C5'" 
42  C "C4'" . DG A 3  ? 0.4504 0.3385 0.4883 0.0138  0.0245  0.0047  3  DG A "C4'" 
43  O "O4'" . DG A 3  ? 0.4247 0.3361 0.4733 0.0273  0.0155  0.0211  3  DG A "O4'" 
44  C "C3'" . DG A 3  ? 0.4986 0.4185 0.5620 0.0024  0.0037  -0.0031 3  DG A "C3'" 
45  O "O3'" . DG A 3  ? 0.4544 0.3712 0.5066 -0.0202 0.0063  -0.0269 3  DG A "O3'" 
46  C "C2'" . DG A 3  ? 0.3930 0.3426 0.4632 0.0084  -0.0176 0.0026  3  DG A "C2'" 
47  C "C1'" . DG A 3  ? 0.4436 0.3835 0.5062 0.0220  -0.0082 0.0199  3  DG A "C1'" 
48  N N9    . DG A 3  ? 0.3734 0.3313 0.4553 0.0287  -0.0128 0.0379  3  DG A N9    
49  C C8    . DG A 3  ? 0.4135 0.3784 0.5139 0.0301  -0.0116 0.0457  3  DG A C8    
50  N N7    . DG A 3  ? 0.4011 0.3867 0.5115 0.0303  -0.0167 0.0603  3  DG A N7    
51  C C5    . DG A 3  ? 0.3476 0.3348 0.4437 0.0284  -0.0187 0.0618  3  DG A C5    
52  C C6    . DG A 3  ? 0.3477 0.3490 0.4391 0.0207  -0.0203 0.0725  3  DG A C6    
53  O O6    . DG A 3  ? 0.3468 0.3690 0.4484 0.0115  -0.0219 0.0821  3  DG A O6    
54  N N1    . DG A 3  ? 0.3693 0.3564 0.4364 0.0201  -0.0185 0.0696  3  DG A N1    
55  C C2    . DG A 3  ? 0.3863 0.3537 0.4373 0.0277  -0.0182 0.0585  3  DG A C2    
56  N N2    . DG A 3  ? 0.4114 0.3639 0.4342 0.0276  -0.0163 0.0580  3  DG A N2    
57  N N3    . DG A 3  ? 0.3861 0.3469 0.4422 0.0309  -0.0182 0.0471  3  DG A N3    
58  C C4    . DG A 3  ? 0.3672 0.3364 0.4456 0.0305  -0.0169 0.0494  3  DG A C4    
59  P P     . DG A 4  ? 0.4214 0.3546 0.4944 -0.0341 0.0027  -0.0374 4  DG A P     
60  O OP1   . DG A 4  ? 0.4621 0.4013 0.5192 -0.0644 0.0079  -0.0653 4  DG A OP1   
61  O OP2   . DG A 4  ? 0.4184 0.3223 0.4943 -0.0228 0.0165  -0.0231 4  DG A OP2   
62  O "O5'" . DG A 4  ? 0.3797 0.3627 0.4819 -0.0229 -0.0245 -0.0301 4  DG A "O5'" 
63  C "C5'" . DG A 4  ? 0.3815 0.4049 0.4838 -0.0257 -0.0418 -0.0414 4  DG A "C5'" 
64  C "C4'" . DG A 4  ? 0.3551 0.4120 0.4765 -0.0081 -0.0604 -0.0319 4  DG A "C4'" 
65  O "O4'" . DG A 4  ? 0.3657 0.3961 0.4804 0.0098  -0.0613 -0.0092 4  DG A "O4'" 
66  C "C3'" . DG A 4  ? 0.3387 0.4105 0.4844 -0.0130 -0.0587 -0.0356 4  DG A "C3'" 
67  O "O3'" . DG A 4  ? 0.4863 0.6035 0.6422 0.0026  -0.0753 -0.0353 4  DG A "O3'" 
68  C "C2'" . DG A 4  ? 0.3243 0.3565 0.4704 -0.0030 -0.0519 -0.0147 4  DG A "C2'" 
69  C "C1'" . DG A 4  ? 0.3264 0.3517 0.4555 0.0135  -0.0608 0.0003  4  DG A "C1'" 
70  N N9    . DG A 4  ? 0.3463 0.3432 0.4696 0.0162  -0.0538 0.0180  4  DG A N9    
71  C C8    . DG A 4  ? 0.3964 0.3769 0.5233 0.0120  -0.0399 0.0225  4  DG A C8    
72  N N7    . DG A 4  ? 0.3394 0.3167 0.4645 0.0164  -0.0384 0.0392  4  DG A N7    
73  C C5    . DG A 4  ? 0.3398 0.3188 0.4529 0.0181  -0.0491 0.0442  4  DG A C5    
74  C C6    . DG A 4  ? 0.3681 0.3416 0.4675 0.0144  -0.0496 0.0578  4  DG A C6    
75  O O6    . DG A 4  ? 0.4325 0.4166 0.5377 0.0079  -0.0439 0.0683  4  DG A O6    
76  N N1    . DG A 4  ? 0.3426 0.2993 0.4151 0.0183  -0.0556 0.0586  4  DG A N1    
77  C C2    . DG A 4  ? 0.4358 0.3945 0.5019 0.0321  -0.0634 0.0498  4  DG A C2    
78  N N2    . DG A 4  ? 0.3824 0.3174 0.4118 0.0438  -0.0656 0.0555  4  DG A N2    
79  N N3    . DG A 4  ? 0.4254 0.4086 0.5143 0.0342  -0.0667 0.0364  4  DG A N3    
80  C C4    . DG A 4  ? 0.3857 0.3722 0.4949 0.0232  -0.0581 0.0331  4  DG A C4    
81  P P     . DC A 5  ? 0.3951 0.5615 0.5791 -0.0034 -0.0768 -0.0482 5  DC A P     
82  O OP1   . DC A 5  ? 0.3829 0.6091 0.5735 -0.0224 -0.0826 -0.0722 5  DC A OP1   
83  O OP2   . DC A 5  ? 0.3141 0.4435 0.5070 -0.0156 -0.0610 -0.0459 5  DC A OP2   
84  O "O5'" . DC A 5  ? 0.4163 0.5985 0.5975 0.0331  -0.0896 -0.0309 5  DC A "O5'" 
85  C "C5'" . DC A 5  ? 0.4038 0.5969 0.5610 0.0587  -0.1030 -0.0227 5  DC A "C5'" 
86  C "C4'" . DC A 5  ? 0.3510 0.5039 0.4821 0.0894  -0.1023 0.0002  5  DC A "C4'" 
87  O "O4'" . DC A 5  ? 0.3757 0.4621 0.4913 0.0763  -0.0916 0.0120  5  DC A "O4'" 
88  C "C3'" . DC A 5  ? 0.3600 0.5273 0.5043 0.1039  -0.0984 0.0040  5  DC A "C3'" 
89  O "O3'" . DC A 5  ? 0.4473 0.6193 0.5614 0.1458  -0.1035 0.0174  5  DC A "O3'" 
90  C "C2'" . DC A 5  ? 0.3409 0.4403 0.4775 0.0891  -0.0847 0.0150  5  DC A "C2'" 
91  C "C1'" . DC A 5  ? 0.3525 0.4062 0.4610 0.0820  -0.0840 0.0240  5  DC A "C1'" 
92  N N1    . DC A 5  ? 0.3697 0.3869 0.4837 0.0574  -0.0748 0.0281  5  DC A N1    
93  C C2    . DC A 5  ? 0.5015 0.4726 0.5845 0.0552  -0.0701 0.0435  5  DC A C2    
94  O O2    . DC A 5  ? 0.4871 0.4328 0.5317 0.0719  -0.0701 0.0526  5  DC A O2    
95  N N3    . DC A 5  ? 0.3650 0.3217 0.4563 0.0351  -0.0642 0.0480  5  DC A N3    
96  C C4    . DC A 5  ? 0.3649 0.3377 0.4858 0.0242  -0.0607 0.0401  5  DC A C4    
97  N N4    . DC A 5  ? 0.3662 0.3291 0.4911 0.0131  -0.0548 0.0481  5  DC A N4    
98  C C5    . DC A 5  ? 0.3308 0.3320 0.4736 0.0236  -0.0612 0.0235  5  DC A C5    
99  C C6    . DC A 5  ? 0.3370 0.3666 0.4792 0.0370  -0.0694 0.0168  5  DC A C6    
100 P P     . DG A 6  ? 0.4806 0.7054 0.6101 0.1758  -0.1032 0.0187  6  DG A P     
101 O OP1   . DG A 6  ? 0.4936 0.7416 0.5887 0.2245  -0.1124 0.0299  6  DG A OP1   
102 O OP2   . DG A 6  ? 0.4793 0.7754 0.6653 0.1460  -0.1041 -0.0038 6  DG A OP2   
103 O "O5'" . DG A 6  ? 0.5410 0.6851 0.6444 0.1800  -0.0856 0.0349  6  DG A "O5'" 
104 C "C5'" . DG A 6  ? 0.4525 0.5129 0.4916 0.1996  -0.0771 0.0550  6  DG A "C5'" 
105 C "C4'" . DG A 6  ? 0.4595 0.4475 0.4800 0.1816  -0.0607 0.0635  6  DG A "C4'" 
106 O "O4'" . DG A 6  ? 0.5414 0.5114 0.5823 0.1376  -0.0616 0.0571  6  DG A "O4'" 
107 C "C3'" . DG A 6  ? 0.4474 0.4612 0.4976 0.1855  -0.0531 0.0597  6  DG A "C3'" 
108 O "O3'" . DG A 6  ? 0.5051 0.4581 0.4997 0.2164  -0.0372 0.0770  6  DG A "O3'" 
109 C "C2'" . DG A 6  ? 0.4081 0.4014 0.4865 0.1393  -0.0494 0.0517  6  DG A "C2'" 
110 C "C1'" . DG A 6  ? 0.4850 0.4303 0.5357 0.1190  -0.0519 0.0577  6  DG A "C1'" 
111 N N9    . DG A 6  ? 0.4170 0.3703 0.5005 0.0833  -0.0547 0.0492  6  DG A N9    
112 C C8    . DG A 6  ? 0.4052 0.4067 0.5351 0.0679  -0.0581 0.0330  6  DG A C8    
113 N N7    . DG A 6  ? 0.3698 0.3550 0.5078 0.0441  -0.0559 0.0319  6  DG A N7    
114 C C5    . DG A 6  ? 0.4152 0.3544 0.5194 0.0409  -0.0540 0.0475  6  DG A C5    
115 C C6    . DG A 6  ? 0.3405 0.2616 0.4405 0.0214  -0.0523 0.0544  6  DG A C6    
116 O O6    . DG A 6  ? 0.3565 0.2908 0.4785 0.0107  -0.0509 0.0510  6  DG A O6    
117 N N1    . DG A 6  ? 0.4630 0.3479 0.5239 0.0159  -0.0500 0.0668  6  DG A N1    
118 C C2    . DG A 6  ? 0.5037 0.3530 0.5221 0.0293  -0.0455 0.0727  6  DG A C2    
119 N N2    . DG A 6  ? 0.5589 0.3631 0.5302 0.0137  -0.0386 0.0822  6  DG A N2    
120 N N3    . DG A 6  ? 0.5188 0.3774 0.5361 0.0567  -0.0456 0.0696  6  DG A N3    
121 C C4    . DG A 6  ? 0.4027 0.3160 0.4697 0.0604  -0.0520 0.0566  6  DG A C4    
122 P P     . DC A 7  ? 0.5488 0.5198 0.5556 0.2388  -0.0243 0.0789  7  DC A P     
123 O OP1   . DC A 7  ? 0.7204 0.6447 0.6583 0.2925  -0.0103 0.0987  7  DC A OP1   
124 O OP2   . DC A 7  ? 0.5881 0.6672 0.6717 0.2306  -0.0346 0.0599  7  DC A OP2   
125 O "O5'" . DC A 7  ? 0.5425 0.4373 0.5342 0.2006  -0.0109 0.0808  7  DC A "O5'" 
126 C "C5'" . DC A 7  ? 0.5574 0.3574 0.4841 0.1860  -0.0019 0.0926  7  DC A "C5'" 
127 C "C4'" . DC A 7  ? 0.5374 0.3014 0.4708 0.1412  0.0022  0.0893  7  DC A "C4'" 
128 O "O4'" . DC A 7  ? 0.4995 0.3006 0.4769 0.1074  -0.0135 0.0791  7  DC A "O4'" 
129 C "C3'" . DC A 7  ? 0.5148 0.3048 0.4861 0.1390  0.0082  0.0824  7  DC A "C3'" 
130 O "O3'" . DC A 7  ? 0.6494 0.3769 0.5669 0.1609  0.0292  0.0944  7  DC A "O3'" 
131 C "C2'" . DC A 7  ? 0.4806 0.2561 0.4701 0.0928  0.0035  0.0767  7  DC A "C2'" 
132 C "C1'" . DC A 7  ? 0.4657 0.2537 0.4592 0.0769  -0.0107 0.0759  7  DC A "C1'" 
133 N N1    . DC A 7  ? 0.5062 0.3513 0.5574 0.0596  -0.0224 0.0631  7  DC A N1    
134 C C2    . DC A 7  ? 0.3963 0.2354 0.4503 0.0334  -0.0289 0.0645  7  DC A C2    
135 O O2    . DC A 7  ? 0.4497 0.2472 0.4644 0.0196  -0.0269 0.0748  7  DC A O2    
136 N N3    . DC A 7  ? 0.3680 0.2470 0.4636 0.0235  -0.0346 0.0544  7  DC A N3    
137 C C4    . DC A 7  ? 0.3307 0.2507 0.4607 0.0295  -0.0338 0.0405  7  DC A C4    
138 N N4    . DC A 7  ? 0.3582 0.3006 0.5144 0.0157  -0.0342 0.0297  7  DC A N4    
139 C C5    . DC A 7  ? 0.3419 0.2842 0.4772 0.0501  -0.0301 0.0366  7  DC A C5    
140 C C6    . DC A 7  ? 0.3774 0.2826 0.4743 0.0689  -0.0246 0.0496  7  DC A C6    
141 P P     . DC A 8  ? 0.6312 0.3972 0.5785 0.1866  0.0412  0.0912  8  DC A P     
142 O OP1   . DC A 8  ? 0.6742 0.3505 0.5413 0.2138  0.0663  0.1083  8  DC A OP1   
143 O OP2   . DC A 8  ? 0.6114 0.4870 0.6199 0.2115  0.0287  0.0812  8  DC A OP2   
144 O "O5'" . DC A 8  ? 0.5857 0.3598 0.5756 0.1425  0.0397  0.0785  8  DC A "O5'" 
145 C "C5'" . DC A 8  ? 0.6240 0.3147 0.5686 0.1176  0.0516  0.0850  8  DC A "C5'" 
146 C "C4'" . DC A 8  ? 0.5169 0.2260 0.5040 0.0840  0.0487  0.0732  8  DC A "C4'" 
147 O "O4'" . DC A 8  ? 0.4726 0.2173 0.4942 0.0589  0.0300  0.0655  8  DC A "O4'" 
148 C "C3'" . DC A 8  ? 0.4912 0.2621 0.5322 0.0936  0.0561  0.0602  8  DC A "C3'" 
149 O "O3'" . DC A 8  ? 0.5843 0.3092 0.5960 0.1036  0.0777  0.0659  8  DC A "O3'" 
150 C "C2'" . DC A 8  ? 0.4740 0.2642 0.5528 0.0568  0.0482  0.0467  8  DC A "C2'" 
151 C "C1'" . DC A 8  ? 0.5450 0.3146 0.6064 0.0402  0.0315  0.0532  8  DC A "C1'" 
152 N N1    . DC A 8  ? 0.5310 0.3580 0.6356 0.0320  0.0183  0.0418  8  DC A N1    
153 C C2    . DC A 8  ? 0.4096 0.2261 0.5196 0.0079  0.0127  0.0399  8  DC A C2    
154 O O2    . DC A 8  ? 0.3955 0.1664 0.4792 -0.0053 0.0159  0.0476  8  DC A O2    
155 N N3    . DC A 8  ? 0.3736 0.2299 0.5122 0.0024  0.0051  0.0304  8  DC A N3    
156 C C4    . DC A 8  ? 0.3910 0.3004 0.5544 0.0141  0.0003  0.0212  8  DC A C4    
157 N N4    . DC A 8  ? 0.3726 0.3123 0.5559 0.0041  -0.0056 0.0108  8  DC A N4    
158 C C5    . DC A 8  ? 0.3819 0.3152 0.5447 0.0396  0.0019  0.0232  8  DC A C5    
159 C C6    . DC A 8  ? 0.3807 0.2694 0.5132 0.0505  0.0124  0.0345  8  DC A C6    
160 P P     . DG A 9  ? 0.5417 0.3278 0.5992 0.1198  0.0931  0.0549  9  DG A P     
161 O OP1   . DG A 9  ? 0.6293 0.3559 0.6345 0.1497  0.1172  0.0695  9  DG A OP1   
162 O OP2   . DG A 9  ? 0.5557 0.4499 0.6723 0.1337  0.0806  0.0430  9  DG A OP2   
163 O "O5'" . DG A 9  ? 0.5194 0.2933 0.5988 0.0786  0.0969  0.0416  9  DG A "O5'" 
164 C "C5'" . DG A 9  ? 0.5345 0.2206 0.5657 0.0620  0.1086  0.0494  9  DG A "C5'" 
165 C "C4'" . DG A 9  ? 0.5256 0.2043 0.5742 0.0261  0.1061  0.0381  9  DG A "C4'" 
166 O "O4'" . DG A 9  ? 0.5750 0.2700 0.6344 0.0112  0.0842  0.0375  9  DG A "O4'" 
167 C "C3'" . DG A 9  ? 0.5495 0.2864 0.6499 0.0178  0.1186  0.0180  9  DG A "C3'" 
168 O "O3'" . DG A 9  ? 0.5914 0.2881 0.6733 0.0163  0.1421  0.0176  9  DG A "O3'" 
169 C "C2'" . DG A 9  ? 0.5232 0.2548 0.6332 -0.0122 0.1094  0.0090  9  DG A "C2'" 
170 C "C1'" . DG A 9  ? 0.5322 0.2578 0.6270 -0.0079 0.0851  0.0218  9  DG A "C1'" 
171 N N9    . DG A 9  ? 0.5561 0.3499 0.6898 -0.0042 0.0718  0.0129  9  DG A N9    
172 C C8    . DG A 9  ? 0.4507 0.3132 0.6156 0.0153  0.0697  0.0068  9  DG A C8    
173 N N7    . DG A 9  ? 0.4240 0.3355 0.6145 0.0108  0.0557  -0.0014 9  DG A N7    
174 C C5    . DG A 9  ? 0.4141 0.2829 0.5888 -0.0103 0.0507  0.0004  9  DG A C5    
175 C C6    . DG A 9  ? 0.3888 0.2741 0.5736 -0.0214 0.0404  -0.0053 9  DG A C6    
176 O O6    . DG A 9  ? 0.3994 0.3379 0.6079 -0.0196 0.0319  -0.0143 9  DG A O6    
177 N N1    . DG A 9  ? 0.3635 0.1962 0.5233 -0.0330 0.0411  0.0022  9  DG A N1    
178 C C2    . DG A 9  ? 0.4867 0.2638 0.6163 -0.0361 0.0480  0.0126  9  DG A C2    
179 N N2    . DG A 9  ? 0.4464 0.1904 0.5542 -0.0415 0.0457  0.0207  9  DG A N2    
180 N N3    . DG A 9  ? 0.4478 0.2048 0.5658 -0.0315 0.0573  0.0157  9  DG A N3    
181 C C4    . DG A 9  ? 0.4255 0.2278 0.5672 -0.0179 0.0595  0.0096  9  DG A C4    
182 P P     . DA A 10 ? 0.6022 0.3600 0.7302 0.0141  0.1651  -0.0015 10 DA A P     
183 O OP1   . DA A 10 ? 0.6903 0.3847 0.7793 0.0242  0.1882  0.0078  10 DA A OP1   
184 O OP2   . DA A 10 ? 0.5598 0.4278 0.7428 0.0314  0.1583  -0.0112 10 DA A OP2   
185 O "O5'" . DA A 10 ? 0.5583 0.3089 0.6993 -0.0265 0.1694  -0.0202 10 DA A "O5'" 
186 C "C5'" . DA A 10 ? 0.7115 0.3760 0.8050 -0.0440 0.1703  -0.0134 10 DA A "C5'" 
187 C "C4'" . DA A 10 ? 0.6295 0.3088 0.7255 -0.0690 0.1699  -0.0292 10 DA A "C4'" 
188 O "O4'" . DA A 10 ? 0.6453 0.3540 0.7739 -0.0764 0.1599  -0.0362 10 DA A "O4'" 
189 C "C3'" . DA A 10 ? 0.6342 0.3280 0.7607 -0.0938 0.2052  -0.0547 10 DA A "C3'" 
190 O "O3'" . DA A 10 ? 0.7481 0.4095 0.8333 -0.0910 0.2153  -0.0504 10 DA A "O3'" 
191 C "C2'" . DA A 10 ? 0.6521 0.3595 0.7712 -0.1133 0.1992  -0.0672 10 DA A "C2'" 
192 C "C1'" . DA A 10 ? 0.5494 0.2706 0.6804 -0.1013 0.1721  -0.0561 10 DA A "C1'" 
193 N N9    . DA A 10 ? 0.6064 0.4052 0.7873 -0.1127 0.1694  -0.0742 10 DA A N9    
194 C C8    . DA A 10 ? 0.5245 0.4171 0.7531 -0.1054 0.1684  -0.0839 10 DA A C8    
195 N N7    . DA A 10 ? 0.5798 0.5439 0.8399 -0.1178 0.1596  -0.0996 10 DA A N7    
196 C C5    . DA A 10 ? 0.4826 0.3861 0.7104 -0.1341 0.1576  -0.1000 10 DA A C5    
197 C C6    . DA A 10 ? 0.4462 0.3689 0.6763 -0.1522 0.1522  -0.1127 10 DA A C6    
198 N N6    . DA A 10 ? 0.5342 0.5513 0.8038 -0.1625 0.1441  -0.1298 10 DA A N6    
199 N N1    . DA A 10 ? 0.5356 0.3780 0.7216 -0.1575 0.1561  -0.1065 10 DA A N1    
200 C C2    . DA A 10 ? 0.5790 0.3485 0.7202 -0.1391 0.1570  -0.0859 10 DA A C2    
201 N N3    . DA A 10 ? 0.4926 0.2431 0.6259 -0.1250 0.1580  -0.0738 10 DA A N3    
202 C C4    . DA A 10 ? 0.5516 0.3576 0.7322 -0.1282 0.1638  -0.0837 10 DA A C4    
203 O "O5'" . DT B 1  ? 1.2387 0.8240 1.1553 -0.2392 0.2881  -0.0698 1  DT B "O5'" 
204 C "C5'" . DT B 1  ? 1.0766 0.7455 1.0388 -0.2513 0.2529  -0.0914 1  DT B "C5'" 
205 C "C4'" . DT B 1  ? 0.9406 0.6960 0.9535 -0.2088 0.2065  -0.0789 1  DT B "C4'" 
206 O "O4'" . DT B 1  ? 0.8482 0.6903 0.8917 -0.2289 0.1936  -0.0925 1  DT B "O4'" 
207 C "C3'" . DT B 1  ? 0.8939 0.6938 0.9371 -0.1904 0.1727  -0.0843 1  DT B "C3'" 
208 O "O3'" . DT B 1  ? 0.8664 0.6192 0.8977 -0.1483 0.1683  -0.0604 1  DT B "O3'" 
209 C "C2'" . DT B 1  ? 0.8113 0.7070 0.8960 -0.1748 0.1378  -0.0860 1  DT B "C2'" 
210 C "C1'" . DT B 1  ? 0.8012 0.7096 0.8805 -0.1907 0.1537  -0.0849 1  DT B "C1'" 
211 N N1    . DT B 1  ? 0.7848 0.7904 0.8924 -0.2066 0.1397  -0.1017 1  DT B N1    
212 C C2    . DT B 1  ? 0.6722 0.7199 0.7922 -0.1798 0.1246  -0.0898 1  DT B C2    
213 O O2    . DT B 1  ? 0.6126 0.6208 0.7224 -0.1487 0.1212  -0.0685 1  DT B O2    
214 N N3    . DT B 1  ? 0.7380 0.8810 0.8796 -0.1888 0.1148  -0.1035 1  DT B N3    
215 C C4    . DT B 1  ? 0.8604 1.0738 1.0158 -0.2238 0.1170  -0.1287 1  DT B C4    
216 O O4    . DT B 1  ? 0.8702 1.1850 1.0443 -0.2239 0.1079  -0.1375 1  DT B O4    
217 C C5    . DT B 1  ? 0.9002 1.0654 1.0426 -0.2577 0.1319  -0.1437 1  DT B C5    
218 C C7    . DT B 1  ? 0.9203 1.1618 1.0735 -0.3018 0.1347  -0.1748 1  DT B C7    
219 C C6    . DT B 1  ? 0.8849 0.9426 1.0020 -0.2464 0.1435  -0.1290 1  DT B C6    
220 P P     . DC B 2  ? 0.9040 0.6870 0.9599 -0.1252 0.1381  -0.0601 2  DC B P     
221 O OP1   . DC B 2  ? 0.9907 0.6990 1.0130 -0.1120 0.1593  -0.0484 2  DC B OP1   
222 O OP2   . DC B 2  ? 0.9012 0.7539 0.9862 -0.1466 0.1184  -0.0849 2  DC B OP2   
223 O "O5'" . DC B 2  ? 0.6512 0.4742 0.7293 -0.0869 0.1088  -0.0409 2  DC B "O5'" 
224 C "C5'" . DC B 2  ? 0.6040 0.3982 0.6650 -0.0584 0.1159  -0.0162 2  DC B "C5'" 
225 C "C4'" . DC B 2  ? 0.4673 0.3091 0.5498 -0.0328 0.0839  -0.0067 2  DC B "C4'" 
226 O "O4'" . DC B 2  ? 0.4228 0.3095 0.5222 -0.0421 0.0678  -0.0186 2  DC B "O4'" 
227 C "C3'" . DC B 2  ? 0.4218 0.2814 0.5197 -0.0248 0.0643  -0.0090 2  DC B "C3'" 
228 O "O3'" . DC B 2  ? 0.4387 0.2802 0.5240 -0.0007 0.0703  0.0113  2  DC B "O3'" 
229 C "C2'" . DC B 2  ? 0.3798 0.2846 0.4943 -0.0197 0.0364  -0.0131 2  DC B "C2'" 
230 C "C1'" . DC B 2  ? 0.3987 0.3174 0.5118 -0.0290 0.0405  -0.0198 2  DC B "C1'" 
231 N N1    . DC B 2  ? 0.3633 0.3172 0.4883 -0.0398 0.0310  -0.0379 2  DC B N1    
232 C C2    . DC B 2  ? 0.3504 0.3323 0.4736 -0.0296 0.0188  -0.0392 2  DC B C2    
233 O O2    . DC B 2  ? 0.3548 0.3280 0.4675 -0.0175 0.0146  -0.0281 2  DC B O2    
234 N N3    . DC B 2  ? 0.3389 0.3591 0.4671 -0.0298 0.0131  -0.0522 2  DC B N3    
235 C C4    . DC B 2  ? 0.3350 0.3751 0.4743 -0.0431 0.0165  -0.0652 2  DC B C4    
236 N N4    . DC B 2  ? 0.3785 0.4713 0.5214 -0.0372 0.0108  -0.0760 2  DC B N4    
237 C C5    . DC B 2  ? 0.3720 0.3812 0.5143 -0.0604 0.0278  -0.0674 2  DC B C5    
238 C C6    . DC B 2  ? 0.3909 0.3528 0.5238 -0.0561 0.0360  -0.0525 2  DC B C6    
239 P P     . DG B 3  ? 0.4236 0.2801 0.5202 0.0100  0.0568  0.0148  3  DG B P     
240 O OP1   . DG B 3  ? 0.4596 0.2852 0.5313 0.0352  0.0784  0.0362  3  DG B OP1   
241 O OP2   . DG B 3  ? 0.4423 0.3012 0.5519 -0.0097 0.0502  -0.0059 3  DG B OP2   
242 O "O5'" . DG B 3  ? 0.4314 0.3388 0.5430 0.0175  0.0299  0.0192  3  DG B "O5'" 
243 C "C5'" . DG B 3  ? 0.3913 0.3172 0.4935 0.0338  0.0298  0.0351  3  DG B "C5'" 
244 C "C4'" . DG B 3  ? 0.3644 0.3313 0.4753 0.0261  0.0049  0.0287  3  DG B "C4'" 
245 O "O4'" . DG B 3  ? 0.3565 0.3131 0.4670 0.0119  0.0004  0.0131  3  DG B "O4'" 
246 C "C3'" . DG B 3  ? 0.4108 0.3980 0.5327 0.0163  -0.0107 0.0219  3  DG B "C3'" 
247 O "O3'" . DG B 3  ? 0.4110 0.4406 0.5339 0.0272  -0.0148 0.0368  3  DG B "O3'" 
248 C "C2'" . DG B 3  ? 0.3353 0.3239 0.4516 -0.0002 -0.0257 0.0061  3  DG B "C2'" 
249 C "C1'" . DG B 3  ? 0.4096 0.3769 0.5212 0.0012  -0.0171 0.0006  3  DG B "C1'" 
250 N N9    . DG B 3  ? 0.3572 0.3099 0.4736 -0.0058 -0.0150 -0.0135 3  DG B N9    
251 C C8    . DG B 3  ? 0.3271 0.2714 0.4540 -0.0092 -0.0094 -0.0184 3  DG B C8    
252 N N7    . DG B 3  ? 0.3216 0.2700 0.4507 -0.0141 -0.0092 -0.0322 3  DG B N7    
253 C C5    . DG B 3  ? 0.3245 0.2818 0.4428 -0.0103 -0.0139 -0.0345 3  DG B C5    
254 C C6    . DG B 3  ? 0.3243 0.2992 0.4370 -0.0060 -0.0148 -0.0447 3  DG B C6    
255 O O6    . DG B 3  ? 0.3185 0.3145 0.4379 -0.0063 -0.0129 -0.0549 3  DG B O6    
256 N N1    . DG B 3  ? 0.3351 0.3096 0.4306 0.0022  -0.0177 -0.0416 3  DG B N1    
257 C C2    . DG B 3  ? 0.3440 0.3052 0.4297 0.0019  -0.0208 -0.0325 3  DG B C2    
258 N N2    . DG B 3  ? 0.3589 0.3187 0.4238 0.0100  -0.0227 -0.0322 3  DG B N2    
259 N N3    . DG B 3  ? 0.3419 0.2985 0.4353 -0.0028 -0.0216 -0.0237 3  DG B N3    
260 C C4    . DG B 3  ? 0.3323 0.2865 0.4418 -0.0070 -0.0172 -0.0241 3  DG B C4    
261 P P     . DG B 4  ? 0.4014 0.4535 0.5360 0.0265  -0.0187 0.0403  4  DG B P     
262 O OP1   . DG B 4  ? 0.3500 0.4698 0.4853 0.0380  -0.0237 0.0563  4  DG B OP1   
263 O OP2   . DG B 4  ? 0.3783 0.3877 0.5137 0.0352  -0.0035 0.0412  4  DG B OP2   
264 O "O5'" . DG B 4  ? 0.3238 0.3710 0.4602 -0.0023 -0.0340 0.0201  4  DG B "O5'" 
265 C "C5'" . DG B 4  ? 0.3292 0.4091 0.4572 -0.0213 -0.0469 0.0142  4  DG B "C5'" 
266 C "C4'" . DG B 4  ? 0.3560 0.4092 0.4734 -0.0463 -0.0523 -0.0029 4  DG B "C4'" 
267 O "O4'" . DG B 4  ? 0.4231 0.4213 0.5296 -0.0419 -0.0481 -0.0138 4  DG B "O4'" 
268 C "C3'" . DG B 4  ? 0.3272 0.3876 0.4569 -0.0498 -0.0503 -0.0005 4  DG B "C3'" 
269 O "O3'" . DG B 4  ? 0.5170 0.5694 0.6279 -0.0795 -0.0542 -0.0134 4  DG B "O3'" 
270 C "C2'" . DG B 4  ? 0.3181 0.3283 0.4509 -0.0354 -0.0427 -0.0050 4  DG B "C2'" 
271 C "C1'" . DG B 4  ? 0.3305 0.3060 0.4417 -0.0404 -0.0444 -0.0180 4  DG B "C1'" 
272 N N9    . DG B 4  ? 0.3883 0.3395 0.5030 -0.0260 -0.0384 -0.0227 4  DG B N9    
273 C C8    . DG B 4  ? 0.4022 0.3562 0.5334 -0.0150 -0.0303 -0.0174 4  DG B C8    
274 N N7    . DG B 4  ? 0.4012 0.3430 0.5316 -0.0123 -0.0261 -0.0272 4  DG B N7    
275 C C5    . DG B 4  ? 0.3504 0.2823 0.4618 -0.0124 -0.0318 -0.0360 4  DG B C5    
276 C C6    . DG B 4  ? 0.4029 0.3329 0.5035 -0.0029 -0.0301 -0.0457 4  DG B C6    
277 O O6    . DG B 4  ? 0.4186 0.3679 0.5308 -0.0002 -0.0256 -0.0515 4  DG B O6    
278 N N1    . DG B 4  ? 0.4183 0.3240 0.4859 0.0028  -0.0315 -0.0489 4  DG B N1    
279 C C2    . DG B 4  ? 0.4729 0.3536 0.5194 -0.0101 -0.0336 -0.0473 4  DG B C2    
280 N N2    . DG B 4  ? 0.4257 0.2650 0.4267 -0.0054 -0.0281 -0.0525 4  DG B N2    
281 N N3    . DG B 4  ? 0.4777 0.3755 0.5415 -0.0267 -0.0380 -0.0411 4  DG B N3    
282 C C4    . DG B 4  ? 0.3456 0.2713 0.4424 -0.0219 -0.0374 -0.0339 4  DG B C4    
283 P P     . DC B 5  ? 0.4350 0.5228 0.5536 -0.0990 -0.0544 -0.0117 5  DC B P     
284 O OP1   . DC B 5  ? 0.4954 0.6629 0.6191 -0.1164 -0.0620 -0.0077 5  DC B OP1   
285 O OP2   . DC B 5  ? 0.3757 0.4589 0.5157 -0.0753 -0.0484 -0.0012 5  DC B OP2   
286 O "O5'" . DC B 5  ? 0.4248 0.4474 0.5061 -0.1261 -0.0489 -0.0302 5  DC B "O5'" 
287 C "C5'" . DC B 5  ? 0.4285 0.4163 0.4705 -0.1476 -0.0483 -0.0447 5  DC B "C5'" 
288 C "C4'" . DC B 5  ? 0.4793 0.3776 0.4786 -0.1470 -0.0356 -0.0557 5  DC B "C4'" 
289 O "O4'" . DC B 5  ? 0.4645 0.3398 0.4756 -0.1071 -0.0347 -0.0503 5  DC B "O4'" 
290 C "C3'" . DC B 5  ? 0.4884 0.3644 0.4778 -0.1608 -0.0253 -0.0573 5  DC B "C3'" 
291 O "O3'" . DC B 5  ? 0.5624 0.3625 0.4881 -0.1868 -0.0098 -0.0718 5  DC B "O3'" 
292 C "C2'" . DC B 5  ? 0.4567 0.3134 0.4652 -0.1197 -0.0228 -0.0490 5  DC B "C2'" 
293 C "C1'" . DC B 5  ? 0.4481 0.2871 0.4511 -0.0938 -0.0257 -0.0504 5  DC B "C1'" 
294 N N1    . DC B 5  ? 0.4189 0.2801 0.4580 -0.0612 -0.0296 -0.0433 5  DC B N1    
295 C C2    . DC B 5  ? 0.5464 0.3791 0.5690 -0.0360 -0.0249 -0.0475 5  DC B C2    
296 O O2    . DC B 5  ? 0.5189 0.3020 0.4939 -0.0326 -0.0159 -0.0534 5  DC B O2    
297 N N3    . DC B 5  ? 0.4602 0.3211 0.5138 -0.0165 -0.0278 -0.0456 5  DC B N3    
298 C C4    . DC B 5  ? 0.3947 0.2898 0.4852 -0.0195 -0.0316 -0.0389 5  DC B C4    
299 N N4    . DC B 5  ? 0.3693 0.2790 0.4792 -0.0075 -0.0299 -0.0408 5  DC B N4    
300 C C5    . DC B 5  ? 0.4289 0.3468 0.5323 -0.0349 -0.0347 -0.0305 5  DC B C5    
301 C C6    . DC B 5  ? 0.3897 0.3000 0.4710 -0.0564 -0.0355 -0.0333 5  DC B C6    
302 P P     . DG B 6  ? 0.7101 0.4865 0.6092 -0.2253 0.0053  -0.0783 6  DG B P     
303 O OP1   . DG B 6  ? 0.8080 0.5130 0.6342 -0.2664 0.0218  -0.0969 6  DG B OP1   
304 O OP2   . DG B 6  ? 0.7204 0.5964 0.6782 -0.2361 -0.0068 -0.0683 6  DG B OP2   
305 O "O5'" . DG B 6  ? 0.7319 0.4465 0.6178 -0.1870 0.0185  -0.0713 6  DG B "O5'" 
306 C "C5'" . DG B 6  ? 0.7540 0.3786 0.5823 -0.1601 0.0341  -0.0749 6  DG B "C5'" 
307 C "C4'" . DG B 6  ? 0.6700 0.2788 0.5062 -0.1156 0.0397  -0.0649 6  DG B "C4'" 
308 O "O4'" . DG B 6  ? 0.6970 0.3733 0.5942 -0.0827 0.0199  -0.0569 6  DG B "O4'" 
309 C "C3'" . DG B 6  ? 0.6481 0.2679 0.4986 -0.1302 0.0460  -0.0604 6  DG B "C3'" 
310 O "O3'" . DG B 6  ? 0.7229 0.2513 0.5074 -0.1174 0.0726  -0.0610 6  DG B "O3'" 
311 C "C2'" . DG B 6  ? 0.5902 0.2825 0.5098 -0.0966 0.0280  -0.0490 6  DG B "C2'" 
312 C "C1'" . DG B 6  ? 0.6226 0.3176 0.5466 -0.0617 0.0198  -0.0496 6  DG B "C1'" 
313 N N9    . DG B 6  ? 0.4987 0.2637 0.4842 -0.0460 0.0017  -0.0442 6  DG B N9    
314 C C8    . DG B 6  ? 0.5097 0.3351 0.5418 -0.0607 -0.0100 -0.0381 6  DG B C8    
315 N N7    . DG B 6  ? 0.5471 0.4057 0.6137 -0.0402 -0.0183 -0.0343 6  DG B N7    
316 C C5    . DG B 6  ? 0.4204 0.2535 0.4690 -0.0161 -0.0149 -0.0406 6  DG B C5    
317 C C6    . DG B 6  ? 0.3605 0.2172 0.4289 0.0042  -0.0189 -0.0435 6  DG B C6    
318 O O6    . DG B 6  ? 0.3756 0.2630 0.4759 0.0032  -0.0234 -0.0416 6  DG B O6    
319 N N1    . DG B 6  ? 0.4351 0.2758 0.4758 0.0268  -0.0138 -0.0494 6  DG B N1    
320 C C2    . DG B 6  ? 0.4898 0.2811 0.4805 0.0366  -0.0024 -0.0494 6  DG B C2    
321 N N2    . DG B 6  ? 0.5297 0.3176 0.4930 0.0696  0.0039  -0.0515 6  DG B N2    
322 N N3    . DG B 6  ? 0.6315 0.3802 0.5953 0.0152  0.0055  -0.0477 6  DG B N3    
323 C C4    . DG B 6  ? 0.4525 0.2320 0.4516 -0.0139 -0.0030 -0.0446 6  DG B C4    
324 P P     . DC B 7  ? 0.8071 0.3129 0.5784 -0.1359 0.0899  -0.0578 7  DC B P     
325 O OP1   . DC B 7  ? 0.9441 0.3527 0.6285 -0.1384 0.1211  -0.0611 7  DC B OP1   
326 O OP2   . DC B 7  ? 0.8940 0.4842 0.7203 -0.1798 0.0758  -0.0580 7  DC B OP2   
327 O "O5'" . DC B 7  ? 0.7645 0.2986 0.5706 -0.0803 0.0830  -0.0452 7  DC B "O5'" 
328 C "C5'" . DC B 7  ? 0.7237 0.2166 0.4949 -0.0278 0.0914  -0.0419 7  DC B "C5'" 
329 C "C4'" . DC B 7  ? 0.6672 0.2246 0.4912 0.0121  0.0761  -0.0346 7  DC B "C4'" 
330 O "O4'" . DC B 7  ? 0.6251 0.2586 0.5105 0.0127  0.0501  -0.0369 7  DC B "O4'" 
331 C "C3'" . DC B 7  ? 0.6256 0.2150 0.4852 -0.0007 0.0740  -0.0289 7  DC B "C3'" 
332 O "O3'" . DC B 7  ? 0.7644 0.2897 0.5717 0.0158  0.0991  -0.0238 7  DC B "O3'" 
333 C "C2'" . DC B 7  ? 0.5473 0.2115 0.4668 0.0288  0.0524  -0.0270 7  DC B "C2'" 
334 C "C1'" . DC B 7  ? 0.5221 0.2101 0.4545 0.0326  0.0388  -0.0332 7  DC B "C1'" 
335 N N1    . DC B 7  ? 0.5264 0.2768 0.5169 0.0137  0.0198  -0.0333 7  DC B N1    
336 C C2    . DC B 7  ? 0.4743 0.2671 0.4961 0.0308  0.0069  -0.0370 7  DC B C2    
337 O O2    . DC B 7  ? 0.4780 0.2711 0.4842 0.0591  0.0088  -0.0415 7  DC B O2    
338 N N3    . DC B 7  ? 0.4130 0.2478 0.4769 0.0162  -0.0045 -0.0350 7  DC B N3    
339 C C4    . DC B 7  ? 0.3715 0.2210 0.4501 -0.0072 -0.0060 -0.0278 7  DC B C4    
340 N N4    . DC B 7  ? 0.3571 0.2467 0.4692 -0.0109 -0.0138 -0.0223 7  DC B N4    
341 C C5    . DC B 7  ? 0.4281 0.2543 0.4830 -0.0282 0.0032  -0.0256 7  DC B C5    
342 C C6    . DC B 7  ? 0.4535 0.2236 0.4632 -0.0201 0.0171  -0.0293 7  DC B C6    
343 P P     . DC B 8  ? 0.7450 0.2615 0.5534 -0.0165 0.1118  -0.0192 8  DC B P     
344 O OP1   . DC B 8  ? 0.7934 0.2202 0.5270 0.0121  0.1433  -0.0138 8  DC B OP1   
345 O OP2   . DC B 8  ? 0.8006 0.3323 0.6185 -0.0783 0.1101  -0.0259 8  DC B OP2   
346 O "O5'" . DC B 8  ? 0.6799 0.2844 0.5625 0.0005  0.0899  -0.0125 8  DC B "O5'" 
347 C "C5'" . DC B 8  ? 0.6169 0.2209 0.4954 0.0471  0.0931  -0.0071 8  DC B "C5'" 
348 C "C4'" . DC B 8  ? 0.5468 0.2262 0.4896 0.0539  0.0741  -0.0037 8  DC B "C4'" 
349 O "O4'" . DC B 8  ? 0.4878 0.2205 0.4749 0.0502  0.0518  -0.0094 8  DC B "O4'" 
350 C "C3'" . DC B 8  ? 0.5345 0.2408 0.5038 0.0219  0.0758  0.0039  8  DC B "C3'" 
351 O "O3'" . DC B 8  ? 0.6110 0.2857 0.5545 0.0352  0.0940  0.0113  8  DC B "O3'" 
352 C "C2'" . DC B 8  ? 0.4646 0.2429 0.4932 0.0315  0.0543  0.0059  8  DC B "C2'" 
353 C "C1'" . DC B 8  ? 0.4664 0.2508 0.4999 0.0474  0.0412  -0.0044 8  DC B "C1'" 
354 N N1    . DC B 8  ? 0.4334 0.2560 0.4995 0.0267  0.0273  -0.0054 8  DC B N1    
355 C C2    . DC B 8  ? 0.3687 0.2249 0.4653 0.0406  0.0156  -0.0078 8  DC B C2    
356 O O2    . DC B 8  ? 0.3660 0.2246 0.4642 0.0636  0.0156  -0.0115 8  DC B O2    
357 N N3    . DC B 8  ? 0.3474 0.2303 0.4658 0.0269  0.0070  -0.0064 8  DC B N3    
358 C C4    . DC B 8  ? 0.3684 0.2571 0.4833 0.0006  0.0063  -0.0039 8  DC B C4    
359 N N4    . DC B 8  ? 0.3378 0.2577 0.4722 -0.0073 -0.0019 -0.0013 8  DC B N4    
360 C C5    . DC B 8  ? 0.4650 0.3230 0.5491 -0.0202 0.0167  -0.0053 8  DC B C5    
361 C C6    . DC B 8  ? 0.4252 0.2445 0.4833 -0.0062 0.0289  -0.0055 8  DC B C6    
362 P P     . DG B 9  ? 0.6265 0.3207 0.5831 0.0015  0.1043  0.0207  9  DG B P     
363 O OP1   . DG B 9  ? 0.7208 0.3482 0.6252 0.0148  0.1316  0.0261  9  DG B OP1   
364 O OP2   . DG B 9  ? 0.6221 0.3445 0.5918 -0.0503 0.1006  0.0169  9  DG B OP2   
365 O "O5'" . DG B 9  ? 0.5742 0.3397 0.5865 0.0241  0.0872  0.0282  9  DG B "O5'" 
366 C "C5'" . DG B 9  ? 0.5303 0.2870 0.5371 0.0663  0.0890  0.0307  9  DG B "C5'" 
367 C "C4'" . DG B 9  ? 0.5785 0.3939 0.6317 0.0817  0.0726  0.0336  9  DG B "C4'" 
368 O "O4'" . DG B 9  ? 0.6200 0.4555 0.6929 0.0811  0.0555  0.0241  9  DG B "O4'" 
369 C "C3'" . DG B 9  ? 0.5377 0.4039 0.6223 0.0611  0.0732  0.0473  9  DG B "C3'" 
370 O "O3'" . DG B 9  ? 0.5654 0.4294 0.6438 0.0770  0.0856  0.0577  9  DG B "O3'" 
371 C "C2'" . DG B 9  ? 0.5039 0.4114 0.6218 0.0751  0.0571  0.0474  9  DG B "C2'" 
372 C "C1'" . DG B 9  ? 0.4869 0.3699 0.5960 0.0762  0.0470  0.0313  9  DG B "C1'" 
373 N N9    . DG B 9  ? 0.4310 0.3338 0.5526 0.0492  0.0395  0.0303  9  DG B N9    
374 C C8    . DG B 9  ? 0.4550 0.3615 0.5691 0.0142  0.0441  0.0318  9  DG B C8    
375 N N7    . DG B 9  ? 0.4130 0.3439 0.5400 -0.0028 0.0343  0.0290  9  DG B N7    
376 C C5    . DG B 9  ? 0.4405 0.3786 0.5836 0.0237  0.0246  0.0273  9  DG B C5    
377 C C6    . DG B 9  ? 0.3345 0.2922 0.4923 0.0230  0.0149  0.0257  9  DG B C6    
378 O O6    . DG B 9  ? 0.3968 0.3766 0.5596 0.0020  0.0099  0.0262  9  DG B O6    
379 N N1    . DG B 9  ? 0.3228 0.2692 0.4847 0.0478  0.0133  0.0223  9  DG B N1    
380 C C2    . DG B 9  ? 0.3571 0.2831 0.5111 0.0687  0.0178  0.0182  9  DG B C2    
381 N N2    . DG B 9  ? 0.3891 0.3040 0.5421 0.0818  0.0177  0.0106  9  DG B N2    
382 N N3    . DG B 9  ? 0.3696 0.2858 0.5133 0.0743  0.0241  0.0206  9  DG B N3    
383 C C4    . DG B 9  ? 0.3749 0.2948 0.5135 0.0520  0.0281  0.0262  9  DG B C4    
384 P P     . DA B 10 ? 0.5264 0.4420 0.6257 0.0564  0.0946  0.0749  10 DA B P     
385 O OP1   . DA B 10 ? 0.7022 0.5849 0.7773 0.0751  0.1114  0.0811  10 DA B OP1   
386 O OP2   . DA B 10 ? 0.5587 0.5064 0.6652 0.0069  0.0964  0.0751  10 DA B OP2   
387 O "O5'" . DA B 10 ? 0.4471 0.4211 0.5830 0.0811  0.0819  0.0842  10 DA B "O5'" 
388 C "C5'" . DA B 10 ? 0.5581 0.5108 0.6896 0.1203  0.0773  0.0800  10 DA B "C5'" 
389 C "C4'" . DA B 10 ? 0.4543 0.4466 0.6071 0.1381  0.0721  0.0897  10 DA B "C4'" 
390 O "O4'" . DA B 10 ? 0.4485 0.4549 0.6129 0.1225  0.0618  0.0850  10 DA B "O4'" 
391 C "C3'" . DA B 10 ? 0.4295 0.4857 0.6008 0.1396  0.0801  0.1132  10 DA B "C3'" 
392 O "O3'" . DA B 10 ? 0.5793 0.6276 0.7411 0.1671  0.0906  0.1221  10 DA B "O3'" 
393 C "C2'" . DA B 10 ? 0.4243 0.5081 0.6061 0.1578  0.0754  0.1212  10 DA B "C2'" 
394 C "C1'" . DA B 10 ? 0.3991 0.4533 0.5789 0.1373  0.0635  0.1024  10 DA B "C1'" 
395 N N9    . DA B 10 ? 0.4723 0.5810 0.6708 0.1102  0.0578  0.1083  10 DA B N9    
396 C C8    . DA B 10 ? 0.4194 0.5714 0.6279 0.0733  0.0592  0.1111  10 DA B C8    
397 N N7    . DA B 10 ? 0.4955 0.7038 0.7194 0.0528  0.0522  0.1143  10 DA B N7    
398 C C5    . DA B 10 ? 0.4188 0.6151 0.6421 0.0838  0.0475  0.1169  10 DA B C5    
399 C C6    . DA B 10 ? 0.3240 0.5587 0.5557 0.0867  0.0412  0.1225  10 DA B C6    
400 N N6    . DA B 10 ? 0.4430 0.7496 0.6903 0.0559  0.0349  0.1248  10 DA B N6    
401 N N1    . DA B 10 ? 0.3292 0.5237 0.5478 0.1203  0.0437  0.1243  10 DA B N1    
402 C C2    . DA B 10 ? 0.4069 0.5320 0.6060 0.1432  0.0508  0.1177  10 DA B C2    
403 N N3    . DA B 10 ? 0.3462 0.4408 0.5389 0.1434  0.0540  0.1108  10 DA B N3    
404 C C4    . DA B 10 ? 0.4044 0.5361 0.6102 0.1159  0.0522  0.1125  10 DA B C4    
# 
